data_8BHA
#
_entry.id   8BHA
#
_cell.length_a   1.00
_cell.length_b   1.00
_cell.length_c   1.00
_cell.angle_alpha   90.00
_cell.angle_beta   90.00
_cell.angle_gamma   90.00
#
_symmetry.space_group_name_H-M   'P 1'
#
loop_
_entity.id
_entity.type
_entity.pdbx_description
1 polymer 'Gamma-aminobutyric acid receptor subunit alpha-5'
2 non-polymer 2-acetamido-2-deoxy-beta-D-glucopyranose
3 non-polymer Basmisanil
#
_entity_poly.entity_id   1
_entity_poly.type   'polypeptide(L)'
_entity_poly.pdbx_seq_one_letter_code
;QMPTSSVKDETNDNITIFTRILDGLLDGYDNRLRPGLGERITQVRTDMYVNSFGPVSDTEMEYTIDIFFAQTWKDERLRF
KGPMQRLPLNNLLASKIWTPDTFFHNGKKSFAHWMTTPNRMLRIWNDGRVLYTLRLTISAECPMDLEDFPMDEQNCPLKF
GSYAYPNSEVVYVWTNGSTKSVVVAEDGSRLNQYHLMGQTVGTENISTSTGEYTIMTAHFHLKRKIGYFVIQTYLPCIMT
VILSQVSFWLNRESVAARTVFGVTTVLTMTTLSISARNSLPKVAYATAMDWFIAVCYAFVFSALLEFAFVNYITKSQPAR
AAKIDKMSRIVFPILFGTFNLVYWATYLNGTTETSQVAPA
;
_entity_poly.pdbx_strand_id   A,B,C,D,E
#
# COMPACT_ATOMS: atom_id res chain seq x y z
N ASN A 14 -27.51 33.54 34.57
CA ASN A 14 -28.41 33.51 33.42
C ASN A 14 -28.13 32.29 32.55
N ILE A 15 -26.91 31.74 32.67
CA ILE A 15 -26.54 30.55 31.92
C ILE A 15 -26.89 29.26 32.64
N THR A 16 -27.06 29.31 33.97
CA THR A 16 -27.40 28.10 34.71
C THR A 16 -28.75 27.55 34.31
N ILE A 17 -29.62 28.36 33.73
CA ILE A 17 -30.93 27.88 33.31
C ILE A 17 -30.78 26.78 32.28
N PHE A 18 -29.85 26.94 31.34
CA PHE A 18 -29.62 25.91 30.33
C PHE A 18 -29.17 24.61 30.97
N THR A 19 -28.31 24.69 31.99
CA THR A 19 -27.86 23.50 32.67
C THR A 19 -29.03 22.74 33.31
N ARG A 20 -29.97 23.48 33.92
CA ARG A 20 -31.12 22.83 34.54
C ARG A 20 -31.95 22.10 33.50
N ILE A 21 -32.15 22.70 32.33
CA ILE A 21 -32.95 22.08 31.29
C ILE A 21 -32.33 20.75 30.86
N LEU A 22 -31.03 20.78 30.55
CA LEU A 22 -30.36 19.56 30.09
C LEU A 22 -30.40 18.48 31.16
N ASP A 23 -30.15 18.86 32.42
CA ASP A 23 -30.22 17.89 33.51
C ASP A 23 -31.63 17.32 33.64
N GLY A 24 -32.65 18.18 33.49
CA GLY A 24 -34.01 17.70 33.60
C GLY A 24 -34.38 16.70 32.51
N LEU A 25 -33.96 16.98 31.27
CA LEU A 25 -34.29 16.08 30.17
C LEU A 25 -33.70 14.71 30.38
N LEU A 26 -32.43 14.64 30.80
CA LEU A 26 -31.78 13.36 31.01
C LEU A 26 -32.30 12.62 32.22
N ASP A 27 -32.93 13.33 33.16
CA ASP A 27 -33.48 12.67 34.34
C ASP A 27 -34.63 11.77 33.93
N GLY A 28 -34.60 10.52 34.38
CA GLY A 28 -35.61 9.57 33.98
C GLY A 28 -35.66 9.33 32.49
N TYR A 29 -34.51 9.32 31.84
CA TYR A 29 -34.42 9.12 30.39
C TYR A 29 -33.64 7.85 30.11
N ASP A 30 -34.22 6.98 29.29
CA ASP A 30 -33.60 5.72 28.91
C ASP A 30 -33.23 5.81 27.44
N ASN A 31 -31.92 5.77 27.15
CA ASN A 31 -31.44 5.83 25.78
C ASN A 31 -31.55 4.49 25.07
N ARG A 32 -31.89 3.42 25.77
CA ARG A 32 -32.03 2.11 25.17
C ARG A 32 -33.39 1.90 24.51
N LEU A 33 -34.31 2.86 24.65
CA LEU A 33 -35.66 2.75 24.13
C LEU A 33 -35.91 3.84 23.11
N ARG A 34 -36.46 3.46 21.96
CA ARG A 34 -36.77 4.43 20.93
C ARG A 34 -37.98 5.28 21.36
N PRO A 35 -38.06 6.51 20.87
CA PRO A 35 -39.23 7.33 21.18
C PRO A 35 -40.50 6.72 20.60
N GLY A 36 -41.61 6.92 21.32
CA GLY A 36 -42.87 6.37 20.90
C GLY A 36 -42.88 4.86 20.85
N LEU A 37 -42.17 4.20 21.76
CA LEU A 37 -42.13 2.74 21.77
C LEU A 37 -43.47 2.19 22.23
N GLY A 38 -43.99 1.22 21.49
CA GLY A 38 -45.26 0.62 21.81
C GLY A 38 -46.44 1.55 21.70
N GLU A 39 -46.28 2.71 21.06
CA GLU A 39 -47.37 3.68 20.95
C GLU A 39 -47.55 4.11 19.50
N ARG A 40 -46.48 4.11 18.72
CA ARG A 40 -46.51 4.56 17.34
C ARG A 40 -45.22 4.08 16.66
N ILE A 41 -45.00 4.52 15.44
CA ILE A 41 -43.83 4.15 14.65
C ILE A 41 -42.93 5.38 14.54
N THR A 42 -41.65 5.20 14.88
CA THR A 42 -40.70 6.29 14.79
C THR A 42 -40.40 6.61 13.33
N GLN A 43 -40.48 7.89 12.99
CA GLN A 43 -40.24 8.37 11.64
C GLN A 43 -39.00 9.23 11.62
N VAL A 44 -38.08 8.93 10.70
CA VAL A 44 -36.79 9.61 10.61
C VAL A 44 -36.70 10.26 9.24
N ARG A 45 -36.33 11.54 9.22
CA ARG A 45 -36.12 12.29 7.99
C ARG A 45 -34.63 12.47 7.77
N THR A 46 -34.16 12.08 6.59
CA THR A 46 -32.74 12.05 6.27
C THR A 46 -32.45 13.03 5.13
N ASP A 47 -31.41 13.83 5.29
CA ASP A 47 -30.89 14.70 4.25
C ASP A 47 -29.39 14.54 4.20
N MET A 48 -28.83 14.55 2.99
CA MET A 48 -27.42 14.28 2.78
C MET A 48 -26.81 15.40 1.95
N TYR A 49 -25.60 15.80 2.34
CA TYR A 49 -24.80 16.75 1.57
C TYR A 49 -23.44 16.12 1.31
N VAL A 50 -23.08 16.01 0.04
CA VAL A 50 -21.83 15.36 -0.36
C VAL A 50 -20.76 16.44 -0.48
N ASN A 51 -19.87 16.48 0.52
CA ASN A 51 -18.78 17.46 0.50
C ASN A 51 -17.85 17.21 -0.68
N SER A 52 -17.53 15.94 -0.94
CA SER A 52 -16.64 15.60 -2.04
C SER A 52 -16.88 14.14 -2.43
N PHE A 53 -17.10 13.91 -3.72
CA PHE A 53 -17.27 12.55 -4.23
C PHE A 53 -15.90 11.95 -4.46
N GLY A 54 -15.48 11.07 -3.55
CA GLY A 54 -14.14 10.54 -3.55
C GLY A 54 -13.82 9.78 -4.82
N PRO A 55 -12.57 9.33 -4.92
CA PRO A 55 -12.16 8.60 -6.13
C PRO A 55 -12.90 7.29 -6.27
N VAL A 56 -13.08 6.88 -7.53
CA VAL A 56 -13.75 5.62 -7.86
C VAL A 56 -12.67 4.63 -8.26
N SER A 57 -12.55 3.56 -7.49
CA SER A 57 -11.55 2.52 -7.75
C SER A 57 -12.20 1.44 -8.60
N ASP A 58 -11.95 1.49 -9.91
CA ASP A 58 -12.52 0.50 -10.80
C ASP A 58 -12.02 -0.90 -10.47
N THR A 59 -10.73 -1.01 -10.13
CA THR A 59 -10.16 -2.32 -9.82
C THR A 59 -10.86 -2.97 -8.64
N GLU A 60 -11.12 -2.19 -7.59
CA GLU A 60 -11.76 -2.70 -6.39
C GLU A 60 -13.27 -2.53 -6.40
N MET A 61 -13.83 -1.95 -7.45
CA MET A 61 -15.28 -1.76 -7.56
C MET A 61 -15.84 -1.01 -6.35
N GLU A 62 -15.10 0.00 -5.91
CA GLU A 62 -15.51 0.80 -4.76
C GLU A 62 -15.31 2.27 -5.09
N TYR A 63 -16.08 3.12 -4.41
CA TYR A 63 -15.96 4.56 -4.53
C TYR A 63 -16.04 5.18 -3.15
N THR A 64 -15.15 6.12 -2.87
CA THR A 64 -15.16 6.85 -1.61
C THR A 64 -16.05 8.08 -1.73
N ILE A 65 -16.63 8.47 -0.61
CA ILE A 65 -17.52 9.62 -0.58
C ILE A 65 -17.53 10.19 0.84
N ASP A 66 -17.47 11.51 0.94
CA ASP A 66 -17.55 12.22 2.21
C ASP A 66 -18.84 13.02 2.24
N ILE A 67 -19.64 12.80 3.28
CA ILE A 67 -20.97 13.39 3.38
C ILE A 67 -21.18 13.95 4.77
N PHE A 68 -22.15 14.85 4.87
CA PHE A 68 -22.66 15.35 6.14
C PHE A 68 -24.06 14.76 6.33
N PHE A 69 -24.11 13.58 6.93
CA PHE A 69 -25.36 12.85 7.06
C PHE A 69 -26.16 13.43 8.22
N ALA A 70 -27.39 13.83 7.94
CA ALA A 70 -28.27 14.46 8.91
C ALA A 70 -29.55 13.65 9.05
N GLN A 71 -29.97 13.42 10.30
CA GLN A 71 -31.20 12.72 10.60
C GLN A 71 -32.06 13.56 11.52
N THR A 72 -33.36 13.53 11.29
CA THR A 72 -34.31 14.27 12.09
C THR A 72 -35.44 13.35 12.53
N TRP A 73 -35.85 13.48 13.79
CA TRP A 73 -36.93 12.67 14.33
C TRP A 73 -37.55 13.42 15.50
N LYS A 74 -38.62 12.85 16.03
CA LYS A 74 -39.40 13.47 17.10
C LYS A 74 -39.30 12.62 18.36
N ASP A 75 -38.95 13.25 19.47
CA ASP A 75 -38.86 12.59 20.76
C ASP A 75 -39.57 13.45 21.79
N GLU A 76 -40.77 13.01 22.20
CA GLU A 76 -41.56 13.78 23.15
C GLU A 76 -40.90 13.89 24.51
N ARG A 77 -39.97 12.99 24.84
CA ARG A 77 -39.29 13.03 26.12
C ARG A 77 -38.34 14.22 26.24
N LEU A 78 -38.01 14.88 25.13
CA LEU A 78 -37.07 15.98 25.12
C LEU A 78 -37.74 17.34 25.09
N ARG A 79 -39.05 17.40 25.29
CA ARG A 79 -39.74 18.68 25.33
C ARG A 79 -39.22 19.52 26.49
N PHE A 80 -39.14 20.83 26.27
CA PHE A 80 -38.65 21.74 27.30
C PHE A 80 -39.23 23.12 27.06
N LYS A 81 -39.18 23.93 28.10
CA LYS A 81 -39.64 25.32 28.04
C LYS A 81 -38.50 26.22 28.50
N GLY A 82 -38.22 27.26 27.73
CA GLY A 82 -37.15 28.17 28.05
C GLY A 82 -37.13 29.38 27.14
N PRO A 83 -36.26 30.35 27.44
CA PRO A 83 -36.19 31.55 26.61
C PRO A 83 -35.81 31.26 25.17
N MET A 84 -34.97 30.24 24.93
CA MET A 84 -34.52 29.90 23.60
C MET A 84 -35.30 28.71 23.07
N GLN A 85 -35.74 28.81 21.81
CA GLN A 85 -36.49 27.73 21.18
C GLN A 85 -35.60 26.61 20.66
N ARG A 86 -34.28 26.81 20.67
CA ARG A 86 -33.35 25.82 20.15
C ARG A 86 -32.17 25.70 21.10
N LEU A 87 -31.55 24.53 21.12
CA LEU A 87 -30.40 24.24 21.97
C LEU A 87 -29.28 23.64 21.13
N PRO A 88 -28.48 24.48 20.46
CA PRO A 88 -27.30 23.96 19.78
C PRO A 88 -26.36 23.26 20.76
N LEU A 89 -25.78 22.15 20.31
CA LEU A 89 -24.95 21.33 21.17
C LEU A 89 -23.89 20.65 20.32
N ASN A 90 -23.24 19.63 20.89
CA ASN A 90 -22.16 18.92 20.23
C ASN A 90 -22.30 17.43 20.55
N ASN A 91 -21.25 16.66 20.26
CA ASN A 91 -21.29 15.21 20.45
C ASN A 91 -21.40 14.79 21.90
N LEU A 92 -21.18 15.71 22.84
CA LEU A 92 -21.17 15.33 24.25
C LEU A 92 -22.51 14.74 24.67
N LEU A 93 -23.61 15.34 24.23
CA LEU A 93 -24.94 14.87 24.60
C LEU A 93 -25.49 13.82 23.64
N ALA A 94 -24.79 13.55 22.53
CA ALA A 94 -25.30 12.60 21.55
C ALA A 94 -25.42 11.20 22.15
N SER A 95 -24.42 10.78 22.93
CA SER A 95 -24.43 9.46 23.52
C SER A 95 -25.39 9.33 24.70
N LYS A 96 -25.90 10.45 25.22
CA LYS A 96 -26.80 10.43 26.36
C LYS A 96 -28.25 10.24 25.96
N ILE A 97 -28.58 10.23 24.67
CA ILE A 97 -29.94 10.09 24.20
C ILE A 97 -29.99 8.98 23.15
N TRP A 98 -31.19 8.66 22.71
CA TRP A 98 -31.39 7.63 21.72
C TRP A 98 -31.17 8.19 20.32
N THR A 99 -30.39 7.47 19.51
CA THR A 99 -30.19 7.80 18.12
C THR A 99 -30.38 6.56 17.27
N PRO A 100 -30.85 6.70 16.04
CA PRO A 100 -31.08 5.53 15.20
C PRO A 100 -29.79 4.80 14.88
N ASP A 101 -29.89 3.49 14.74
CA ASP A 101 -28.75 2.65 14.41
C ASP A 101 -28.55 2.55 12.90
N THR A 102 -28.48 3.71 12.26
CA THR A 102 -28.34 3.75 10.82
C THR A 102 -26.98 3.20 10.39
N PHE A 103 -27.00 2.39 9.33
CA PHE A 103 -25.78 1.80 8.79
C PHE A 103 -25.94 1.66 7.30
N PHE A 104 -24.81 1.52 6.61
CA PHE A 104 -24.78 1.44 5.16
C PHE A 104 -24.57 -0.01 4.74
N HIS A 105 -25.56 -0.56 4.04
CA HIS A 105 -25.51 -1.97 3.65
C HIS A 105 -24.35 -2.24 2.71
N ASN A 106 -24.11 -1.35 1.76
CA ASN A 106 -23.06 -1.52 0.78
C ASN A 106 -21.74 -0.89 1.20
N GLY A 107 -21.67 -0.36 2.41
CA GLY A 107 -20.43 0.24 2.88
C GLY A 107 -19.42 -0.80 3.32
N LYS A 108 -18.37 -0.98 2.52
CA LYS A 108 -17.35 -1.97 2.86
C LYS A 108 -16.54 -1.53 4.08
N LYS A 109 -16.30 -0.23 4.20
CA LYS A 109 -15.54 0.29 5.34
C LYS A 109 -15.86 1.76 5.49
N SER A 110 -16.47 2.13 6.62
CA SER A 110 -16.85 3.50 6.91
C SER A 110 -16.19 3.94 8.21
N PHE A 111 -15.60 5.13 8.19
CA PHE A 111 -14.95 5.70 9.36
C PHE A 111 -15.38 7.15 9.52
N ALA A 112 -15.35 7.63 10.76
CA ALA A 112 -15.76 8.97 11.09
C ALA A 112 -14.55 9.89 11.19
N HIS A 113 -14.82 11.16 11.44
CA HIS A 113 -13.78 12.17 11.61
C HIS A 113 -13.85 12.68 13.04
N TRP A 114 -12.71 12.65 13.74
CA TRP A 114 -12.66 12.93 15.16
C TRP A 114 -11.84 14.16 15.52
N MET A 115 -11.26 14.85 14.55
CA MET A 115 -10.42 16.01 14.80
C MET A 115 -11.07 17.26 14.25
N THR A 116 -10.96 18.37 14.98
CA THR A 116 -10.31 18.51 16.29
C THR A 116 -11.20 17.91 17.36
N THR A 117 -12.51 17.94 17.10
CA THR A 117 -13.54 17.39 17.96
C THR A 117 -14.43 16.49 17.11
N PRO A 118 -14.99 15.42 17.70
CA PRO A 118 -15.91 14.57 16.92
C PRO A 118 -16.92 15.39 16.13
N ASN A 119 -16.89 15.26 14.81
CA ASN A 119 -17.70 16.10 13.93
C ASN A 119 -19.14 15.62 13.98
N ARG A 120 -19.84 16.05 15.02
CA ARG A 120 -21.25 15.74 15.21
C ARG A 120 -21.95 16.97 15.76
N MET A 121 -23.24 17.08 15.44
CA MET A 121 -24.06 18.18 15.89
C MET A 121 -25.37 17.64 16.42
N LEU A 122 -25.90 18.30 17.44
CA LEU A 122 -27.15 17.91 18.06
C LEU A 122 -27.94 19.16 18.42
N ARG A 123 -29.15 19.27 17.89
CA ARG A 123 -30.01 20.41 18.14
C ARG A 123 -31.39 19.91 18.55
N ILE A 124 -32.01 20.60 19.50
CA ILE A 124 -33.29 20.19 20.07
C ILE A 124 -34.20 21.41 20.13
N TRP A 125 -35.46 21.21 19.75
CA TRP A 125 -36.48 22.24 19.80
C TRP A 125 -37.44 21.97 20.93
N ASN A 126 -38.31 22.96 21.18
CA ASN A 126 -39.27 22.83 22.28
C ASN A 126 -40.20 21.65 22.08
N ASP A 127 -40.68 21.45 20.85
CA ASP A 127 -41.62 20.39 20.56
C ASP A 127 -41.02 19.00 20.74
N GLY A 128 -39.70 18.90 20.86
CA GLY A 128 -39.02 17.62 20.96
C GLY A 128 -38.35 17.16 19.69
N ARG A 129 -38.40 17.95 18.62
CA ARG A 129 -37.72 17.58 17.39
C ARG A 129 -36.21 17.60 17.60
N VAL A 130 -35.54 16.60 17.04
CA VAL A 130 -34.11 16.40 17.21
C VAL A 130 -33.44 16.40 15.86
N LEU A 131 -32.33 17.12 15.74
CA LEU A 131 -31.48 17.12 14.56
C LEU A 131 -30.13 16.54 14.93
N TYR A 132 -29.70 15.50 14.22
CA TYR A 132 -28.44 14.83 14.46
C TYR A 132 -27.66 14.78 13.16
N THR A 133 -26.58 15.54 13.09
CA THR A 133 -25.75 15.64 11.90
C THR A 133 -24.41 14.98 12.18
N LEU A 134 -23.94 14.17 11.22
CA LEU A 134 -22.71 13.42 11.37
C LEU A 134 -21.94 13.45 10.06
N ARG A 135 -20.62 13.57 10.16
CA ARG A 135 -19.75 13.55 9.00
C ARG A 135 -19.15 12.16 8.84
N LEU A 136 -19.20 11.63 7.63
CA LEU A 136 -18.79 10.26 7.36
C LEU A 136 -17.97 10.21 6.09
N THR A 137 -17.12 9.17 6.00
CA THR A 137 -16.38 8.83 4.80
C THR A 137 -16.66 7.37 4.50
N ILE A 138 -17.41 7.11 3.43
CA ILE A 138 -17.92 5.79 3.12
C ILE A 138 -17.17 5.24 1.92
N SER A 139 -16.58 4.06 2.08
CA SER A 139 -15.93 3.34 0.99
C SER A 139 -16.90 2.26 0.51
N ALA A 140 -17.91 2.68 -0.24
CA ALA A 140 -18.94 1.78 -0.70
C ALA A 140 -18.48 1.00 -1.91
N GLU A 141 -19.29 0.01 -2.30
CA GLU A 141 -19.01 -0.86 -3.43
C GLU A 141 -19.92 -0.50 -4.59
N CYS A 142 -19.34 -0.37 -5.78
CA CYS A 142 -20.07 0.01 -6.98
C CYS A 142 -19.78 -1.01 -8.07
N PRO A 143 -20.55 -2.10 -8.13
CA PRO A 143 -20.36 -3.06 -9.23
C PRO A 143 -20.58 -2.39 -10.58
N MET A 144 -19.77 -2.79 -11.56
CA MET A 144 -19.78 -2.16 -12.87
C MET A 144 -19.79 -3.23 -13.95
N ASP A 145 -20.45 -2.92 -15.06
CA ASP A 145 -20.50 -3.76 -16.25
C ASP A 145 -19.66 -3.08 -17.32
N LEU A 146 -18.40 -3.48 -17.40
CA LEU A 146 -17.44 -2.87 -18.33
C LEU A 146 -17.50 -3.52 -19.71
N GLU A 147 -18.71 -3.59 -20.27
CA GLU A 147 -18.88 -4.11 -21.62
C GLU A 147 -18.69 -3.03 -22.68
N ASP A 148 -19.10 -1.80 -22.38
CA ASP A 148 -18.92 -0.67 -23.28
C ASP A 148 -17.74 0.20 -22.87
N PHE A 149 -16.89 -0.29 -21.98
CA PHE A 149 -15.74 0.50 -21.54
C PHE A 149 -14.86 0.85 -22.74
N PRO A 150 -14.35 2.08 -22.82
CA PRO A 150 -14.52 3.20 -21.89
C PRO A 150 -15.77 4.04 -22.13
N MET A 151 -16.62 3.67 -23.09
CA MET A 151 -17.88 4.38 -23.31
C MET A 151 -18.99 3.79 -22.46
N ASP A 152 -18.77 3.73 -21.16
CA ASP A 152 -19.68 3.09 -20.23
C ASP A 152 -20.23 4.11 -19.24
N GLU A 153 -21.48 3.90 -18.83
CA GLU A 153 -22.13 4.70 -17.81
C GLU A 153 -22.40 3.83 -16.59
N GLN A 154 -22.03 4.34 -15.42
CA GLN A 154 -22.15 3.60 -14.17
C GLN A 154 -23.13 4.30 -13.24
N ASN A 155 -23.82 3.49 -12.44
CA ASN A 155 -24.82 3.96 -11.49
C ASN A 155 -24.43 3.43 -10.11
N CYS A 156 -23.58 4.18 -9.42
CA CYS A 156 -23.09 3.75 -8.12
C CYS A 156 -24.11 4.06 -7.04
N PRO A 157 -24.60 3.07 -6.30
CA PRO A 157 -25.64 3.32 -5.30
C PRO A 157 -25.06 3.63 -3.92
N LEU A 158 -25.96 4.00 -3.01
CA LEU A 158 -25.60 4.25 -1.61
C LEU A 158 -26.82 3.88 -0.78
N LYS A 159 -26.77 2.71 -0.15
CA LYS A 159 -27.90 2.16 0.59
C LYS A 159 -27.63 2.25 2.07
N PHE A 160 -28.62 2.70 2.83
CA PHE A 160 -28.50 2.79 4.28
C PHE A 160 -29.87 2.57 4.91
N GLY A 161 -29.84 2.15 6.18
CA GLY A 161 -31.06 1.90 6.91
C GLY A 161 -30.74 1.44 8.31
N SER A 162 -31.79 1.10 9.05
CA SER A 162 -31.64 0.65 10.41
C SER A 162 -31.12 -0.78 10.45
N TYR A 163 -30.32 -1.08 11.47
CA TYR A 163 -29.78 -2.41 11.65
C TYR A 163 -30.64 -3.28 12.56
N ALA A 164 -31.23 -2.68 13.60
CA ALA A 164 -31.97 -3.44 14.61
C ALA A 164 -33.45 -3.14 14.63
N TYR A 165 -33.89 -2.00 14.11
CA TYR A 165 -35.29 -1.61 14.20
C TYR A 165 -35.98 -1.88 12.88
N PRO A 166 -36.92 -2.82 12.79
CA PRO A 166 -37.57 -3.11 11.51
C PRO A 166 -38.48 -1.98 11.03
N ASN A 167 -39.13 -2.21 9.89
CA ASN A 167 -40.05 -1.21 9.35
C ASN A 167 -41.21 -0.92 10.29
N SER A 168 -41.59 -1.90 11.11
CA SER A 168 -42.70 -1.73 12.03
C SER A 168 -42.39 -0.76 13.16
N GLU A 169 -41.12 -0.40 13.35
CA GLU A 169 -40.72 0.48 14.44
C GLU A 169 -40.07 1.76 13.95
N VAL A 170 -39.13 1.68 13.01
CA VAL A 170 -38.41 2.83 12.49
C VAL A 170 -38.56 2.86 10.98
N VAL A 171 -38.92 4.02 10.45
CA VAL A 171 -39.08 4.22 9.02
C VAL A 171 -38.28 5.44 8.60
N TYR A 172 -37.51 5.31 7.52
CA TYR A 172 -36.74 6.41 6.97
C TYR A 172 -37.44 6.97 5.75
N VAL A 173 -37.49 8.30 5.67
CA VAL A 173 -38.09 8.98 4.53
C VAL A 173 -37.25 10.22 4.22
N TRP A 174 -37.05 10.48 2.93
CA TRP A 174 -36.35 11.69 2.52
C TRP A 174 -37.19 12.92 2.87
N THR A 175 -36.49 14.02 3.13
CA THR A 175 -37.12 15.27 3.51
C THR A 175 -37.25 16.18 2.29
N ASN A 176 -38.40 16.81 2.16
CA ASN A 176 -38.68 17.73 1.05
C ASN A 176 -38.52 16.94 -0.25
N GLY A 177 -38.18 17.63 -1.35
CA GLY A 177 -38.02 16.98 -2.63
C GLY A 177 -36.69 16.28 -2.76
N SER A 178 -36.51 15.64 -3.93
CA SER A 178 -35.28 14.91 -4.18
C SER A 178 -34.07 15.83 -4.20
N THR A 179 -34.23 17.04 -4.77
CA THR A 179 -33.10 17.95 -4.89
C THR A 179 -32.56 18.33 -3.51
N LYS A 180 -33.44 18.64 -2.57
CA LYS A 180 -32.99 18.99 -1.23
C LYS A 180 -32.54 17.76 -0.46
N SER A 181 -33.06 16.59 -0.81
CA SER A 181 -32.71 15.38 -0.07
C SER A 181 -31.23 15.07 -0.19
N VAL A 182 -30.67 15.17 -1.39
CA VAL A 182 -29.26 14.93 -1.64
C VAL A 182 -28.69 16.13 -2.38
N VAL A 183 -27.57 16.64 -1.89
CA VAL A 183 -26.90 17.80 -2.47
C VAL A 183 -25.42 17.48 -2.62
N VAL A 184 -24.84 17.87 -3.74
CA VAL A 184 -23.44 17.64 -4.04
C VAL A 184 -22.77 18.99 -4.24
N ALA A 185 -21.63 19.18 -3.57
CA ALA A 185 -20.89 20.42 -3.70
C ALA A 185 -20.41 20.61 -5.14
N GLU A 186 -20.37 21.87 -5.56
CA GLU A 186 -19.96 22.17 -6.93
C GLU A 186 -18.55 21.65 -7.21
N ASP A 187 -17.61 21.92 -6.30
CA ASP A 187 -16.24 21.45 -6.47
C ASP A 187 -16.06 20.01 -6.03
N GLY A 188 -16.99 19.47 -5.25
CA GLY A 188 -16.85 18.09 -4.81
C GLY A 188 -16.98 17.10 -5.96
N SER A 189 -17.90 17.35 -6.87
CA SER A 189 -18.16 16.46 -8.00
C SER A 189 -17.09 16.70 -9.08
N ARG A 190 -15.86 16.33 -8.74
CA ARG A 190 -14.72 16.44 -9.65
C ARG A 190 -13.92 15.15 -9.59
N LEU A 191 -13.86 14.45 -10.72
CA LEU A 191 -13.11 13.20 -10.83
C LEU A 191 -12.26 13.24 -12.10
N ASN A 192 -11.18 12.47 -12.08
CA ASN A 192 -10.25 12.44 -13.20
C ASN A 192 -10.79 11.65 -14.38
N GLN A 193 -11.70 10.69 -14.15
CA GLN A 193 -12.15 9.81 -15.22
C GLN A 193 -13.66 9.57 -15.14
N TYR A 194 -14.42 10.50 -14.59
CA TYR A 194 -15.86 10.35 -14.50
C TYR A 194 -16.52 11.72 -14.44
N HIS A 195 -17.73 11.80 -14.99
CA HIS A 195 -18.59 12.96 -14.88
C HIS A 195 -19.80 12.60 -14.03
N LEU A 196 -20.10 13.42 -13.03
CA LEU A 196 -21.25 13.20 -12.16
C LEU A 196 -22.46 13.85 -12.81
N MET A 197 -23.19 13.07 -13.60
CA MET A 197 -24.33 13.61 -14.33
C MET A 197 -25.43 14.07 -13.39
N GLY A 198 -25.72 13.28 -12.36
CA GLY A 198 -26.78 13.64 -11.45
C GLY A 198 -26.96 12.58 -10.38
N GLN A 199 -27.99 12.79 -9.56
CA GLN A 199 -28.29 11.90 -8.45
C GLN A 199 -29.77 11.58 -8.44
N THR A 200 -30.10 10.40 -7.93
CA THR A 200 -31.49 9.99 -7.74
C THR A 200 -31.63 9.30 -6.39
N VAL A 201 -32.84 9.36 -5.84
CA VAL A 201 -33.13 8.81 -4.52
C VAL A 201 -34.35 7.92 -4.64
N GLY A 202 -34.35 6.82 -3.89
CA GLY A 202 -35.44 5.88 -3.89
C GLY A 202 -35.55 5.17 -2.57
N THR A 203 -36.59 4.34 -2.45
CA THR A 203 -36.85 3.58 -1.25
C THR A 203 -37.35 2.20 -1.63
N GLU A 204 -37.22 1.26 -0.70
CA GLU A 204 -37.67 -0.10 -0.91
C GLU A 204 -37.64 -0.84 0.41
N ASN A 205 -38.58 -1.77 0.57
CA ASN A 205 -38.65 -2.63 1.74
C ASN A 205 -37.99 -3.95 1.42
N ILE A 206 -37.19 -4.46 2.35
CA ILE A 206 -36.51 -5.74 2.21
C ILE A 206 -36.98 -6.66 3.33
N SER A 207 -37.27 -7.90 2.96
CA SER A 207 -37.69 -8.92 3.93
C SER A 207 -36.48 -9.76 4.32
N THR A 208 -36.29 -9.93 5.62
CA THR A 208 -35.17 -10.67 6.16
C THR A 208 -35.67 -11.64 7.23
N SER A 209 -34.77 -12.50 7.69
CA SER A 209 -35.10 -13.41 8.77
C SER A 209 -35.43 -12.67 10.05
N THR A 210 -34.90 -11.46 10.23
CA THR A 210 -35.16 -10.65 11.42
C THR A 210 -36.32 -9.69 11.25
N GLY A 211 -36.98 -9.70 10.10
CA GLY A 211 -38.12 -8.84 9.85
C GLY A 211 -37.93 -7.99 8.61
N GLU A 212 -38.92 -7.14 8.36
CA GLU A 212 -38.91 -6.24 7.22
C GLU A 212 -38.24 -4.93 7.60
N TYR A 213 -37.37 -4.44 6.71
CA TYR A 213 -36.66 -3.19 6.91
C TYR A 213 -36.83 -2.31 5.68
N THR A 214 -36.99 -1.01 5.91
CA THR A 214 -37.05 -0.03 4.84
C THR A 214 -35.63 0.44 4.50
N ILE A 215 -35.35 0.53 3.22
CA ILE A 215 -34.02 0.87 2.72
C ILE A 215 -34.09 2.16 1.93
N MET A 216 -33.24 3.11 2.27
CA MET A 216 -33.11 4.36 1.54
C MET A 216 -31.92 4.25 0.59
N THR A 217 -32.18 4.45 -0.69
CA THR A 217 -31.18 4.24 -1.73
C THR A 217 -30.93 5.54 -2.48
N ALA A 218 -29.65 5.84 -2.71
CA ALA A 218 -29.23 7.00 -3.49
C ALA A 218 -28.29 6.52 -4.58
N HIS A 219 -28.59 6.89 -5.82
CA HIS A 219 -27.80 6.48 -6.97
C HIS A 219 -27.12 7.70 -7.58
N PHE A 220 -25.84 7.55 -7.91
CA PHE A 220 -25.06 8.58 -8.56
C PHE A 220 -24.76 8.14 -9.99
N HIS A 221 -25.16 8.96 -10.96
CA HIS A 221 -24.97 8.65 -12.37
C HIS A 221 -23.58 9.12 -12.80
N LEU A 222 -22.76 8.19 -13.24
CA LEU A 222 -21.39 8.47 -13.65
C LEU A 222 -21.25 8.24 -15.15
N LYS A 223 -20.77 9.26 -15.85
CA LYS A 223 -20.47 9.18 -17.28
C LYS A 223 -18.97 9.29 -17.44
N ARG A 224 -18.32 8.19 -17.77
CA ARG A 224 -16.88 8.17 -17.90
C ARG A 224 -16.44 9.18 -18.96
N LYS A 225 -15.44 9.98 -18.63
CA LYS A 225 -14.90 10.97 -19.54
C LYS A 225 -13.72 10.36 -20.29
N ILE A 226 -13.78 10.39 -21.60
CA ILE A 226 -12.75 9.80 -22.43
C ILE A 226 -11.73 10.86 -22.78
N GLY A 227 -10.51 10.41 -23.09
CA GLY A 227 -9.43 11.31 -23.43
C GLY A 227 -8.11 10.85 -22.85
N TYR A 228 -8.16 10.20 -21.69
CA TYR A 228 -6.96 9.59 -21.14
C TYR A 228 -6.62 8.31 -21.91
N PHE A 229 -7.62 7.50 -22.22
CA PHE A 229 -7.38 6.28 -22.96
C PHE A 229 -7.06 6.56 -24.42
N VAL A 230 -7.58 7.66 -24.95
CA VAL A 230 -7.22 8.08 -26.31
C VAL A 230 -5.73 8.36 -26.40
N ILE A 231 -5.19 9.09 -25.42
CA ILE A 231 -3.77 9.41 -25.40
C ILE A 231 -2.93 8.23 -24.96
N GLN A 232 -3.51 7.27 -24.26
CA GLN A 232 -2.75 6.16 -23.68
C GLN A 232 -2.86 4.87 -24.48
N THR A 233 -4.04 4.57 -25.04
CA THR A 233 -4.27 3.30 -25.72
C THR A 233 -4.61 3.47 -27.19
N TYR A 234 -5.62 4.28 -27.53
CA TYR A 234 -6.10 4.32 -28.91
C TYR A 234 -5.05 4.91 -29.84
N LEU A 235 -4.50 6.07 -29.49
CA LEU A 235 -3.55 6.72 -30.39
C LEU A 235 -2.33 5.86 -30.66
N PRO A 236 -1.65 5.29 -29.66
CA PRO A 236 -0.54 4.37 -29.97
C PRO A 236 -0.95 3.23 -30.87
N CYS A 237 -2.15 2.69 -30.67
CA CYS A 237 -2.65 1.64 -31.56
C CYS A 237 -2.88 2.18 -32.96
N ILE A 238 -3.47 3.37 -33.07
CA ILE A 238 -3.76 3.93 -34.39
C ILE A 238 -2.47 4.22 -35.14
N MET A 239 -1.52 4.90 -34.48
CA MET A 239 -0.26 5.22 -35.15
C MET A 239 0.55 3.97 -35.45
N THR A 240 0.45 2.95 -34.60
CA THR A 240 1.15 1.69 -34.86
C THR A 240 0.65 1.05 -36.15
N VAL A 241 -0.66 1.07 -36.36
CA VAL A 241 -1.22 0.51 -37.60
C VAL A 241 -0.71 1.29 -38.80
N ILE A 242 -0.71 2.62 -38.71
CA ILE A 242 -0.20 3.44 -39.81
C ILE A 242 1.26 3.12 -40.08
N LEU A 243 2.03 2.88 -39.02
CA LEU A 243 3.43 2.53 -39.19
C LEU A 243 3.60 1.26 -40.00
N SER A 244 2.75 0.26 -39.73
CA SER A 244 2.83 -0.99 -40.48
C SER A 244 2.55 -0.78 -41.96
N GLN A 245 1.57 0.07 -42.27
CA GLN A 245 1.20 0.30 -43.66
C GLN A 245 2.31 0.96 -44.46
N VAL A 246 3.28 1.57 -43.78
CA VAL A 246 4.42 2.16 -44.49
C VAL A 246 5.20 1.09 -45.23
N SER A 247 5.19 -0.15 -44.73
CA SER A 247 5.92 -1.22 -45.38
C SER A 247 5.42 -1.46 -46.80
N PHE A 248 4.15 -1.15 -47.07
CA PHE A 248 3.60 -1.34 -48.41
C PHE A 248 4.28 -0.46 -49.44
N TRP A 249 4.91 0.63 -49.01
CA TRP A 249 5.56 1.57 -49.92
C TRP A 249 7.03 1.25 -50.15
N LEU A 250 7.53 0.16 -49.58
CA LEU A 250 8.91 -0.27 -49.78
C LEU A 250 8.96 -1.38 -50.82
N ASN A 251 10.12 -1.50 -51.47
CA ASN A 251 10.29 -2.51 -52.51
C ASN A 251 10.28 -3.90 -51.90
N ARG A 252 9.83 -4.87 -52.70
CA ARG A 252 9.72 -6.24 -52.22
C ARG A 252 11.08 -6.82 -51.88
N GLU A 253 12.10 -6.53 -52.70
CA GLU A 253 13.42 -7.10 -52.47
C GLU A 253 13.99 -6.72 -51.10
N SER A 254 13.52 -5.63 -50.51
CA SER A 254 13.95 -5.21 -49.18
C SER A 254 13.25 -6.08 -48.13
N VAL A 255 13.67 -7.35 -48.09
CA VAL A 255 13.02 -8.32 -47.23
C VAL A 255 13.21 -7.95 -45.77
N ALA A 256 14.44 -7.62 -45.39
CA ALA A 256 14.73 -7.30 -43.99
C ALA A 256 13.99 -6.05 -43.55
N ALA A 257 13.95 -5.03 -44.40
CA ALA A 257 13.31 -3.77 -44.03
C ALA A 257 11.84 -3.98 -43.71
N ARG A 258 11.10 -4.63 -44.61
CA ARG A 258 9.68 -4.84 -44.39
C ARG A 258 9.44 -5.81 -43.24
N THR A 259 10.38 -6.71 -42.99
CA THR A 259 10.24 -7.63 -41.86
C THR A 259 10.25 -6.88 -40.53
N VAL A 260 11.09 -5.85 -40.41
CA VAL A 260 11.17 -5.10 -39.17
C VAL A 260 9.84 -4.41 -38.89
N PHE A 261 9.23 -3.82 -39.91
CA PHE A 261 7.94 -3.16 -39.71
C PHE A 261 6.91 -4.14 -39.16
N GLY A 262 6.75 -5.29 -39.82
CA GLY A 262 5.73 -6.23 -39.40
C GLY A 262 5.99 -6.80 -38.02
N VAL A 263 7.23 -7.23 -37.77
CA VAL A 263 7.55 -7.85 -36.49
C VAL A 263 7.43 -6.84 -35.35
N THR A 264 8.03 -5.67 -35.52
CA THR A 264 8.02 -4.67 -34.45
C THR A 264 6.59 -4.23 -34.15
N THR A 265 5.79 -3.99 -35.18
CA THR A 265 4.42 -3.54 -34.97
C THR A 265 3.59 -4.60 -34.26
N VAL A 266 3.74 -5.86 -34.66
CA VAL A 266 2.95 -6.92 -34.03
C VAL A 266 3.27 -7.02 -32.54
N LEU A 267 4.56 -7.00 -32.19
CA LEU A 267 4.95 -7.03 -30.79
C LEU A 267 4.48 -5.78 -30.07
N THR A 268 4.56 -4.63 -30.74
CA THR A 268 4.12 -3.38 -30.13
C THR A 268 2.65 -3.44 -29.75
N MET A 269 1.82 -3.97 -30.65
CA MET A 269 0.40 -4.11 -30.33
C MET A 269 0.19 -5.12 -29.21
N THR A 270 0.99 -6.17 -29.17
CA THR A 270 0.86 -7.18 -28.13
C THR A 270 1.09 -6.57 -26.75
N THR A 271 2.16 -5.78 -26.60
CA THR A 271 2.46 -5.19 -25.31
C THR A 271 1.45 -4.11 -24.94
N LEU A 272 0.89 -3.41 -25.93
CA LEU A 272 -0.13 -2.41 -25.64
C LEU A 272 -1.35 -3.04 -25.01
N SER A 273 -1.77 -4.20 -25.52
CA SER A 273 -2.91 -4.89 -24.92
C SER A 273 -2.62 -5.27 -23.48
N ILE A 274 -1.41 -5.78 -23.22
CA ILE A 274 -1.04 -6.13 -21.84
C ILE A 274 -1.02 -4.89 -20.97
N SER A 275 -0.41 -3.81 -21.47
CA SER A 275 -0.31 -2.58 -20.70
C SER A 275 -1.67 -1.98 -20.44
N ALA A 276 -2.57 -2.03 -21.44
CA ALA A 276 -3.87 -1.40 -21.28
C ALA A 276 -4.67 -2.03 -20.14
N ARG A 277 -4.62 -3.35 -20.03
CA ARG A 277 -5.41 -4.05 -19.03
C ARG A 277 -4.76 -4.07 -17.65
N ASN A 278 -3.53 -3.57 -17.52
CA ASN A 278 -2.88 -3.53 -16.21
C ASN A 278 -3.69 -2.67 -15.25
N SER A 279 -4.09 -1.48 -15.69
CA SER A 279 -4.94 -0.62 -14.87
C SER A 279 -6.38 -1.09 -14.84
N LEU A 280 -6.86 -1.64 -15.95
CA LEU A 280 -8.25 -2.09 -16.01
C LEU A 280 -8.46 -3.27 -15.08
N PRO A 281 -9.67 -3.41 -14.50
CA PRO A 281 -9.94 -4.57 -13.66
C PRO A 281 -9.85 -5.86 -14.46
N LYS A 282 -9.46 -6.93 -13.77
CA LYS A 282 -9.25 -8.23 -14.39
C LYS A 282 -10.59 -8.94 -14.63
N VAL A 283 -11.41 -8.32 -15.47
CA VAL A 283 -12.70 -8.87 -15.83
C VAL A 283 -12.54 -9.95 -16.87
N ALA A 284 -13.33 -11.00 -16.76
CA ALA A 284 -13.25 -12.15 -17.66
C ALA A 284 -14.18 -12.00 -18.86
N TYR A 285 -14.12 -10.86 -19.52
CA TYR A 285 -14.86 -10.65 -20.74
C TYR A 285 -14.23 -9.50 -21.51
N ALA A 286 -14.54 -9.45 -22.81
CA ALA A 286 -13.94 -8.48 -23.70
C ALA A 286 -14.67 -7.15 -23.63
N THR A 287 -13.91 -6.07 -23.65
CA THR A 287 -14.46 -4.71 -23.65
C THR A 287 -14.37 -4.11 -25.05
N ALA A 288 -14.97 -2.93 -25.21
CA ALA A 288 -14.90 -2.25 -26.49
C ALA A 288 -13.47 -1.91 -26.87
N MET A 289 -12.67 -1.49 -25.89
CA MET A 289 -11.27 -1.20 -26.16
C MET A 289 -10.53 -2.47 -26.60
N ASP A 290 -10.85 -3.61 -26.00
CA ASP A 290 -10.22 -4.86 -26.40
C ASP A 290 -10.51 -5.18 -27.85
N TRP A 291 -11.75 -4.99 -28.29
CA TRP A 291 -12.08 -5.24 -29.69
C TRP A 291 -11.30 -4.29 -30.60
N PHE A 292 -11.18 -3.02 -30.21
CA PHE A 292 -10.43 -2.08 -31.01
C PHE A 292 -8.97 -2.51 -31.15
N ILE A 293 -8.38 -2.95 -30.05
CA ILE A 293 -7.00 -3.45 -30.10
C ILE A 293 -6.92 -4.69 -30.96
N ALA A 294 -7.88 -5.60 -30.82
CA ALA A 294 -7.86 -6.83 -31.60
C ALA A 294 -7.92 -6.53 -33.09
N VAL A 295 -8.79 -5.61 -33.50
CA VAL A 295 -8.87 -5.25 -34.90
C VAL A 295 -7.56 -4.61 -35.36
N CYS A 296 -7.00 -3.72 -34.55
CA CYS A 296 -5.71 -3.12 -34.89
C CYS A 296 -4.63 -4.19 -34.99
N TYR A 297 -4.69 -5.20 -34.12
CA TYR A 297 -3.74 -6.31 -34.20
C TYR A 297 -3.89 -7.06 -35.52
N ALA A 298 -5.13 -7.20 -36.00
CA ALA A 298 -5.35 -7.90 -37.26
C ALA A 298 -4.72 -7.15 -38.42
N PHE A 299 -4.85 -5.82 -38.43
CA PHE A 299 -4.31 -5.03 -39.54
C PHE A 299 -2.80 -5.17 -39.62
N VAL A 300 -2.11 -5.02 -38.48
CA VAL A 300 -0.66 -5.15 -38.49
C VAL A 300 -0.25 -6.56 -38.85
N PHE A 301 -0.92 -7.56 -38.28
CA PHE A 301 -0.61 -8.94 -38.61
C PHE A 301 -0.92 -9.24 -40.07
N SER A 302 -2.04 -8.71 -40.57
CA SER A 302 -2.41 -8.95 -41.96
C SER A 302 -1.38 -8.34 -42.90
N ALA A 303 -0.85 -7.16 -42.55
CA ALA A 303 0.17 -6.53 -43.39
C ALA A 303 1.39 -7.42 -43.51
N LEU A 304 1.82 -8.02 -42.40
CA LEU A 304 2.95 -8.93 -42.45
C LEU A 304 2.65 -10.14 -43.32
N LEU A 305 1.43 -10.67 -43.21
CA LEU A 305 1.03 -11.80 -44.06
C LEU A 305 1.07 -11.41 -45.53
N GLU A 306 0.64 -10.19 -45.84
CA GLU A 306 0.70 -9.72 -47.22
C GLU A 306 2.14 -9.71 -47.73
N PHE A 307 3.07 -9.23 -46.91
CA PHE A 307 4.47 -9.23 -47.31
C PHE A 307 4.99 -10.65 -47.50
N ALA A 308 4.65 -11.55 -46.57
CA ALA A 308 5.08 -12.94 -46.71
C ALA A 308 4.50 -13.57 -47.95
N PHE A 309 3.21 -13.36 -48.21
CA PHE A 309 2.60 -13.89 -49.42
C PHE A 309 3.24 -13.28 -50.66
N VAL A 310 3.48 -11.97 -50.63
CA VAL A 310 4.10 -11.30 -51.77
C VAL A 310 5.50 -11.84 -52.00
N ASN A 311 6.28 -11.96 -50.93
CA ASN A 311 7.64 -12.47 -51.05
C ASN A 311 7.68 -13.93 -51.47
N TYR A 312 6.60 -14.68 -51.23
CA TYR A 312 6.56 -16.08 -51.61
C TYR A 312 6.33 -16.27 -53.11
N ILE A 313 5.64 -15.33 -53.75
CA ILE A 313 5.32 -15.41 -55.17
C ILE A 313 6.04 -14.35 -55.98
N THR A 314 7.02 -13.67 -55.38
CA THR A 314 7.73 -12.61 -56.09
C THR A 314 8.55 -13.13 -57.26
N LYS A 315 8.77 -14.43 -57.35
CA LYS A 315 9.54 -15.04 -58.43
C LYS A 315 8.66 -15.63 -59.53
N SER A 316 7.73 -16.52 -59.15
CA SER A 316 6.94 -17.22 -60.16
C SER A 316 6.03 -16.25 -60.91
N GLN A 317 5.30 -15.40 -60.19
CA GLN A 317 4.34 -14.46 -60.78
C GLN A 317 4.55 -13.08 -60.17
N PRO A 318 5.62 -12.38 -60.57
CA PRO A 318 5.84 -11.03 -60.04
C PRO A 318 4.72 -10.06 -60.36
N ALA A 319 3.99 -10.28 -61.45
CA ALA A 319 2.96 -9.32 -61.87
C ALA A 319 1.90 -9.16 -60.78
N ARG A 320 1.41 -10.27 -60.24
CA ARG A 320 0.40 -10.19 -59.20
C ARG A 320 0.98 -9.62 -57.91
N ALA A 321 2.27 -9.86 -57.65
CA ALA A 321 2.88 -9.35 -56.44
C ALA A 321 2.84 -7.82 -56.40
N ALA A 322 3.16 -7.18 -57.52
CA ALA A 322 3.11 -5.72 -57.56
C ALA A 322 1.69 -5.21 -57.40
N LYS A 323 0.72 -5.88 -58.05
CA LYS A 323 -0.66 -5.44 -57.95
C LYS A 323 -1.16 -5.52 -56.51
N ILE A 324 -0.84 -6.60 -55.81
CA ILE A 324 -1.27 -6.76 -54.42
C ILE A 324 -0.66 -5.68 -53.55
N ASP A 325 0.66 -5.45 -53.71
CA ASP A 325 1.32 -4.41 -52.93
C ASP A 325 0.75 -3.04 -53.27
N LYS A 326 0.54 -2.75 -54.55
CA LYS A 326 -0.04 -1.48 -54.94
C LYS A 326 -1.46 -1.34 -54.43
N MET A 327 -2.27 -2.41 -54.56
CA MET A 327 -3.64 -2.36 -54.10
C MET A 327 -3.71 -2.21 -52.58
N SER A 328 -2.81 -2.91 -51.87
CA SER A 328 -2.83 -2.86 -50.42
C SER A 328 -2.60 -1.45 -49.89
N ARG A 329 -1.88 -0.63 -50.64
CA ARG A 329 -1.62 0.75 -50.19
C ARG A 329 -2.92 1.53 -50.04
N ILE A 330 -3.94 1.18 -50.81
CA ILE A 330 -5.21 1.88 -50.78
C ILE A 330 -6.23 1.17 -49.90
N VAL A 331 -6.28 -0.17 -49.98
CA VAL A 331 -7.30 -0.91 -49.27
C VAL A 331 -7.14 -0.77 -47.76
N PHE A 332 -5.92 -0.98 -47.26
CA PHE A 332 -5.72 -1.00 -45.82
C PHE A 332 -6.08 0.32 -45.16
N PRO A 333 -5.60 1.48 -45.62
CA PRO A 333 -6.01 2.73 -44.97
C PRO A 333 -7.51 2.95 -44.98
N ILE A 334 -8.18 2.57 -46.06
CA ILE A 334 -9.62 2.79 -46.16
C ILE A 334 -10.36 1.94 -45.14
N LEU A 335 -10.01 0.66 -45.05
CA LEU A 335 -10.69 -0.23 -44.12
C LEU A 335 -10.48 0.22 -42.68
N PHE A 336 -9.25 0.58 -42.32
CA PHE A 336 -8.99 1.03 -40.96
C PHE A 336 -9.72 2.33 -40.67
N GLY A 337 -9.72 3.27 -41.61
CA GLY A 337 -10.47 4.49 -41.42
C GLY A 337 -11.97 4.22 -41.35
N THR A 338 -12.46 3.31 -42.20
CA THR A 338 -13.88 2.97 -42.15
C THR A 338 -14.25 2.33 -40.82
N PHE A 339 -13.38 1.46 -40.30
CA PHE A 339 -13.67 0.79 -39.04
C PHE A 339 -13.83 1.79 -37.90
N ASN A 340 -12.97 2.81 -37.87
CA ASN A 340 -13.04 3.79 -36.79
C ASN A 340 -14.38 4.51 -36.78
N LEU A 341 -14.88 4.90 -37.95
CA LEU A 341 -16.17 5.58 -38.00
C LEU A 341 -17.27 4.71 -37.42
N VAL A 342 -17.30 3.43 -37.80
CA VAL A 342 -18.28 2.51 -37.25
C VAL A 342 -18.06 2.33 -35.75
N TYR A 343 -16.80 2.15 -35.35
CA TYR A 343 -16.50 1.92 -33.94
C TYR A 343 -16.90 3.12 -33.09
N TRP A 344 -16.41 4.30 -33.46
CA TRP A 344 -16.71 5.49 -32.67
C TRP A 344 -18.19 5.83 -32.70
N ALA A 345 -18.81 5.75 -33.87
CA ALA A 345 -20.23 6.07 -33.97
C ALA A 345 -21.07 5.10 -33.15
N THR A 346 -20.72 3.82 -33.18
CA THR A 346 -21.52 2.82 -32.47
C THR A 346 -21.52 3.08 -30.97
N TYR A 347 -20.36 3.37 -30.40
CA TYR A 347 -20.22 3.54 -28.96
C TYR A 347 -20.44 4.98 -28.50
N LEU A 348 -20.45 5.95 -29.41
CA LEU A 348 -20.73 7.34 -29.07
C LEU A 348 -22.14 7.75 -29.43
N ASN A 349 -23.00 6.80 -29.80
CA ASN A 349 -24.38 7.10 -30.14
C ASN A 349 -25.35 6.24 -29.34
N ASN B 14 2.07 24.47 49.76
CA ASN B 14 2.10 25.62 48.86
C ASN B 14 1.56 25.25 47.48
N ILE B 15 1.60 23.96 47.16
CA ILE B 15 1.08 23.48 45.89
C ILE B 15 -0.40 23.15 45.95
N THR B 16 -0.95 22.89 47.13
CA THR B 16 -2.37 22.57 47.24
C THR B 16 -3.25 23.72 46.80
N ILE B 17 -2.73 24.96 46.81
CA ILE B 17 -3.53 26.11 46.39
C ILE B 17 -3.96 25.94 44.94
N PHE B 18 -3.06 25.45 44.08
CA PHE B 18 -3.40 25.24 42.68
C PHE B 18 -4.53 24.22 42.56
N THR B 19 -4.49 23.16 43.37
CA THR B 19 -5.54 22.16 43.32
C THR B 19 -6.89 22.75 43.66
N ARG B 20 -6.94 23.64 44.66
CA ARG B 20 -8.20 24.26 45.03
C ARG B 20 -8.75 25.10 43.90
N ILE B 21 -7.89 25.84 43.21
CA ILE B 21 -8.34 26.68 42.10
C ILE B 21 -8.98 25.83 41.01
N LEU B 22 -8.29 24.78 40.58
CA LEU B 22 -8.81 23.93 39.52
C LEU B 22 -10.12 23.28 39.93
N ASP B 23 -10.19 22.78 41.16
CA ASP B 23 -11.44 22.20 41.64
C ASP B 23 -12.55 23.23 41.67
N GLY B 24 -12.24 24.46 42.08
CA GLY B 24 -13.26 25.50 42.13
C GLY B 24 -13.81 25.85 40.76
N LEU B 25 -12.92 25.95 39.77
CA LEU B 25 -13.37 26.31 38.43
C LEU B 25 -14.32 25.26 37.85
N LEU B 26 -13.98 23.98 38.03
CA LEU B 26 -14.83 22.92 37.50
C LEU B 26 -16.13 22.78 38.27
N ASP B 27 -16.19 23.27 39.51
CA ASP B 27 -17.42 23.18 40.28
C ASP B 27 -18.49 24.04 39.64
N GLY B 28 -19.66 23.46 39.41
CA GLY B 28 -20.73 24.19 38.75
C GLY B 28 -20.36 24.64 37.35
N TYR B 29 -19.61 23.81 36.62
CA TYR B 29 -19.18 24.12 35.28
C TYR B 29 -19.78 23.10 34.31
N ASP B 30 -20.42 23.60 33.26
CA ASP B 30 -21.03 22.75 32.23
C ASP B 30 -20.23 22.92 30.94
N ASN B 31 -19.58 21.84 30.52
CA ASN B 31 -18.80 21.85 29.29
C ASN B 31 -19.64 21.75 28.04
N ARG B 32 -20.95 21.48 28.19
CA ARG B 32 -21.85 21.38 27.05
C ARG B 32 -22.33 22.73 26.56
N LEU B 33 -22.01 23.81 27.26
CA LEU B 33 -22.48 25.15 26.94
C LEU B 33 -21.30 26.04 26.61
N ARG B 34 -21.41 26.78 25.50
CA ARG B 34 -20.34 27.69 25.13
C ARG B 34 -20.33 28.90 26.05
N PRO B 35 -19.17 29.54 26.24
CA PRO B 35 -19.13 30.75 27.06
C PRO B 35 -19.95 31.86 26.43
N GLY B 36 -20.54 32.69 27.30
CA GLY B 36 -21.37 33.77 26.84
C GLY B 36 -22.58 33.32 26.06
N LEU B 37 -23.17 32.18 26.44
CA LEU B 37 -24.34 31.67 25.75
C LEU B 37 -25.54 32.54 26.06
N GLY B 38 -26.27 32.93 25.01
CA GLY B 38 -27.43 33.77 25.17
C GLY B 38 -27.15 35.16 25.68
N GLU B 39 -25.88 35.59 25.66
CA GLU B 39 -25.51 36.91 26.17
C GLU B 39 -24.68 37.67 25.16
N ARG B 40 -23.92 36.95 24.35
CA ARG B 40 -23.03 37.57 23.36
C ARG B 40 -22.60 36.47 22.38
N ILE B 41 -21.67 36.81 21.50
CA ILE B 41 -21.16 35.89 20.48
C ILE B 41 -19.73 35.51 20.86
N THR B 42 -19.46 34.21 20.89
CA THR B 42 -18.13 33.73 21.23
C THR B 42 -17.17 34.03 20.07
N GLN B 43 -16.02 34.61 20.41
CA GLN B 43 -15.01 34.99 19.44
C GLN B 43 -13.76 34.16 19.68
N VAL B 44 -13.26 33.53 18.61
CA VAL B 44 -12.12 32.63 18.69
C VAL B 44 -11.01 33.18 17.81
N ARG B 45 -9.80 33.27 18.36
CA ARG B 45 -8.62 33.71 17.63
C ARG B 45 -7.76 32.50 17.33
N THR B 46 -7.41 32.33 16.06
CA THR B 46 -6.70 31.16 15.57
C THR B 46 -5.34 31.57 15.02
N ASP B 47 -4.30 30.84 15.41
CA ASP B 47 -2.96 30.99 14.86
C ASP B 47 -2.42 29.61 14.54
N MET B 48 -1.72 29.50 13.43
CA MET B 48 -1.23 28.23 12.92
C MET B 48 0.26 28.29 12.67
N TYR B 49 0.96 27.22 13.03
CA TYR B 49 2.37 27.05 12.73
C TYR B 49 2.54 25.72 12.01
N VAL B 50 3.11 25.76 10.82
CA VAL B 50 3.27 24.56 9.99
C VAL B 50 4.65 23.99 10.28
N ASN B 51 4.67 22.89 11.03
CA ASN B 51 5.95 22.24 11.33
C ASN B 51 6.60 21.69 10.09
N SER B 52 5.82 21.09 9.20
CA SER B 52 6.35 20.53 7.96
C SER B 52 5.20 20.41 6.96
N PHE B 53 5.42 20.92 5.75
CA PHE B 53 4.44 20.81 4.67
C PHE B 53 4.63 19.46 4.01
N GLY B 54 3.74 18.52 4.33
CA GLY B 54 3.87 17.15 3.89
C GLY B 54 3.90 17.02 2.38
N PRO B 55 4.10 15.80 1.91
CA PRO B 55 4.15 15.56 0.46
C PRO B 55 2.83 15.86 -0.20
N VAL B 56 2.90 16.29 -1.46
CA VAL B 56 1.73 16.58 -2.27
C VAL B 56 1.53 15.43 -3.24
N SER B 57 0.41 14.73 -3.11
CA SER B 57 0.09 13.59 -3.96
C SER B 57 -0.74 14.09 -5.13
N ASP B 58 -0.08 14.29 -6.27
CA ASP B 58 -0.79 14.78 -7.45
C ASP B 58 -1.84 13.77 -7.90
N THR B 59 -1.51 12.47 -7.83
CA THR B 59 -2.45 11.44 -8.28
C THR B 59 -3.74 11.48 -7.46
N GLU B 60 -3.62 11.64 -6.15
CA GLU B 60 -4.78 11.67 -5.27
C GLU B 60 -5.29 13.08 -5.00
N MET B 61 -4.64 14.10 -5.55
CA MET B 61 -5.08 15.49 -5.37
C MET B 61 -5.17 15.84 -3.89
N GLU B 62 -4.21 15.37 -3.11
CA GLU B 62 -4.17 15.63 -1.68
C GLU B 62 -2.75 16.03 -1.27
N TYR B 63 -2.67 16.77 -0.18
CA TYR B 63 -1.39 17.17 0.39
C TYR B 63 -1.46 17.00 1.90
N THR B 64 -0.43 16.42 2.47
CA THR B 64 -0.33 16.27 3.91
C THR B 64 0.35 17.49 4.52
N ILE B 65 -0.01 17.78 5.77
CA ILE B 65 0.53 18.94 6.47
C ILE B 65 0.43 18.68 7.97
N ASP B 66 1.50 19.02 8.68
CA ASP B 66 1.56 18.92 10.13
C ASP B 66 1.63 20.32 10.71
N ILE B 67 0.71 20.63 11.63
CA ILE B 67 0.58 21.98 12.16
C ILE B 67 0.40 21.92 13.67
N PHE B 68 0.67 23.04 14.32
CA PHE B 68 0.37 23.25 15.73
C PHE B 68 -0.77 24.24 15.78
N PHE B 69 -2.00 23.73 15.74
CA PHE B 69 -3.19 24.57 15.67
C PHE B 69 -3.50 25.11 17.06
N ALA B 70 -3.60 26.43 17.17
CA ALA B 70 -3.85 27.11 18.43
C ALA B 70 -5.11 27.94 18.32
N GLN B 71 -5.95 27.85 19.36
CA GLN B 71 -7.18 28.63 19.44
C GLN B 71 -7.21 29.38 20.76
N THR B 72 -7.71 30.60 20.72
CA THR B 72 -7.82 31.45 21.90
C THR B 72 -9.23 32.01 21.98
N TRP B 73 -9.79 32.02 23.18
CA TRP B 73 -11.12 32.56 23.40
C TRP B 73 -11.24 32.99 24.86
N LYS B 74 -12.37 33.59 25.19
CA LYS B 74 -12.62 34.15 26.51
C LYS B 74 -13.76 33.39 27.18
N ASP B 75 -13.51 32.94 28.41
CA ASP B 75 -14.51 32.22 29.20
C ASP B 75 -14.52 32.83 30.59
N GLU B 76 -15.56 33.61 30.89
CA GLU B 76 -15.64 34.28 32.19
C GLU B 76 -15.79 33.29 33.34
N ARG B 77 -16.26 32.07 33.06
CA ARG B 77 -16.42 31.07 34.10
C ARG B 77 -15.10 30.56 34.65
N LEU B 78 -13.99 30.83 33.97
CA LEU B 78 -12.68 30.34 34.37
C LEU B 78 -11.84 31.40 35.08
N ARG B 79 -12.45 32.52 35.46
CA ARG B 79 -11.72 33.53 36.21
C ARG B 79 -11.26 32.96 37.54
N PHE B 80 -10.06 33.37 37.97
CA PHE B 80 -9.51 32.92 39.23
C PHE B 80 -8.54 33.96 39.76
N LYS B 81 -8.27 33.85 41.07
CA LYS B 81 -7.31 34.72 41.73
C LYS B 81 -6.27 33.85 42.42
N GLY B 82 -5.00 34.17 42.21
CA GLY B 82 -3.92 33.41 42.80
C GLY B 82 -2.57 34.06 42.58
N PRO B 83 -1.53 33.50 43.20
CA PRO B 83 -0.19 34.09 43.05
C PRO B 83 0.29 34.11 41.62
N MET B 84 -0.08 33.12 40.81
CA MET B 84 0.35 33.02 39.42
C MET B 84 -0.76 33.50 38.50
N GLN B 85 -0.37 34.31 37.51
CA GLN B 85 -1.32 34.85 36.54
C GLN B 85 -1.65 33.85 35.44
N ARG B 86 -0.93 32.73 35.36
CA ARG B 86 -1.13 31.74 34.31
C ARG B 86 -1.09 30.36 34.93
N LEU B 87 -1.79 29.42 34.29
CA LEU B 87 -1.86 28.03 34.74
C LEU B 87 -1.55 27.10 33.58
N PRO B 88 -0.26 26.87 33.30
CA PRO B 88 0.09 25.87 32.29
C PRO B 88 -0.44 24.49 32.68
N LEU B 89 -0.94 23.76 31.69
CA LEU B 89 -1.58 22.48 31.93
C LEU B 89 -1.35 21.59 30.72
N ASN B 90 -2.12 20.50 30.64
CA ASN B 90 -1.98 19.52 29.57
C ASN B 90 -3.37 19.07 29.16
N ASN B 91 -3.44 17.97 28.40
CA ASN B 91 -4.70 17.48 27.86
C ASN B 91 -5.66 16.98 28.94
N LEU B 92 -5.19 16.78 30.17
CA LEU B 92 -6.05 16.22 31.20
C LEU B 92 -7.27 17.08 31.45
N LEU B 93 -7.07 18.40 31.51
CA LEU B 93 -8.17 19.32 31.77
C LEU B 93 -8.88 19.77 30.51
N ALA B 94 -8.37 19.42 29.33
CA ALA B 94 -8.99 19.88 28.09
C ALA B 94 -10.42 19.34 27.96
N SER B 95 -10.63 18.07 28.29
CA SER B 95 -11.94 17.47 28.16
C SER B 95 -12.91 17.92 29.24
N LYS B 96 -12.42 18.57 30.30
CA LYS B 96 -13.27 19.01 31.39
C LYS B 96 -13.90 20.37 31.17
N ILE B 97 -13.54 21.06 30.08
CA ILE B 97 -14.06 22.38 29.78
C ILE B 97 -14.58 22.38 28.35
N TRP B 98 -15.19 23.51 27.97
CA TRP B 98 -15.73 23.66 26.64
C TRP B 98 -14.63 24.09 25.67
N THR B 99 -14.56 23.42 24.53
CA THR B 99 -13.67 23.78 23.45
C THR B 99 -14.44 23.82 22.14
N PRO B 100 -14.04 24.68 21.20
CA PRO B 100 -14.77 24.76 19.94
C PRO B 100 -14.68 23.47 19.15
N ASP B 101 -15.75 23.19 18.40
CA ASP B 101 -15.82 22.00 17.56
C ASP B 101 -15.22 22.27 16.18
N THR B 102 -13.99 22.79 16.18
CA THR B 102 -13.34 23.13 14.93
C THR B 102 -13.05 21.88 14.11
N PHE B 103 -13.29 21.96 12.81
CA PHE B 103 -13.04 20.85 11.90
C PHE B 103 -12.64 21.42 10.54
N PHE B 104 -12.00 20.58 9.74
CA PHE B 104 -11.49 20.98 8.44
C PHE B 104 -12.42 20.47 7.36
N HIS B 105 -13.02 21.40 6.61
CA HIS B 105 -14.00 21.03 5.59
C HIS B 105 -13.36 20.20 4.49
N ASN B 106 -12.16 20.57 4.07
CA ASN B 106 -11.46 19.89 2.99
C ASN B 106 -10.55 18.77 3.49
N GLY B 107 -10.55 18.50 4.79
CA GLY B 107 -9.72 17.43 5.32
C GLY B 107 -10.30 16.07 5.07
N LYS B 108 -9.68 15.32 4.14
CA LYS B 108 -10.19 13.98 3.83
C LYS B 108 -9.96 13.02 4.99
N LYS B 109 -8.84 13.18 5.69
CA LYS B 109 -8.54 12.31 6.82
C LYS B 109 -7.53 13.02 7.71
N SER B 110 -7.93 13.32 8.95
CA SER B 110 -7.09 14.01 9.91
C SER B 110 -6.95 13.17 11.16
N PHE B 111 -5.71 13.02 11.64
CA PHE B 111 -5.43 12.25 12.84
C PHE B 111 -4.49 13.05 13.73
N ALA B 112 -4.58 12.79 15.03
CA ALA B 112 -3.78 13.48 16.02
C ALA B 112 -2.55 12.66 16.38
N HIS B 113 -1.73 13.23 17.25
CA HIS B 113 -0.52 12.59 17.76
C HIS B 113 -0.70 12.35 19.25
N TRP B 114 -0.51 11.11 19.69
CA TRP B 114 -0.81 10.71 21.05
C TRP B 114 0.40 10.24 21.84
N MET B 115 1.60 10.27 21.25
CA MET B 115 2.81 9.80 21.92
C MET B 115 3.77 10.97 22.14
N THR B 116 4.44 10.99 23.29
CA THR B 116 4.32 10.04 24.40
C THR B 116 3.02 10.31 25.16
N THR B 117 2.59 11.55 25.12
CA THR B 117 1.36 12.03 25.73
C THR B 117 0.57 12.81 24.69
N PRO B 118 -0.76 12.79 24.75
CA PRO B 118 -1.54 13.57 23.79
C PRO B 118 -1.02 14.99 23.64
N ASN B 119 -0.59 15.34 22.43
CA ASN B 119 0.09 16.61 22.17
C ASN B 119 -0.94 17.72 22.17
N ARG B 120 -1.29 18.16 23.38
CA ARG B 120 -2.22 19.26 23.57
C ARG B 120 -1.75 20.12 24.74
N MET B 121 -2.07 21.39 24.68
CA MET B 121 -1.71 22.34 25.72
C MET B 121 -2.92 23.18 26.09
N LEU B 122 -3.01 23.53 27.37
CA LEU B 122 -4.11 24.33 27.88
C LEU B 122 -3.56 25.32 28.89
N ARG B 123 -3.80 26.60 28.65
CA ARG B 123 -3.34 27.66 29.53
C ARG B 123 -4.49 28.61 29.82
N ILE B 124 -4.57 29.08 31.06
CA ILE B 124 -5.66 29.92 31.53
C ILE B 124 -5.09 31.10 32.28
N TRP B 125 -5.64 32.27 32.03
CA TRP B 125 -5.25 33.51 32.69
C TRP B 125 -6.33 33.92 33.68
N ASN B 126 -6.00 34.93 34.49
CA ASN B 126 -6.94 35.41 35.50
C ASN B 126 -8.23 35.91 34.88
N ASP B 127 -8.11 36.68 33.79
CA ASP B 127 -9.28 37.26 33.14
C ASP B 127 -10.22 36.22 32.55
N GLY B 128 -9.77 34.97 32.42
CA GLY B 128 -10.56 33.93 31.81
C GLY B 128 -10.16 33.57 30.40
N ARG B 129 -9.13 34.22 29.86
CA ARG B 129 -8.65 33.87 28.53
C ARG B 129 -8.07 32.47 28.52
N VAL B 130 -8.37 31.72 27.46
CA VAL B 130 -7.99 30.33 27.34
C VAL B 130 -7.18 30.16 26.06
N LEU B 131 -6.08 29.43 26.17
CA LEU B 131 -5.26 29.05 25.03
C LEU B 131 -5.28 27.53 24.90
N TYR B 132 -5.66 27.05 23.71
CA TYR B 132 -5.77 25.62 23.45
C TYR B 132 -4.97 25.33 22.18
N THR B 133 -3.85 24.62 22.35
CA THR B 133 -2.96 24.29 21.26
C THR B 133 -3.02 22.78 21.00
N LEU B 134 -3.11 22.41 19.73
CA LEU B 134 -3.25 21.03 19.33
C LEU B 134 -2.39 20.77 18.11
N ARG B 135 -1.76 19.60 18.08
CA ARG B 135 -0.95 19.18 16.94
C ARG B 135 -1.77 18.25 16.06
N LEU B 136 -1.74 18.50 14.76
CA LEU B 136 -2.59 17.78 13.81
C LEU B 136 -1.78 17.43 12.57
N THR B 137 -2.23 16.37 11.90
CA THR B 137 -1.72 15.98 10.59
C THR B 137 -2.92 15.85 9.66
N ILE B 138 -3.03 16.77 8.71
CA ILE B 138 -4.21 16.90 7.87
C ILE B 138 -3.87 16.43 6.47
N SER B 139 -4.64 15.47 5.96
CA SER B 139 -4.53 15.01 4.58
C SER B 139 -5.64 15.67 3.77
N ALA B 140 -5.44 16.95 3.46
CA ALA B 140 -6.44 17.73 2.77
C ALA B 140 -6.40 17.45 1.27
N GLU B 141 -7.40 17.98 0.58
CA GLU B 141 -7.56 17.80 -0.86
C GLU B 141 -7.21 19.10 -1.57
N CYS B 142 -6.38 18.99 -2.62
CA CYS B 142 -5.91 20.15 -3.39
C CYS B 142 -6.20 19.91 -4.86
N PRO B 143 -7.39 20.26 -5.33
CA PRO B 143 -7.66 20.13 -6.77
C PRO B 143 -6.71 20.97 -7.59
N MET B 144 -6.29 20.42 -8.73
CA MET B 144 -5.28 21.05 -9.57
C MET B 144 -5.73 21.06 -11.01
N ASP B 145 -5.33 22.09 -11.73
CA ASP B 145 -5.58 22.23 -13.17
C ASP B 145 -4.24 22.04 -13.87
N LEU B 146 -4.00 20.81 -14.31
CA LEU B 146 -2.72 20.46 -14.94
C LEU B 146 -2.74 20.73 -16.44
N GLU B 147 -3.10 21.96 -16.81
CA GLU B 147 -3.07 22.38 -18.20
C GLU B 147 -1.69 22.88 -18.63
N ASP B 148 -0.99 23.55 -17.72
CA ASP B 148 0.36 24.04 -17.97
C ASP B 148 1.42 23.14 -17.37
N PHE B 149 1.05 21.94 -16.94
CA PHE B 149 2.00 21.03 -16.32
C PHE B 149 3.13 20.73 -17.31
N PRO B 150 4.39 20.69 -16.85
CA PRO B 150 4.87 20.92 -15.48
C PRO B 150 5.10 22.38 -15.12
N MET B 151 4.81 23.32 -16.02
CA MET B 151 4.94 24.74 -15.71
C MET B 151 3.65 25.28 -15.10
N ASP B 152 3.18 24.64 -14.03
CA ASP B 152 1.91 24.97 -13.42
C ASP B 152 2.12 25.47 -12.00
N GLU B 153 1.25 26.38 -11.58
CA GLU B 153 1.23 26.91 -10.23
C GLU B 153 -0.06 26.48 -9.55
N GLN B 154 0.05 25.95 -8.34
CA GLN B 154 -1.08 25.42 -7.61
C GLN B 154 -1.31 26.23 -6.33
N ASN B 155 -2.57 26.33 -5.93
CA ASN B 155 -2.99 27.09 -4.75
C ASN B 155 -3.78 26.13 -3.87
N CYS B 156 -3.07 25.39 -3.02
CA CYS B 156 -3.72 24.40 -2.17
C CYS B 156 -4.33 25.08 -0.94
N PRO B 157 -5.63 24.97 -0.72
CA PRO B 157 -6.26 25.66 0.41
C PRO B 157 -6.29 24.80 1.68
N LEU B 158 -6.74 25.44 2.76
CA LEU B 158 -6.92 24.76 4.04
C LEU B 158 -8.07 25.47 4.75
N LYS B 159 -9.25 24.86 4.72
CA LYS B 159 -10.47 25.45 5.24
C LYS B 159 -10.86 24.76 6.54
N PHE B 160 -11.22 25.56 7.54
CA PHE B 160 -11.66 25.03 8.82
C PHE B 160 -12.67 25.97 9.44
N GLY B 161 -13.47 25.42 10.33
CA GLY B 161 -14.51 26.19 11.00
C GLY B 161 -15.28 25.32 11.95
N SER B 162 -16.29 25.93 12.57
CA SER B 162 -17.13 25.21 13.51
C SER B 162 -18.08 24.28 12.78
N TYR B 163 -18.38 23.15 13.42
CA TYR B 163 -19.31 22.18 12.86
C TYR B 163 -20.73 22.38 13.35
N ALA B 164 -20.91 22.77 14.61
CA ALA B 164 -22.23 22.86 15.21
C ALA B 164 -22.64 24.29 15.58
N TYR B 165 -21.69 25.21 15.74
CA TYR B 165 -22.02 26.56 16.19
C TYR B 165 -22.01 27.50 15.00
N PRO B 166 -23.15 28.06 14.59
CA PRO B 166 -23.16 28.96 13.43
C PRO B 166 -22.45 30.28 13.68
N ASN B 167 -22.47 31.16 12.67
CA ASN B 167 -21.84 32.46 12.81
C ASN B 167 -22.47 33.28 13.92
N SER B 168 -23.75 33.05 14.20
CA SER B 168 -24.45 33.81 15.23
C SER B 168 -23.96 33.49 16.63
N GLU B 169 -23.19 32.41 16.80
CA GLU B 169 -22.73 32.00 18.12
C GLU B 169 -21.22 31.99 18.23
N VAL B 170 -20.52 31.40 17.26
CA VAL B 170 -19.07 31.30 17.26
C VAL B 170 -18.52 31.91 15.99
N VAL B 171 -17.52 32.78 16.13
CA VAL B 171 -16.88 33.44 15.01
C VAL B 171 -15.37 33.24 15.14
N TYR B 172 -14.73 32.86 14.04
CA TYR B 172 -13.29 32.69 13.99
C TYR B 172 -12.66 33.89 13.29
N VAL B 173 -11.57 34.39 13.87
CA VAL B 173 -10.81 35.50 13.30
C VAL B 173 -9.34 35.24 13.50
N TRP B 174 -8.54 35.56 12.49
CA TRP B 174 -7.10 35.45 12.62
C TRP B 174 -6.58 36.47 13.63
N THR B 175 -5.49 36.13 14.30
CA THR B 175 -4.89 36.97 15.32
C THR B 175 -3.73 37.76 14.72
N ASN B 176 -3.66 39.04 15.06
CA ASN B 176 -2.59 39.92 14.58
C ASN B 176 -2.67 39.94 13.05
N GLY B 177 -1.54 40.20 12.39
CA GLY B 177 -1.49 40.26 10.94
C GLY B 177 -1.45 38.88 10.31
N SER B 178 -1.42 38.89 8.98
CA SER B 178 -1.40 37.63 8.24
C SER B 178 -0.11 36.85 8.51
N THR B 179 1.01 37.56 8.61
CA THR B 179 2.30 36.89 8.81
C THR B 179 2.30 36.08 10.11
N LYS B 180 1.81 36.68 11.19
CA LYS B 180 1.76 35.97 12.46
C LYS B 180 0.66 34.93 12.48
N SER B 181 -0.39 35.13 11.68
CA SER B 181 -1.52 34.19 11.69
C SER B 181 -1.08 32.80 11.24
N VAL B 182 -0.29 32.72 10.18
CA VAL B 182 0.22 31.47 9.64
C VAL B 182 1.73 31.58 9.52
N VAL B 183 2.44 30.58 10.04
CA VAL B 183 3.89 30.54 10.01
C VAL B 183 4.33 29.16 9.54
N VAL B 184 5.33 29.12 8.66
CA VAL B 184 5.86 27.89 8.11
C VAL B 184 7.33 27.78 8.51
N ALA B 185 7.71 26.62 9.02
CA ALA B 185 9.09 26.41 9.41
C ALA B 185 10.01 26.48 8.20
N GLU B 186 11.23 26.97 8.43
CA GLU B 186 12.17 27.14 7.34
C GLU B 186 12.47 25.82 6.67
N ASP B 187 12.73 24.78 7.46
CA ASP B 187 13.01 23.46 6.90
C ASP B 187 11.74 22.69 6.55
N GLY B 188 10.59 23.09 7.09
CA GLY B 188 9.36 22.40 6.79
C GLY B 188 8.93 22.55 5.34
N SER B 189 9.11 23.75 4.79
CA SER B 189 8.71 24.04 3.41
C SER B 189 9.79 23.50 2.46
N ARG B 190 9.87 22.18 2.41
CA ARG B 190 10.81 21.49 1.53
C ARG B 190 10.08 20.34 0.85
N LEU B 191 9.97 20.41 -0.47
CA LEU B 191 9.33 19.38 -1.27
C LEU B 191 10.21 19.03 -2.46
N ASN B 192 10.05 17.81 -2.95
CA ASN B 192 10.85 17.33 -4.06
C ASN B 192 10.44 17.93 -5.40
N GLN B 193 9.17 18.35 -5.54
CA GLN B 193 8.68 18.82 -6.82
C GLN B 193 7.80 20.06 -6.69
N TYR B 194 8.02 20.86 -5.65
CA TYR B 194 7.24 22.07 -5.46
C TYR B 194 8.05 23.09 -4.66
N HIS B 195 7.81 24.36 -4.93
CA HIS B 195 8.34 25.47 -4.16
C HIS B 195 7.20 26.17 -3.45
N LEU B 196 7.35 26.39 -2.15
CA LEU B 196 6.34 27.06 -1.35
C LEU B 196 6.60 28.56 -1.43
N MET B 197 5.96 29.21 -2.41
CA MET B 197 6.20 30.64 -2.62
C MET B 197 5.73 31.47 -1.44
N GLY B 198 4.56 31.15 -0.89
CA GLY B 198 4.04 31.92 0.21
C GLY B 198 2.69 31.41 0.65
N GLN B 199 2.10 32.13 1.60
CA GLN B 199 0.81 31.76 2.17
C GLN B 199 -0.09 32.99 2.22
N THR B 200 -1.39 32.74 2.14
CA THR B 200 -2.40 33.79 2.28
C THR B 200 -3.54 33.27 3.13
N VAL B 201 -4.23 34.20 3.80
CA VAL B 201 -5.31 33.86 4.72
C VAL B 201 -6.52 34.71 4.35
N GLY B 202 -7.71 34.11 4.47
CA GLY B 202 -8.95 34.79 4.15
C GLY B 202 -10.09 34.24 4.97
N THR B 203 -11.24 34.87 4.82
CA THR B 203 -12.45 34.47 5.53
C THR B 203 -13.64 34.59 4.59
N GLU B 204 -14.71 33.89 4.93
CA GLU B 204 -15.93 33.93 4.14
C GLU B 204 -17.04 33.24 4.92
N ASN B 205 -18.25 33.73 4.74
CA ASN B 205 -19.45 33.15 5.36
C ASN B 205 -20.11 32.23 4.35
N ILE B 206 -20.55 31.07 4.80
CA ILE B 206 -21.24 30.10 3.97
C ILE B 206 -22.62 29.86 4.56
N SER B 207 -23.62 29.84 3.68
CA SER B 207 -25.00 29.59 4.08
C SER B 207 -25.32 28.12 3.86
N THR B 208 -25.88 27.47 4.88
CA THR B 208 -26.22 26.07 4.83
C THR B 208 -27.63 25.87 5.36
N SER B 209 -28.13 24.64 5.22
CA SER B 209 -29.43 24.30 5.77
C SER B 209 -29.47 24.43 7.28
N THR B 210 -28.33 24.30 7.94
CA THR B 210 -28.24 24.40 9.40
C THR B 210 -27.89 25.81 9.87
N GLY B 211 -27.74 26.76 8.96
CA GLY B 211 -27.43 28.14 9.30
C GLY B 211 -26.16 28.62 8.61
N GLU B 212 -25.81 29.86 8.94
CA GLU B 212 -24.62 30.50 8.38
C GLU B 212 -23.41 30.20 9.26
N TYR B 213 -22.30 29.87 8.61
CA TYR B 213 -21.05 29.57 9.29
C TYR B 213 -19.92 30.39 8.68
N THR B 214 -19.03 30.87 9.52
CA THR B 214 -17.85 31.58 9.07
C THR B 214 -16.71 30.57 8.82
N ILE B 215 -16.01 30.75 7.72
CA ILE B 215 -14.98 29.83 7.27
C ILE B 215 -13.66 30.56 7.22
N MET B 216 -12.64 29.99 7.86
CA MET B 216 -11.29 30.52 7.81
C MET B 216 -10.50 29.72 6.79
N THR B 217 -9.95 30.41 5.79
CA THR B 217 -9.28 29.77 4.67
C THR B 217 -7.83 30.20 4.62
N ALA B 218 -6.95 29.24 4.40
CA ALA B 218 -5.52 29.48 4.22
C ALA B 218 -5.07 28.83 2.93
N HIS B 219 -4.43 29.60 2.07
CA HIS B 219 -3.97 29.13 0.77
C HIS B 219 -2.44 29.11 0.74
N PHE B 220 -1.89 28.02 0.20
CA PHE B 220 -0.46 27.86 0.05
C PHE B 220 -0.13 27.90 -1.45
N HIS B 221 0.75 28.82 -1.83
CA HIS B 221 1.12 28.99 -3.23
C HIS B 221 2.26 28.05 -3.56
N LEU B 222 2.02 27.15 -4.50
CA LEU B 222 3.00 26.14 -4.90
C LEU B 222 3.46 26.42 -6.33
N LYS B 223 4.77 26.52 -6.51
CA LYS B 223 5.39 26.70 -7.82
C LYS B 223 6.19 25.44 -8.11
N ARG B 224 5.69 24.61 -9.02
CA ARG B 224 6.36 23.36 -9.32
C ARG B 224 7.77 23.62 -9.81
N LYS B 225 8.73 22.88 -9.26
CA LYS B 225 10.13 23.00 -9.65
C LYS B 225 10.41 21.98 -10.75
N ILE B 226 10.92 22.46 -11.86
CA ILE B 226 11.21 21.61 -13.00
C ILE B 226 12.66 21.15 -12.94
N GLY B 227 12.94 20.03 -13.58
CA GLY B 227 14.27 19.46 -13.58
C GLY B 227 14.23 17.95 -13.47
N TYR B 228 13.22 17.41 -12.77
CA TYR B 228 13.03 15.97 -12.75
C TYR B 228 12.43 15.50 -14.07
N PHE B 229 11.46 16.23 -14.61
CA PHE B 229 10.86 15.86 -15.88
C PHE B 229 11.80 16.12 -17.04
N VAL B 230 12.68 17.10 -16.90
CA VAL B 230 13.69 17.34 -17.93
C VAL B 230 14.60 16.13 -18.06
N ILE B 231 15.04 15.59 -16.92
CA ILE B 231 15.90 14.41 -16.94
C ILE B 231 15.14 13.14 -17.26
N GLN B 232 13.83 13.13 -17.03
CA GLN B 232 13.02 11.92 -17.16
C GLN B 232 12.24 11.85 -18.46
N THR B 233 11.71 12.98 -18.93
CA THR B 233 10.85 13.00 -20.11
C THR B 233 11.41 13.82 -21.26
N TYR B 234 11.76 15.08 -21.02
CA TYR B 234 12.13 15.96 -22.13
C TYR B 234 13.42 15.51 -22.79
N LEU B 235 14.47 15.28 -22.01
CA LEU B 235 15.76 14.92 -22.60
C LEU B 235 15.68 13.64 -23.42
N PRO B 236 15.11 12.54 -22.90
CA PRO B 236 14.97 11.35 -23.76
C PRO B 236 14.22 11.63 -25.04
N CYS B 237 13.17 12.47 -24.97
CA CYS B 237 12.46 12.85 -26.17
C CYS B 237 13.34 13.68 -27.10
N ILE B 238 14.10 14.62 -26.55
CA ILE B 238 14.95 15.47 -27.38
C ILE B 238 16.03 14.64 -28.06
N MET B 239 16.72 13.81 -27.29
CA MET B 239 17.79 13.00 -27.87
C MET B 239 17.24 11.97 -28.84
N THR B 240 16.04 11.46 -28.59
CA THR B 240 15.43 10.51 -29.51
C THR B 240 15.18 11.16 -30.86
N VAL B 241 14.71 12.41 -30.88
CA VAL B 241 14.49 13.12 -32.13
C VAL B 241 15.81 13.30 -32.87
N ILE B 242 16.86 13.68 -32.15
CA ILE B 242 18.18 13.84 -32.77
C ILE B 242 18.65 12.52 -33.36
N LEU B 243 18.37 11.42 -32.66
CA LEU B 243 18.76 10.11 -33.15
C LEU B 243 18.11 9.82 -34.49
N SER B 244 16.83 10.16 -34.64
CA SER B 244 16.13 9.92 -35.89
C SER B 244 16.76 10.71 -37.03
N GLN B 245 17.14 11.95 -36.77
CA GLN B 245 17.71 12.80 -37.81
C GLN B 245 19.04 12.27 -38.33
N VAL B 246 19.70 11.38 -37.58
CA VAL B 246 20.93 10.78 -38.05
C VAL B 246 20.69 9.97 -39.31
N SER B 247 19.48 9.43 -39.47
CA SER B 247 19.17 8.64 -40.66
C SER B 247 19.31 9.45 -41.94
N PHE B 248 19.13 10.77 -41.84
CA PHE B 248 19.25 11.61 -43.03
C PHE B 248 20.68 11.62 -43.58
N TRP B 249 21.66 11.27 -42.78
CA TRP B 249 23.06 11.28 -43.20
C TRP B 249 23.52 9.94 -43.74
N LEU B 250 22.63 8.96 -43.84
CA LEU B 250 22.95 7.66 -44.41
C LEU B 250 22.47 7.58 -45.84
N ASN B 251 23.12 6.71 -46.61
CA ASN B 251 22.77 6.57 -48.02
C ASN B 251 21.40 5.94 -48.18
N ARG B 252 20.72 6.28 -49.28
CA ARG B 252 19.37 5.79 -49.50
C ARG B 252 19.35 4.27 -49.66
N GLU B 253 20.34 3.72 -50.36
CA GLU B 253 20.37 2.28 -50.62
C GLU B 253 20.38 1.47 -49.33
N SER B 254 20.85 2.05 -48.22
CA SER B 254 20.85 1.37 -46.93
C SER B 254 19.43 1.40 -46.35
N VAL B 255 18.57 0.61 -46.98
CA VAL B 255 17.16 0.60 -46.62
C VAL B 255 16.98 0.08 -45.20
N ALA B 256 17.63 -1.03 -44.87
CA ALA B 256 17.46 -1.62 -43.55
C ALA B 256 18.00 -0.70 -42.46
N ALA B 257 19.15 -0.06 -42.71
CA ALA B 257 19.75 0.78 -41.70
C ALA B 257 18.83 1.94 -41.33
N ARG B 258 18.33 2.67 -42.32
CA ARG B 258 17.46 3.80 -42.03
C ARG B 258 16.12 3.35 -41.48
N THR B 259 15.69 2.13 -41.82
CA THR B 259 14.43 1.61 -41.27
C THR B 259 14.54 1.43 -39.76
N VAL B 260 15.69 0.96 -39.28
CA VAL B 260 15.86 0.75 -37.84
C VAL B 260 15.74 2.06 -37.09
N PHE B 261 16.35 3.13 -37.60
CA PHE B 261 16.26 4.43 -36.95
C PHE B 261 14.80 4.85 -36.80
N GLY B 262 14.06 4.84 -37.91
CA GLY B 262 12.68 5.31 -37.86
C GLY B 262 11.80 4.46 -36.98
N VAL B 263 11.88 3.14 -37.13
CA VAL B 263 11.02 2.26 -36.37
C VAL B 263 11.35 2.32 -34.89
N THR B 264 12.62 2.21 -34.54
CA THR B 264 13.01 2.21 -33.13
C THR B 264 12.65 3.54 -32.47
N THR B 265 12.90 4.66 -33.14
CA THR B 265 12.60 5.95 -32.56
C THR B 265 11.10 6.13 -32.34
N VAL B 266 10.28 5.72 -33.32
CA VAL B 266 8.84 5.88 -33.20
C VAL B 266 8.32 5.10 -31.99
N LEU B 267 8.76 3.84 -31.86
CA LEU B 267 8.36 3.05 -30.70
C LEU B 267 8.90 3.64 -29.41
N THR B 268 10.13 4.14 -29.45
CA THR B 268 10.72 4.75 -28.25
C THR B 268 9.88 5.91 -27.76
N MET B 269 9.45 6.78 -28.68
CA MET B 269 8.60 7.90 -28.30
C MET B 269 7.25 7.41 -27.77
N THR B 270 6.73 6.34 -28.37
CA THR B 270 5.44 5.82 -27.92
C THR B 270 5.50 5.36 -26.47
N THR B 271 6.54 4.61 -26.10
CA THR B 271 6.65 4.13 -24.73
C THR B 271 6.96 5.27 -23.76
N LEU B 272 7.67 6.29 -24.21
CA LEU B 272 7.95 7.43 -23.34
C LEU B 272 6.65 8.13 -22.94
N SER B 273 5.72 8.30 -23.88
CA SER B 273 4.44 8.90 -23.55
C SER B 273 3.69 8.07 -22.52
N ILE B 274 3.69 6.74 -22.70
CA ILE B 274 3.04 5.86 -21.73
C ILE B 274 3.73 5.97 -20.37
N SER B 275 5.06 5.92 -20.37
CA SER B 275 5.80 5.99 -19.12
C SER B 275 5.59 7.32 -18.42
N ALA B 276 5.56 8.41 -19.19
CA ALA B 276 5.45 9.74 -18.58
C ALA B 276 4.16 9.88 -17.80
N ARG B 277 3.06 9.38 -18.34
CA ARG B 277 1.76 9.55 -17.71
C ARG B 277 1.49 8.53 -16.61
N ASN B 278 2.37 7.54 -16.43
CA ASN B 278 2.17 6.57 -15.36
C ASN B 278 2.16 7.26 -14.00
N SER B 279 3.13 8.15 -13.75
CA SER B 279 3.15 8.92 -12.51
C SER B 279 2.12 10.04 -12.53
N LEU B 280 1.90 10.65 -13.69
CA LEU B 280 0.97 11.76 -13.77
C LEU B 280 -0.46 11.28 -13.51
N PRO B 281 -1.30 12.13 -12.92
CA PRO B 281 -2.71 11.74 -12.71
C PRO B 281 -3.40 11.49 -14.04
N LYS B 282 -4.38 10.58 -14.01
CA LYS B 282 -5.11 10.17 -15.21
C LYS B 282 -6.16 11.21 -15.57
N VAL B 283 -5.68 12.41 -15.90
CA VAL B 283 -6.55 13.51 -16.30
C VAL B 283 -6.95 13.33 -17.75
N ALA B 284 -8.20 13.68 -18.05
CA ALA B 284 -8.74 13.51 -19.39
C ALA B 284 -8.56 14.77 -20.24
N TYR B 285 -7.34 15.30 -20.27
CA TYR B 285 -7.01 16.42 -21.13
C TYR B 285 -5.51 16.45 -21.33
N ALA B 286 -5.09 17.16 -22.38
CA ALA B 286 -3.70 17.23 -22.77
C ALA B 286 -2.96 18.28 -21.97
N THR B 287 -1.75 17.96 -21.57
CA THR B 287 -0.88 18.87 -20.84
C THR B 287 0.19 19.42 -21.77
N ALA B 288 0.96 20.38 -21.25
CA ALA B 288 2.04 20.96 -22.05
C ALA B 288 3.08 19.90 -22.40
N MET B 289 3.39 19.02 -21.45
CA MET B 289 4.33 17.93 -21.73
C MET B 289 3.80 17.02 -22.82
N ASP B 290 2.48 16.75 -22.82
CA ASP B 290 1.90 15.90 -23.84
C ASP B 290 2.07 16.51 -25.22
N TRP B 291 1.86 17.82 -25.35
CA TRP B 291 2.07 18.48 -26.63
C TRP B 291 3.53 18.38 -27.07
N PHE B 292 4.46 18.55 -26.13
CA PHE B 292 5.87 18.44 -26.47
C PHE B 292 6.19 17.05 -26.99
N ILE B 293 5.66 16.01 -26.32
CA ILE B 293 5.87 14.65 -26.79
C ILE B 293 5.23 14.45 -28.16
N ALA B 294 4.02 14.97 -28.34
CA ALA B 294 3.33 14.81 -29.60
C ALA B 294 4.12 15.42 -30.75
N VAL B 295 4.66 16.62 -30.55
CA VAL B 295 5.47 17.26 -31.58
C VAL B 295 6.72 16.43 -31.84
N CYS B 296 7.38 15.96 -30.78
CA CYS B 296 8.55 15.11 -30.95
C CYS B 296 8.18 13.84 -31.70
N TYR B 297 7.00 13.29 -31.43
CA TYR B 297 6.55 12.10 -32.16
C TYR B 297 6.37 12.41 -33.64
N ALA B 298 5.90 13.62 -33.96
CA ALA B 298 5.73 14.00 -35.36
C ALA B 298 7.07 14.05 -36.09
N PHE B 299 8.10 14.60 -35.44
CA PHE B 299 9.40 14.71 -36.09
C PHE B 299 9.97 13.34 -36.42
N VAL B 300 9.94 12.42 -35.46
CA VAL B 300 10.48 11.08 -35.71
C VAL B 300 9.63 10.38 -36.76
N PHE B 301 8.31 10.47 -36.66
CA PHE B 301 7.44 9.86 -37.65
C PHE B 301 7.63 10.50 -39.02
N SER B 302 7.77 11.82 -39.05
CA SER B 302 7.98 12.52 -40.32
C SER B 302 9.27 12.09 -40.98
N ALA B 303 10.33 11.89 -40.18
CA ALA B 303 11.60 11.44 -40.74
C ALA B 303 11.46 10.10 -41.43
N LEU B 304 10.71 9.17 -40.81
CA LEU B 304 10.47 7.89 -41.44
C LEU B 304 9.70 8.05 -42.74
N LEU B 305 8.69 8.93 -42.75
CA LEU B 305 7.95 9.19 -43.97
C LEU B 305 8.85 9.74 -45.06
N GLU B 306 9.78 10.62 -44.69
CA GLU B 306 10.73 11.14 -45.67
C GLU B 306 11.55 10.02 -46.29
N PHE B 307 12.02 9.09 -45.47
CA PHE B 307 12.77 7.97 -45.99
C PHE B 307 11.91 7.11 -46.92
N ALA B 308 10.67 6.83 -46.50
CA ALA B 308 9.78 6.04 -47.35
C ALA B 308 9.50 6.74 -48.66
N PHE B 309 9.22 8.05 -48.60
CA PHE B 309 9.00 8.80 -49.82
C PHE B 309 10.25 8.83 -50.69
N VAL B 310 11.41 9.03 -50.07
CA VAL B 310 12.66 9.04 -50.82
C VAL B 310 12.91 7.69 -51.46
N ASN B 311 12.73 6.61 -50.69
CA ASN B 311 12.96 5.27 -51.22
C ASN B 311 11.94 4.90 -52.29
N TYR B 312 10.77 5.56 -52.30
CA TYR B 312 9.76 5.26 -53.31
C TYR B 312 10.10 5.88 -54.66
N ILE B 313 10.81 7.00 -54.67
CA ILE B 313 11.16 7.71 -55.90
C ILE B 313 12.65 7.66 -56.18
N THR B 314 13.40 6.81 -55.47
CA THR B 314 14.84 6.75 -55.66
C THR B 314 15.22 6.20 -57.03
N LYS B 315 14.28 5.63 -57.77
CA LYS B 315 14.55 5.09 -59.10
C LYS B 315 14.11 6.03 -60.22
N SER B 316 12.84 6.44 -60.20
CA SER B 316 12.32 7.25 -61.30
C SER B 316 13.02 8.61 -61.37
N GLN B 317 13.11 9.30 -60.24
CA GLN B 317 13.69 10.64 -60.17
C GLN B 317 14.66 10.71 -59.00
N PRO B 318 15.85 10.11 -59.16
CA PRO B 318 16.84 10.18 -58.07
C PRO B 318 17.27 11.60 -57.73
N ALA B 319 17.21 12.51 -58.69
CA ALA B 319 17.71 13.87 -58.45
C ALA B 319 16.96 14.53 -57.29
N ARG B 320 15.63 14.44 -57.30
CA ARG B 320 14.86 15.05 -56.22
C ARG B 320 15.08 14.30 -54.91
N ALA B 321 15.34 13.00 -54.97
CA ALA B 321 15.55 12.23 -53.75
C ALA B 321 16.75 12.74 -52.98
N ALA B 322 17.86 13.01 -53.67
CA ALA B 322 19.04 13.53 -53.00
C ALA B 322 18.77 14.93 -52.43
N LYS B 323 18.07 15.77 -53.18
CA LYS B 323 17.79 17.12 -52.71
C LYS B 323 16.96 17.08 -51.43
N ILE B 324 15.92 16.23 -51.39
CA ILE B 324 15.09 16.13 -50.21
C ILE B 324 15.90 15.66 -49.02
N ASP B 325 16.70 14.61 -49.21
CA ASP B 325 17.53 14.10 -48.13
C ASP B 325 18.54 15.15 -47.68
N LYS B 326 19.18 15.84 -48.63
CA LYS B 326 20.12 16.88 -48.27
C LYS B 326 19.42 18.04 -47.57
N MET B 327 18.26 18.46 -48.10
CA MET B 327 17.53 19.56 -47.49
C MET B 327 17.03 19.18 -46.10
N SER B 328 16.57 17.94 -45.94
CA SER B 328 16.03 17.51 -44.65
C SER B 328 17.07 17.59 -43.54
N ARG B 329 18.36 17.45 -43.89
CA ARG B 329 19.40 17.52 -42.88
C ARG B 329 19.43 18.88 -42.19
N ILE B 330 19.00 19.93 -42.90
CA ILE B 330 19.02 21.28 -42.37
C ILE B 330 17.65 21.68 -41.82
N VAL B 331 16.58 21.32 -42.52
CA VAL B 331 15.25 21.78 -42.13
C VAL B 331 14.85 21.20 -40.78
N PHE B 332 15.01 19.89 -40.61
CA PHE B 332 14.52 19.24 -39.39
C PHE B 332 15.18 19.78 -38.14
N PRO B 333 16.52 19.87 -38.04
CA PRO B 333 17.10 20.43 -36.82
C PRO B 333 16.65 21.84 -36.52
N ILE B 334 16.47 22.66 -37.55
CA ILE B 334 16.07 24.05 -37.34
C ILE B 334 14.66 24.12 -36.77
N LEU B 335 13.73 23.36 -37.36
CA LEU B 335 12.35 23.40 -36.90
C LEU B 335 12.25 22.90 -35.45
N PHE B 336 12.94 21.80 -35.14
CA PHE B 336 12.89 21.28 -33.78
C PHE B 336 13.51 22.27 -32.80
N GLY B 337 14.65 22.85 -33.17
CA GLY B 337 15.24 23.87 -32.32
C GLY B 337 14.36 25.09 -32.17
N THR B 338 13.73 25.51 -33.28
CA THR B 338 12.82 26.65 -33.22
C THR B 338 11.63 26.36 -32.33
N PHE B 339 11.09 25.13 -32.41
CA PHE B 339 9.93 24.79 -31.61
C PHE B 339 10.24 24.89 -30.12
N ASN B 340 11.43 24.44 -29.71
CA ASN B 340 11.77 24.47 -28.29
C ASN B 340 11.77 25.90 -27.77
N LEU B 341 12.34 26.84 -28.52
CA LEU B 341 12.35 28.22 -28.07
C LEU B 341 10.95 28.75 -27.84
N VAL B 342 10.04 28.48 -28.78
CA VAL B 342 8.66 28.89 -28.62
C VAL B 342 8.03 28.15 -27.44
N TYR B 343 8.26 26.85 -27.34
CA TYR B 343 7.65 26.07 -26.27
C TYR B 343 8.13 26.53 -24.90
N TRP B 344 9.45 26.60 -24.72
CA TRP B 344 9.98 26.99 -23.42
C TRP B 344 9.63 28.44 -23.09
N ALA B 345 9.76 29.34 -24.06
CA ALA B 345 9.45 30.73 -23.81
C ALA B 345 7.98 30.92 -23.45
N THR B 346 7.08 30.21 -24.14
CA THR B 346 5.66 30.37 -23.89
C THR B 346 5.29 29.99 -22.47
N TYR B 347 5.80 28.86 -22.00
CA TYR B 347 5.44 28.34 -20.68
C TYR B 347 6.33 28.85 -19.57
N LEU B 348 7.48 29.46 -19.89
CA LEU B 348 8.36 30.04 -18.90
C LEU B 348 8.22 31.56 -18.81
N ASN B 349 7.23 32.14 -19.47
CA ASN B 349 7.02 33.57 -19.44
C ASN B 349 5.58 33.90 -19.04
N ASN C 14 1.50 -9.64 54.61
CA ASN C 14 2.79 -9.01 54.38
C ASN C 14 2.79 -8.22 53.08
N ILE C 15 1.88 -8.57 52.17
CA ILE C 15 1.77 -7.86 50.90
C ILE C 15 0.84 -6.65 50.99
N THR C 16 -0.06 -6.62 51.97
CA THR C 16 -0.98 -5.49 52.09
C THR C 16 -0.25 -4.19 52.39
N ILE C 17 0.97 -4.26 52.92
CA ILE C 17 1.72 -3.05 53.21
C ILE C 17 1.97 -2.26 51.93
N PHE C 18 2.30 -2.95 50.84
CA PHE C 18 2.51 -2.27 49.57
C PHE C 18 1.25 -1.56 49.11
N THR C 19 0.09 -2.19 49.30
CA THR C 19 -1.17 -1.56 48.91
C THR C 19 -1.39 -0.27 49.68
N ARG C 20 -1.08 -0.26 50.97
CA ARG C 20 -1.26 0.95 51.76
C ARG C 20 -0.38 2.08 51.26
N ILE C 21 0.87 1.76 50.90
CA ILE C 21 1.79 2.78 50.40
C ILE C 21 1.24 3.42 49.14
N LEU C 22 0.85 2.60 48.17
CA LEU C 22 0.35 3.13 46.90
C LEU C 22 -0.90 3.96 47.12
N ASP C 23 -1.81 3.48 47.96
CA ASP C 23 -3.02 4.25 48.26
C ASP C 23 -2.67 5.58 48.92
N GLY C 24 -1.69 5.55 49.84
CA GLY C 24 -1.31 6.78 50.52
C GLY C 24 -0.73 7.81 49.56
N LEU C 25 0.13 7.37 48.63
CA LEU C 25 0.75 8.30 47.70
C LEU C 25 -0.29 8.99 46.83
N LEU C 26 -1.26 8.23 46.32
CA LEU C 26 -2.28 8.81 45.47
C LEU C 26 -3.26 9.69 46.23
N ASP C 27 -3.37 9.50 47.54
CA ASP C 27 -4.27 10.33 48.33
C ASP C 27 -3.77 11.77 48.34
N GLY C 28 -4.67 12.70 48.02
CA GLY C 28 -4.28 14.09 47.93
C GLY C 28 -3.22 14.34 46.89
N TYR C 29 -3.29 13.65 45.76
CA TYR C 29 -2.31 13.78 44.68
C TYR C 29 -3.03 14.29 43.43
N ASP C 30 -2.50 15.36 42.84
CA ASP C 30 -3.04 15.95 41.63
C ASP C 30 -2.07 15.69 40.50
N ASN C 31 -2.51 14.90 39.51
CA ASN C 31 -1.68 14.59 38.36
C ASN C 31 -1.64 15.71 37.34
N ARG C 32 -2.48 16.74 37.50
CA ARG C 32 -2.50 17.86 36.58
C ARG C 32 -1.43 18.89 36.89
N LEU C 33 -0.67 18.73 37.96
CA LEU C 33 0.33 19.69 38.39
C LEU C 33 1.70 19.02 38.38
N ARG C 34 2.68 19.70 37.80
CA ARG C 34 4.03 19.17 37.77
C ARG C 34 4.66 19.25 39.16
N PRO C 35 5.60 18.36 39.47
CA PRO C 35 6.30 18.46 40.76
C PRO C 35 7.09 19.75 40.87
N GLY C 36 7.17 20.26 42.09
CA GLY C 36 7.88 21.51 42.32
C GLY C 36 7.28 22.68 41.59
N LEU C 37 5.96 22.72 41.44
CA LEU C 37 5.30 23.82 40.76
C LEU C 37 5.38 25.09 41.59
N GLY C 38 5.79 26.19 40.97
CA GLY C 38 5.91 27.45 41.67
C GLY C 38 6.97 27.48 42.75
N GLU C 39 7.87 26.48 42.78
CA GLU C 39 8.90 26.43 43.80
C GLU C 39 10.28 26.25 43.17
N ARG C 40 10.34 25.59 42.03
CA ARG C 40 11.60 25.31 41.35
C ARG C 40 11.27 24.88 39.92
N ILE C 41 12.29 24.43 39.19
CA ILE C 41 12.16 23.99 37.81
C ILE C 41 12.31 22.49 37.77
N THR C 42 11.36 21.82 37.14
CA THR C 42 11.42 20.37 37.02
C THR C 42 12.51 19.97 36.04
N GLN C 43 13.36 19.03 36.45
CA GLN C 43 14.48 18.55 35.65
C GLN C 43 14.25 17.09 35.30
N VAL C 44 14.36 16.78 34.02
CA VAL C 44 14.09 15.44 33.49
C VAL C 44 15.37 14.91 32.85
N ARG C 45 15.74 13.69 33.21
CA ARG C 45 16.89 13.00 32.64
C ARG C 45 16.40 11.94 31.68
N THR C 46 16.91 11.98 30.45
CA THR C 46 16.45 11.11 29.37
C THR C 46 17.58 10.20 28.91
N ASP C 47 17.28 8.92 28.78
CA ASP C 47 18.19 7.95 28.19
C ASP C 47 17.42 7.12 27.17
N MET C 48 18.07 6.81 26.06
CA MET C 48 17.43 6.13 24.95
C MET C 48 18.23 4.89 24.56
N TYR C 49 17.52 3.80 24.28
CA TYR C 49 18.10 2.58 23.73
C TYR C 49 17.38 2.24 22.45
N VAL C 50 18.11 2.11 21.36
CA VAL C 50 17.54 1.85 20.05
C VAL C 50 17.55 0.34 19.84
N ASN C 51 16.37 -0.28 19.96
CA ASN C 51 16.27 -1.72 19.75
C ASN C 51 16.60 -2.08 18.31
N SER C 52 16.11 -1.30 17.36
CA SER C 52 16.36 -1.55 15.94
C SER C 52 16.15 -0.26 15.16
N PHE C 53 17.13 0.09 14.34
CA PHE C 53 17.04 1.26 13.49
C PHE C 53 16.28 0.87 12.23
N GLY C 54 15.02 1.27 12.16
CA GLY C 54 14.13 0.83 11.11
C GLY C 54 14.61 1.24 9.74
N PRO C 55 13.89 0.82 8.71
CA PRO C 55 14.28 1.15 7.34
C PRO C 55 14.20 2.65 7.09
N VAL C 56 15.08 3.11 6.19
CA VAL C 56 15.12 4.51 5.79
C VAL C 56 14.48 4.62 4.41
N SER C 57 13.37 5.35 4.34
CA SER C 57 12.63 5.54 3.09
C SER C 57 13.15 6.81 2.43
N ASP C 58 14.04 6.65 1.45
CA ASP C 58 14.57 7.81 0.75
C ASP C 58 13.48 8.56 0.01
N THR C 59 12.54 7.83 -0.59
CA THR C 59 11.47 8.47 -1.35
C THR C 59 10.64 9.39 -0.46
N GLU C 60 10.30 8.92 0.75
CA GLU C 60 9.48 9.69 1.67
C GLU C 60 10.30 10.51 2.65
N MET C 61 11.63 10.44 2.58
CA MET C 61 12.51 11.21 3.46
C MET C 61 12.18 10.94 4.93
N GLU C 62 11.91 9.68 5.25
CA GLU C 62 11.58 9.28 6.61
C GLU C 62 12.35 8.02 6.96
N TYR C 63 12.58 7.84 8.27
CA TYR C 63 13.22 6.64 8.78
C TYR C 63 12.48 6.18 10.02
N THR C 64 12.23 4.89 10.09
CA THR C 64 11.58 4.30 11.26
C THR C 64 12.64 3.90 12.28
N ILE C 65 12.24 3.92 13.55
CA ILE C 65 13.14 3.59 14.64
C ILE C 65 12.30 3.12 15.83
N ASP C 66 12.77 2.06 16.48
CA ASP C 66 12.14 1.51 17.68
C ASP C 66 13.09 1.71 18.85
N ILE C 67 12.60 2.36 19.90
CA ILE C 67 13.43 2.73 21.03
C ILE C 67 12.70 2.39 22.33
N PHE C 68 13.49 2.31 23.40
CA PHE C 68 12.98 2.20 24.76
C PHE C 68 13.28 3.53 25.45
N PHE C 69 12.35 4.47 25.32
CA PHE C 69 12.55 5.82 25.82
C PHE C 69 12.32 5.84 27.32
N ALA C 70 13.31 6.31 28.07
CA ALA C 70 13.25 6.36 29.52
C ALA C 70 13.43 7.79 30.00
N GLN C 71 12.60 8.18 30.96
CA GLN C 71 12.67 9.51 31.56
C GLN C 71 12.75 9.35 33.07
N THR C 72 13.56 10.22 33.69
CA THR C 72 13.73 10.22 35.14
C THR C 72 13.56 11.63 35.66
N TRP C 73 12.86 11.75 36.79
CA TRP C 73 12.64 13.05 37.42
C TRP C 73 12.37 12.83 38.89
N LYS C 74 12.25 13.93 39.62
CA LYS C 74 12.08 13.92 41.07
C LYS C 74 10.72 14.48 41.43
N ASP C 75 9.97 13.72 42.24
CA ASP C 75 8.66 14.15 42.71
C ASP C 75 8.60 13.91 44.21
N GLU C 76 8.68 14.99 44.99
CA GLU C 76 8.67 14.87 46.44
C GLU C 76 7.36 14.32 46.98
N ARG C 77 6.27 14.43 46.21
CA ARG C 77 4.98 13.93 46.66
C ARG C 77 4.93 12.41 46.71
N LEU C 78 5.89 11.73 46.10
CA LEU C 78 5.90 10.27 46.04
C LEU C 78 6.84 9.64 47.06
N ARG C 79 7.36 10.42 48.01
CA ARG C 79 8.20 9.86 49.05
C ARG C 79 7.42 8.85 49.87
N PHE C 80 8.10 7.78 50.29
CA PHE C 80 7.47 6.74 51.09
C PHE C 80 8.53 6.04 51.92
N LYS C 81 8.06 5.35 52.96
CA LYS C 81 8.92 4.56 53.83
C LYS C 81 8.39 3.14 53.87
N GLY C 82 9.29 2.17 53.67
CA GLY C 82 8.91 0.79 53.67
C GLY C 82 10.10 -0.14 53.62
N PRO C 83 9.86 -1.44 53.76
CA PRO C 83 10.97 -2.40 53.73
C PRO C 83 11.75 -2.38 52.43
N MET C 84 11.10 -2.11 51.31
CA MET C 84 11.74 -2.10 50.00
C MET C 84 12.01 -0.66 49.58
N GLN C 85 13.22 -0.42 49.07
CA GLN C 85 13.62 0.89 48.61
C GLN C 85 13.10 1.21 47.22
N ARG C 86 12.53 0.24 46.52
CA ARG C 86 12.04 0.43 45.16
C ARG C 86 10.69 -0.25 45.01
N LEU C 87 9.88 0.27 44.11
CA LEU C 87 8.54 -0.25 43.83
C LEU C 87 8.38 -0.47 42.34
N PRO C 88 8.84 -1.60 41.81
CA PRO C 88 8.57 -1.92 40.41
C PRO C 88 7.07 -2.00 40.15
N LEU C 89 6.65 -1.49 39.01
CA LEU C 89 5.23 -1.40 38.68
C LEU C 89 5.07 -1.52 37.16
N ASN C 90 3.88 -1.15 36.68
CA ASN C 90 3.55 -1.26 35.27
C ASN C 90 2.74 -0.03 34.87
N ASN C 91 2.12 -0.09 33.69
CA ASN C 91 1.40 1.06 33.16
C ASN C 91 0.16 1.41 33.98
N LEU C 92 -0.28 0.53 34.88
CA LEU C 92 -1.52 0.79 35.61
C LEU C 92 -1.43 2.08 36.41
N LEU C 93 -0.30 2.31 37.07
CA LEU C 93 -0.12 3.51 37.90
C LEU C 93 0.43 4.69 37.10
N ALA C 94 0.81 4.49 35.84
CA ALA C 94 1.40 5.59 35.07
C ALA C 94 0.42 6.72 34.89
N SER C 95 -0.85 6.40 34.59
CA SER C 95 -1.86 7.43 34.37
C SER C 95 -2.33 8.09 35.65
N LYS C 96 -2.01 7.52 36.81
CA LYS C 96 -2.44 8.08 38.09
C LYS C 96 -1.50 9.15 38.62
N ILE C 97 -0.37 9.39 37.96
CA ILE C 97 0.61 10.38 38.41
C ILE C 97 0.95 11.30 37.24
N TRP C 98 1.73 12.32 37.54
CA TRP C 98 2.15 13.27 36.53
C TRP C 98 3.34 12.73 35.75
N THR C 99 3.27 12.82 34.44
CA THR C 99 4.37 12.47 33.55
C THR C 99 4.58 13.59 32.53
N PRO C 100 5.81 13.80 32.09
CA PRO C 100 6.06 14.88 31.14
C PRO C 100 5.36 14.64 29.81
N ASP C 101 4.95 15.73 29.18
CA ASP C 101 4.28 15.67 27.87
C ASP C 101 5.29 15.66 26.73
N THR C 102 6.24 14.74 26.81
CA THR C 102 7.29 14.66 25.81
C THR C 102 6.71 14.25 24.47
N PHE C 103 7.18 14.90 23.41
CA PHE C 103 6.75 14.60 22.06
C PHE C 103 7.90 14.86 21.11
N PHE C 104 7.81 14.27 19.92
CA PHE C 104 8.86 14.36 18.92
C PHE C 104 8.46 15.37 17.85
N HIS C 105 9.25 16.44 17.74
CA HIS C 105 8.92 17.50 16.80
C HIS C 105 8.95 17.01 15.37
N ASN C 106 9.94 16.20 15.02
CA ASN C 106 10.09 15.69 13.66
C ASN C 106 9.39 14.37 13.43
N GLY C 107 8.66 13.87 14.43
CA GLY C 107 7.94 12.61 14.27
C GLY C 107 6.67 12.77 13.46
N LYS C 108 6.69 12.28 12.23
CA LYS C 108 5.51 12.38 11.38
C LYS C 108 4.38 11.51 11.88
N LYS C 109 4.71 10.34 12.42
CA LYS C 109 3.70 9.44 12.96
C LYS C 109 4.36 8.48 13.93
N SER C 110 3.95 8.55 15.19
CA SER C 110 4.52 7.71 16.25
C SER C 110 3.39 6.92 16.90
N PHE C 111 3.62 5.62 17.09
CA PHE C 111 2.66 4.75 17.72
C PHE C 111 3.36 3.89 18.76
N ALA C 112 2.60 3.46 19.76
CA ALA C 112 3.12 2.68 20.86
C ALA C 112 2.84 1.20 20.61
N HIS C 113 3.33 0.36 21.52
CA HIS C 113 3.12 -1.08 21.50
C HIS C 113 2.28 -1.46 22.70
N TRP C 114 1.18 -2.18 22.45
CA TRP C 114 0.20 -2.46 23.48
C TRP C 114 0.03 -3.94 23.78
N MET C 115 0.79 -4.82 23.12
CA MET C 115 0.67 -6.25 23.33
C MET C 115 1.95 -6.80 23.94
N THR C 116 1.82 -7.76 24.87
CA THR C 116 0.56 -8.30 25.39
C THR C 116 -0.08 -7.30 26.34
N THR C 117 0.78 -6.50 26.97
CA THR C 117 0.40 -5.45 27.89
C THR C 117 1.09 -4.16 27.46
N PRO C 118 0.48 -2.99 27.68
CA PRO C 118 1.16 -1.74 27.33
C PRO C 118 2.59 -1.70 27.82
N ASN C 119 3.53 -1.60 26.88
CA ASN C 119 4.95 -1.71 27.17
C ASN C 119 5.42 -0.44 27.86
N ARG C 120 5.15 -0.36 29.16
CA ARG C 120 5.58 0.76 29.97
C ARG C 120 6.01 0.24 31.34
N MET C 121 6.94 0.97 31.94
CA MET C 121 7.47 0.62 33.25
C MET C 121 7.49 1.86 34.13
N LEU C 122 7.24 1.65 35.42
CA LEU C 122 7.22 2.73 36.39
C LEU C 122 7.87 2.24 37.67
N ARG C 123 8.91 2.93 38.12
CA ARG C 123 9.63 2.58 39.33
C ARG C 123 9.78 3.84 40.19
N ILE C 124 9.66 3.66 41.50
CA ILE C 124 9.68 4.76 42.45
C ILE C 124 10.60 4.39 43.60
N TRP C 125 11.42 5.35 44.02
CA TRP C 125 12.34 5.19 45.14
C TRP C 125 11.82 5.97 46.34
N ASN C 126 12.48 5.75 47.48
CA ASN C 126 12.06 6.42 48.71
C ASN C 126 12.17 7.93 48.59
N ASP C 127 13.26 8.42 47.99
CA ASP C 127 13.49 9.84 47.87
C ASP C 127 12.47 10.54 46.98
N GLY C 128 11.68 9.79 46.21
CA GLY C 128 10.73 10.34 45.29
C GLY C 128 11.17 10.31 43.83
N ARG C 129 12.33 9.76 43.54
CA ARG C 129 12.78 9.65 42.16
C ARG C 129 11.89 8.68 41.40
N VAL C 130 11.56 9.05 40.17
CA VAL C 130 10.64 8.30 39.32
C VAL C 130 11.34 7.92 38.04
N LEU C 131 11.19 6.66 37.63
CA LEU C 131 11.68 6.17 36.35
C LEU C 131 10.48 5.74 35.52
N TYR C 132 10.38 6.30 34.32
CA TYR C 132 9.28 6.02 33.40
C TYR C 132 9.87 5.61 32.06
N THR C 133 9.71 4.33 31.71
CA THR C 133 10.25 3.77 30.49
C THR C 133 9.10 3.42 29.56
N LEU C 134 9.26 3.79 28.29
CA LEU C 134 8.21 3.59 27.28
C LEU C 134 8.85 3.12 25.99
N ARG C 135 8.18 2.19 25.32
CA ARG C 135 8.62 1.69 24.03
C ARG C 135 7.86 2.40 22.92
N LEU C 136 8.58 2.87 21.92
CA LEU C 136 8.00 3.68 20.86
C LEU C 136 8.54 3.24 19.50
N THR C 137 7.75 3.51 18.47
CA THR C 137 8.16 3.34 17.08
C THR C 137 7.90 4.66 16.37
N ILE C 138 8.97 5.36 16.01
CA ILE C 138 8.89 6.72 15.50
C ILE C 138 9.20 6.71 14.01
N SER C 139 8.28 7.24 13.21
CA SER C 139 8.50 7.43 11.78
C SER C 139 8.87 8.89 11.54
N ALA C 140 10.12 9.21 11.87
CA ALA C 140 10.59 10.58 11.77
C ALA C 140 10.95 10.94 10.34
N GLU C 141 11.23 12.22 10.12
CA GLU C 141 11.57 12.75 8.80
C GLU C 141 13.05 13.07 8.77
N CYS C 142 13.73 12.64 7.72
CA CYS C 142 15.17 12.83 7.54
C CYS C 142 15.42 13.47 6.18
N PRO C 143 15.39 14.80 6.10
CA PRO C 143 15.71 15.46 4.83
C PRO C 143 17.13 15.12 4.40
N MET C 144 17.31 14.94 3.09
CA MET C 144 18.58 14.50 2.55
C MET C 144 18.95 15.37 1.34
N ASP C 145 20.25 15.57 1.17
CA ASP C 145 20.81 16.29 0.03
C ASP C 145 21.51 15.25 -0.84
N LEU C 146 20.78 14.77 -1.86
CA LEU C 146 21.28 13.72 -2.75
C LEU C 146 22.08 14.30 -3.90
N GLU C 147 23.08 15.13 -3.58
CA GLU C 147 23.96 15.68 -4.60
C GLU C 147 25.13 14.75 -4.89
N ASP C 148 25.63 14.05 -3.88
CA ASP C 148 26.70 13.08 -4.04
C ASP C 148 26.18 11.65 -4.09
N PHE C 149 24.89 11.47 -4.24
CA PHE C 149 24.33 10.13 -4.28
C PHE C 149 24.94 9.33 -5.42
N PRO C 150 25.28 8.06 -5.22
CA PRO C 150 25.14 7.26 -3.98
C PRO C 150 26.29 7.42 -3.00
N MET C 151 27.28 8.26 -3.28
CA MET C 151 28.37 8.51 -2.34
C MET C 151 28.02 9.65 -1.39
N ASP C 152 26.88 9.52 -0.71
CA ASP C 152 26.35 10.56 0.15
C ASP C 152 26.31 10.09 1.59
N GLU C 153 26.51 11.03 2.51
CA GLU C 153 26.41 10.79 3.94
C GLU C 153 25.24 11.59 4.48
N GLN C 154 24.39 10.94 5.26
CA GLN C 154 23.18 11.56 5.79
C GLN C 154 23.25 11.61 7.31
N ASN C 155 22.64 12.64 7.87
CA ASN C 155 22.61 12.88 9.32
C ASN C 155 21.14 13.01 9.73
N CYS C 156 20.52 11.88 10.02
CA CYS C 156 19.10 11.87 10.36
C CYS C 156 18.92 12.24 11.82
N PRO C 157 18.18 13.30 12.14
CA PRO C 157 18.03 13.72 13.52
C PRO C 157 16.83 13.08 14.22
N LEU C 158 16.74 13.34 15.52
CA LEU C 158 15.61 12.89 16.33
C LEU C 158 15.42 13.92 17.43
N LYS C 159 14.41 14.77 17.27
CA LYS C 159 14.18 15.89 18.17
C LYS C 159 12.94 15.61 19.02
N PHE C 160 13.06 15.87 20.31
CA PHE C 160 11.94 15.68 21.22
C PHE C 160 12.02 16.71 22.34
N GLY C 161 10.88 16.97 22.96
CA GLY C 161 10.81 17.91 24.05
C GLY C 161 9.39 18.03 24.55
N SER C 162 9.21 18.93 25.51
CA SER C 162 7.90 19.16 26.10
C SER C 162 7.01 19.93 25.13
N TYR C 163 5.71 19.64 25.18
CA TYR C 163 4.74 20.32 24.35
C TYR C 163 4.10 21.50 25.05
N ALA C 164 3.86 21.39 26.36
CA ALA C 164 3.14 22.42 27.10
C ALA C 164 3.97 23.13 28.16
N TYR C 165 5.07 22.52 28.62
CA TYR C 165 5.85 23.10 29.69
C TYR C 165 7.09 23.78 29.12
N PRO C 166 7.21 25.11 29.19
CA PRO C 166 8.39 25.77 28.62
C PRO C 166 9.67 25.49 29.39
N ASN C 167 10.76 26.11 28.94
CA ASN C 167 12.04 25.92 29.60
C ASN C 167 12.01 26.40 31.04
N SER C 168 11.17 27.39 31.34
CA SER C 168 11.09 27.92 32.70
C SER C 168 10.49 26.94 33.69
N GLU C 169 9.88 25.86 33.22
CA GLU C 169 9.22 24.89 34.09
C GLU C 169 9.83 23.50 33.98
N VAL C 170 10.04 23.01 32.77
CA VAL C 170 10.56 21.67 32.53
C VAL C 170 11.80 21.79 31.65
N VAL C 171 12.88 21.12 32.07
CA VAL C 171 14.13 21.11 31.32
C VAL C 171 14.57 19.67 31.14
N TYR C 172 14.96 19.32 29.93
CA TYR C 172 15.47 17.99 29.61
C TYR C 172 16.98 18.03 29.49
N VAL C 173 17.64 17.04 30.09
CA VAL C 173 19.08 16.90 30.03
C VAL C 173 19.43 15.43 29.89
N TRP C 174 20.43 15.14 29.08
CA TRP C 174 20.91 13.78 28.95
C TRP C 174 21.58 13.33 30.24
N THR C 175 21.49 12.03 30.51
CA THR C 175 22.06 11.46 31.72
C THR C 175 23.43 10.86 31.43
N ASN C 176 24.37 11.10 32.34
CA ASN C 176 25.74 10.59 32.20
C ASN C 176 26.32 11.14 30.89
N GLY C 177 27.27 10.42 30.30
CA GLY C 177 27.90 10.85 29.08
C GLY C 177 27.04 10.56 27.85
N SER C 178 27.57 10.98 26.70
CA SER C 178 26.84 10.77 25.44
C SER C 178 26.66 9.30 25.14
N THR C 179 27.68 8.48 25.42
CA THR C 179 27.60 7.07 25.10
C THR C 179 26.46 6.39 25.83
N LYS C 180 26.31 6.68 27.13
CA LYS C 180 25.22 6.09 27.88
C LYS C 180 23.88 6.74 27.54
N SER C 181 23.90 7.98 27.09
CA SER C 181 22.66 8.69 26.79
C SER C 181 21.88 7.99 25.67
N VAL C 182 22.58 7.60 24.61
CA VAL C 182 21.97 6.90 23.49
C VAL C 182 22.76 5.63 23.22
N VAL C 183 22.05 4.51 23.10
CA VAL C 183 22.66 3.21 22.87
C VAL C 183 21.90 2.52 21.73
N VAL C 184 22.65 1.89 20.84
CA VAL C 184 22.09 1.20 19.67
C VAL C 184 22.48 -0.27 19.78
N ALA C 185 21.50 -1.15 19.62
CA ALA C 185 21.76 -2.58 19.68
C ALA C 185 22.69 -2.98 18.54
N GLU C 186 23.53 -3.98 18.82
CA GLU C 186 24.51 -4.44 17.83
C GLU C 186 23.81 -4.91 16.56
N ASP C 187 22.77 -5.74 16.71
CA ASP C 187 22.04 -6.23 15.55
C ASP C 187 20.99 -5.24 15.05
N GLY C 188 20.62 -4.25 15.87
CA GLY C 188 19.63 -3.28 15.43
C GLY C 188 20.14 -2.40 14.31
N SER C 189 21.41 -1.99 14.38
CA SER C 189 22.01 -1.11 13.38
C SER C 189 22.40 -1.94 12.16
N ARG C 190 21.38 -2.43 11.47
CA ARG C 190 21.56 -3.22 10.25
C ARG C 190 20.58 -2.71 9.20
N LEU C 191 21.10 -2.19 8.11
CA LEU C 191 20.29 -1.69 7.00
C LEU C 191 20.85 -2.21 5.69
N ASN C 192 19.98 -2.30 4.69
CA ASN C 192 20.36 -2.83 3.39
C ASN C 192 21.19 -1.84 2.58
N GLN C 193 21.04 -0.53 2.83
CA GLN C 193 21.72 0.47 2.00
C GLN C 193 22.29 1.60 2.84
N TYR C 194 22.64 1.33 4.09
CA TYR C 194 23.22 2.36 4.95
C TYR C 194 24.08 1.72 6.02
N HIS C 195 25.12 2.43 6.42
CA HIS C 195 25.95 2.06 7.56
C HIS C 195 25.75 3.09 8.67
N LEU C 196 25.48 2.61 9.87
CA LEU C 196 25.30 3.48 11.04
C LEU C 196 26.66 3.76 11.64
N MET C 197 27.29 4.84 11.21
CA MET C 197 28.64 5.16 11.67
C MET C 197 28.65 5.47 13.15
N GLY C 198 27.68 6.25 13.63
CA GLY C 198 27.66 6.61 15.03
C GLY C 198 26.49 7.51 15.33
N GLN C 199 26.45 7.97 16.58
CA GLN C 199 25.38 8.82 17.07
C GLN C 199 25.96 10.01 17.83
N THR C 200 25.24 11.12 17.80
CA THR C 200 25.60 12.31 18.56
C THR C 200 24.35 12.88 19.21
N VAL C 201 24.54 13.59 20.32
CA VAL C 201 23.46 14.17 21.09
C VAL C 201 23.76 15.63 21.34
N GLY C 202 22.72 16.46 21.31
CA GLY C 202 22.87 17.88 21.53
C GLY C 202 21.62 18.47 22.12
N THR C 203 21.68 19.76 22.44
CA THR C 203 20.56 20.48 23.02
C THR C 203 20.52 21.87 22.44
N GLU C 204 19.35 22.49 22.52
CA GLU C 204 19.16 23.85 22.02
C GLU C 204 17.82 24.37 22.51
N ASN C 205 17.76 25.67 22.76
CA ASN C 205 16.54 26.35 23.16
C ASN C 205 15.89 26.97 21.93
N ILE C 206 14.58 26.84 21.82
CA ILE C 206 13.81 27.40 20.72
C ILE C 206 12.80 28.38 21.30
N SER C 207 12.69 29.54 20.67
CA SER C 207 11.73 30.56 21.07
C SER C 207 10.48 30.45 20.20
N THR C 208 9.33 30.42 20.86
CA THR C 208 8.05 30.28 20.18
C THR C 208 7.08 31.31 20.73
N SER C 209 5.92 31.40 20.08
CA SER C 209 4.87 32.29 20.57
C SER C 209 4.37 31.89 21.94
N THR C 210 4.49 30.62 22.30
CA THR C 210 4.06 30.11 23.60
C THR C 210 5.16 30.10 24.64
N GLY C 211 6.36 30.56 24.29
CA GLY C 211 7.48 30.62 25.21
C GLY C 211 8.68 29.87 24.68
N GLU C 212 9.72 29.84 25.52
CA GLU C 212 10.96 29.16 25.19
C GLU C 212 10.91 27.71 25.64
N TYR C 213 11.37 26.81 24.77
CA TYR C 213 11.40 25.39 25.05
C TYR C 213 12.79 24.84 24.76
N THR C 214 13.24 23.93 25.61
CA THR C 214 14.50 23.25 25.40
C THR C 214 14.27 22.00 24.57
N ILE C 215 15.14 21.77 23.60
CA ILE C 215 15.00 20.69 22.63
C ILE C 215 16.20 19.76 22.76
N MET C 216 15.93 18.47 22.91
CA MET C 216 16.95 17.44 22.95
C MET C 216 17.03 16.80 21.57
N THR C 217 18.23 16.85 20.97
CA THR C 217 18.43 16.40 19.60
C THR C 217 19.43 15.26 19.57
N ALA C 218 19.10 14.23 18.80
CA ALA C 218 19.99 13.10 18.58
C ALA C 218 20.15 12.90 17.08
N HIS C 219 21.39 12.84 16.62
CA HIS C 219 21.71 12.68 15.21
C HIS C 219 22.36 11.32 14.97
N PHE C 220 21.92 10.66 13.92
CA PHE C 220 22.47 9.37 13.51
C PHE C 220 23.22 9.56 12.20
N HIS C 221 24.50 9.20 12.19
CA HIS C 221 25.34 9.36 11.02
C HIS C 221 25.20 8.14 10.12
N LEU C 222 24.73 8.35 8.90
CA LEU C 222 24.48 7.28 7.95
C LEU C 222 25.45 7.42 6.79
N LYS C 223 26.18 6.34 6.51
CA LYS C 223 27.10 6.25 5.38
C LYS C 223 26.53 5.22 4.42
N ARG C 224 26.00 5.69 3.29
CA ARG C 224 25.37 4.78 2.34
C ARG C 224 26.38 3.75 1.85
N LYS C 225 25.99 2.49 1.84
CA LYS C 225 26.84 1.41 1.39
C LYS C 225 26.56 1.17 -0.10
N ILE C 226 27.61 1.22 -0.90
CA ILE C 226 27.48 1.05 -2.33
C ILE C 226 27.70 -0.41 -2.68
N GLY C 227 27.15 -0.82 -3.82
CA GLY C 227 27.26 -2.19 -4.27
C GLY C 227 25.97 -2.69 -4.90
N TYR C 228 24.84 -2.18 -4.42
CA TYR C 228 23.57 -2.47 -5.08
C TYR C 228 23.44 -1.68 -6.37
N PHE C 229 23.83 -0.41 -6.35
CA PHE C 229 23.75 0.42 -7.55
C PHE C 229 24.82 0.02 -8.56
N VAL C 230 25.95 -0.49 -8.07
CA VAL C 230 26.98 -1.00 -8.99
C VAL C 230 26.44 -2.16 -9.80
N ILE C 231 25.74 -3.08 -9.14
CA ILE C 231 25.17 -4.23 -9.84
C ILE C 231 23.91 -3.85 -10.61
N GLN C 232 23.25 -2.75 -10.26
CA GLN C 232 21.98 -2.39 -10.85
C GLN C 232 22.09 -1.29 -11.90
N THR C 233 22.97 -0.31 -11.70
CA THR C 233 23.06 0.83 -12.59
C THR C 233 24.42 0.96 -13.26
N TYR C 234 25.51 0.98 -12.50
CA TYR C 234 26.81 1.28 -13.09
C TYR C 234 27.25 0.19 -14.05
N LEU C 235 27.22 -1.07 -13.62
CA LEU C 235 27.72 -2.14 -14.48
C LEU C 235 26.94 -2.23 -15.78
N PRO C 236 25.61 -2.24 -15.80
CA PRO C 236 24.92 -2.23 -17.09
C PRO C 236 25.31 -1.06 -17.97
N CYS C 237 25.52 0.12 -17.36
CA CYS C 237 26.00 1.27 -18.13
C CYS C 237 27.41 1.04 -18.65
N ILE C 238 28.28 0.48 -17.81
CA ILE C 238 29.67 0.26 -18.24
C ILE C 238 29.72 -0.75 -19.36
N MET C 239 29.05 -1.89 -19.19
CA MET C 239 29.07 -2.92 -20.23
C MET C 239 28.37 -2.45 -21.50
N THR C 240 27.34 -1.62 -21.36
CA THR C 240 26.66 -1.09 -22.54
C THR C 240 27.61 -0.23 -23.37
N VAL C 241 28.43 0.59 -22.71
CA VAL C 241 29.40 1.41 -23.43
C VAL C 241 30.40 0.51 -24.16
N ILE C 242 30.89 -0.53 -23.48
CA ILE C 242 31.83 -1.45 -24.12
C ILE C 242 31.18 -2.11 -25.32
N LEU C 243 29.90 -2.44 -25.21
CA LEU C 243 29.19 -3.06 -26.33
C LEU C 243 29.18 -2.14 -27.55
N SER C 244 28.96 -0.84 -27.33
CA SER C 244 28.96 0.10 -28.44
C SER C 244 30.31 0.14 -29.13
N GLN C 245 31.39 0.12 -28.36
CA GLN C 245 32.73 0.22 -28.93
C GLN C 245 33.07 -0.98 -29.81
N VAL C 246 32.34 -2.08 -29.67
CA VAL C 246 32.57 -3.24 -30.53
C VAL C 246 32.29 -2.88 -31.99
N SER C 247 31.40 -1.92 -32.22
CA SER C 247 31.07 -1.54 -33.59
C SER C 247 32.29 -0.99 -34.32
N PHE C 248 33.26 -0.43 -33.59
CA PHE C 248 34.46 0.10 -34.22
C PHE C 248 35.30 -0.99 -34.88
N TRP C 249 35.12 -2.25 -34.47
CA TRP C 249 35.89 -3.35 -35.03
C TRP C 249 35.21 -4.03 -36.20
N LEU C 250 34.06 -3.52 -36.64
CA LEU C 250 33.36 -4.03 -37.80
C LEU C 250 33.66 -3.18 -39.02
N ASN C 251 33.53 -3.80 -40.19
CA ASN C 251 33.80 -3.09 -41.44
C ASN C 251 32.75 -2.02 -41.69
N ARG C 252 33.17 -0.97 -42.39
CA ARG C 252 32.28 0.16 -42.65
C ARG C 252 31.09 -0.27 -43.52
N GLU C 253 31.34 -1.11 -44.53
CA GLU C 253 30.27 -1.51 -45.44
C GLU C 253 29.12 -2.20 -44.72
N SER C 254 29.37 -2.76 -43.54
CA SER C 254 28.31 -3.39 -42.75
C SER C 254 27.50 -2.30 -42.05
N VAL C 255 26.73 -1.59 -42.86
CA VAL C 255 25.97 -0.44 -42.37
C VAL C 255 24.92 -0.90 -41.36
N ALA C 256 24.17 -1.94 -41.70
CA ALA C 256 23.11 -2.40 -40.81
C ALA C 256 23.67 -2.92 -39.50
N ALA C 257 24.77 -3.67 -39.56
CA ALA C 257 25.33 -4.25 -38.35
C ALA C 257 25.72 -3.18 -37.35
N ARG C 258 26.49 -2.18 -37.80
CA ARG C 258 26.93 -1.13 -36.89
C ARG C 258 25.77 -0.25 -36.45
N THR C 259 24.72 -0.16 -37.28
CA THR C 259 23.55 0.62 -36.88
C THR C 259 22.85 0.00 -35.68
N VAL C 260 22.78 -1.33 -35.64
CA VAL C 260 22.13 -2.00 -34.52
C VAL C 260 22.86 -1.71 -33.22
N PHE C 261 24.19 -1.76 -33.23
CA PHE C 261 24.95 -1.46 -32.03
C PHE C 261 24.62 -0.06 -31.50
N GLY C 262 24.70 0.94 -32.37
CA GLY C 262 24.49 2.31 -31.92
C GLY C 262 23.07 2.55 -31.44
N VAL C 263 22.09 2.09 -32.23
CA VAL C 263 20.69 2.35 -31.89
C VAL C 263 20.31 1.61 -30.60
N THR C 264 20.64 0.32 -30.53
CA THR C 264 20.27 -0.47 -29.36
C THR C 264 20.92 0.06 -28.10
N THR C 265 22.21 0.42 -28.18
CA THR C 265 22.91 0.92 -27.00
C THR C 265 22.33 2.25 -26.54
N VAL C 266 22.01 3.15 -27.47
CA VAL C 266 21.47 4.46 -27.09
C VAL C 266 20.15 4.28 -26.36
N LEU C 267 19.26 3.45 -26.90
CA LEU C 267 18.00 3.19 -26.24
C LEU C 267 18.21 2.49 -24.90
N THR C 268 19.16 1.56 -24.85
CA THR C 268 19.44 0.85 -23.61
C THR C 268 19.85 1.82 -22.51
N MET C 269 20.72 2.77 -22.84
CA MET C 269 21.11 3.77 -21.85
C MET C 269 19.94 4.65 -21.46
N THR C 270 19.07 4.97 -22.41
CA THR C 270 17.91 5.80 -22.12
C THR C 270 17.01 5.15 -21.08
N THR C 271 16.71 3.86 -21.26
CA THR C 271 15.82 3.17 -20.33
C THR C 271 16.50 2.97 -18.98
N LEU C 272 17.83 2.80 -18.96
CA LEU C 272 18.53 2.66 -17.69
C LEU C 272 18.38 3.90 -16.84
N SER C 273 18.49 5.08 -17.45
CA SER C 273 18.29 6.32 -16.71
C SER C 273 16.90 6.39 -16.12
N ILE C 274 15.88 6.02 -16.91
CA ILE C 274 14.52 6.02 -16.41
C ILE C 274 14.37 5.01 -15.28
N SER C 275 14.91 3.81 -15.47
CA SER C 275 14.79 2.76 -14.45
C SER C 275 15.53 3.16 -13.18
N ALA C 276 16.69 3.78 -13.32
CA ALA C 276 17.49 4.12 -12.14
C ALA C 276 16.75 5.08 -11.21
N ARG C 277 16.08 6.07 -11.79
CA ARG C 277 15.40 7.08 -10.99
C ARG C 277 14.03 6.65 -10.49
N ASN C 278 13.54 5.48 -10.92
CA ASN C 278 12.25 5.00 -10.43
C ASN C 278 12.27 4.81 -8.92
N SER C 279 13.32 4.16 -8.41
CA SER C 279 13.47 4.01 -6.97
C SER C 279 13.95 5.29 -6.30
N LEU C 280 14.80 6.05 -6.98
CA LEU C 280 15.33 7.26 -6.41
C LEU C 280 14.22 8.30 -6.22
N PRO C 281 14.32 9.14 -5.18
CA PRO C 281 13.33 10.19 -5.02
C PRO C 281 13.33 11.16 -6.20
N LYS C 282 12.16 11.72 -6.47
CA LYS C 282 11.98 12.62 -7.61
C LYS C 282 12.52 14.01 -7.29
N VAL C 283 13.83 14.07 -7.06
CA VAL C 283 14.50 15.32 -6.75
C VAL C 283 14.74 16.09 -8.05
N ALA C 284 14.61 17.41 -7.99
CA ALA C 284 14.76 18.26 -9.16
C ALA C 284 16.19 18.77 -9.31
N TYR C 285 17.15 17.86 -9.23
CA TYR C 285 18.54 18.21 -9.48
C TYR C 285 19.30 16.93 -9.84
N ALA C 286 20.45 17.13 -10.46
CA ALA C 286 21.26 16.03 -10.95
C ALA C 286 22.14 15.45 -9.84
N THR C 287 22.24 14.13 -9.81
CA THR C 287 23.08 13.42 -8.86
C THR C 287 24.35 12.94 -9.54
N ALA C 288 25.26 12.40 -8.73
CA ALA C 288 26.50 11.87 -9.28
C ALA C 288 26.22 10.71 -10.22
N MET C 289 25.26 9.86 -9.87
CA MET C 289 24.90 8.76 -10.77
C MET C 289 24.36 9.28 -12.08
N ASP C 290 23.56 10.36 -12.02
CA ASP C 290 23.02 10.94 -13.25
C ASP C 290 24.13 11.41 -14.18
N TRP C 291 25.15 12.06 -13.62
CA TRP C 291 26.28 12.48 -14.45
C TRP C 291 26.99 11.29 -15.07
N PHE C 292 27.18 10.23 -14.29
CA PHE C 292 27.82 9.04 -14.83
C PHE C 292 27.02 8.46 -15.99
N ILE C 293 25.70 8.39 -15.84
CA ILE C 293 24.85 7.91 -16.93
C ILE C 293 24.95 8.85 -18.12
N ALA C 294 24.93 10.16 -17.87
CA ALA C 294 24.97 11.12 -18.96
C ALA C 294 26.27 10.97 -19.76
N VAL C 295 27.40 10.81 -19.07
CA VAL C 295 28.66 10.62 -19.76
C VAL C 295 28.63 9.32 -20.56
N CYS C 296 28.12 8.25 -19.95
CA CYS C 296 28.00 6.98 -20.67
C CYS C 296 27.09 7.14 -21.88
N TYR C 297 26.03 7.93 -21.75
CA TYR C 297 25.16 8.18 -22.89
C TYR C 297 25.92 8.91 -24.01
N ALA C 298 26.82 9.81 -23.64
CA ALA C 298 27.59 10.53 -24.65
C ALA C 298 28.49 9.59 -25.42
N PHE C 299 29.13 8.63 -24.74
CA PHE C 299 30.03 7.72 -25.41
C PHE C 299 29.29 6.87 -26.44
N VAL C 300 28.16 6.29 -26.05
CA VAL C 300 27.40 5.47 -26.98
C VAL C 300 26.87 6.32 -28.13
N PHE C 301 26.34 7.50 -27.82
CA PHE C 301 25.85 8.38 -28.86
C PHE C 301 26.98 8.86 -29.76
N SER C 302 28.13 9.17 -29.17
CA SER C 302 29.27 9.61 -29.95
C SER C 302 29.74 8.51 -30.90
N ALA C 303 29.73 7.27 -30.44
CA ALA C 303 30.13 6.16 -31.30
C ALA C 303 29.23 6.07 -32.53
N LEU C 304 27.93 6.24 -32.35
CA LEU C 304 27.02 6.24 -33.49
C LEU C 304 27.33 7.40 -34.44
N LEU C 305 27.61 8.58 -33.88
CA LEU C 305 27.97 9.71 -34.72
C LEU C 305 29.24 9.43 -35.51
N GLU C 306 30.20 8.76 -34.89
CA GLU C 306 31.42 8.39 -35.61
C GLU C 306 31.11 7.50 -36.80
N PHE C 307 30.23 6.51 -36.59
CA PHE C 307 29.84 5.65 -37.70
C PHE C 307 29.12 6.43 -38.80
N ALA C 308 28.20 7.31 -38.40
CA ALA C 308 27.50 8.12 -39.40
C ALA C 308 28.47 9.01 -40.16
N PHE C 309 29.39 9.66 -39.45
CA PHE C 309 30.38 10.50 -40.11
C PHE C 309 31.28 9.65 -41.02
N VAL C 310 31.70 8.48 -40.53
CA VAL C 310 32.54 7.61 -41.34
C VAL C 310 31.80 7.15 -42.58
N ASN C 311 30.55 6.72 -42.41
CA ASN C 311 29.76 6.26 -43.54
C ASN C 311 29.43 7.38 -44.52
N TYR C 312 29.47 8.64 -44.06
CA TYR C 312 29.18 9.76 -44.94
C TYR C 312 30.35 10.10 -45.86
N ILE C 313 31.57 9.81 -45.43
CA ILE C 313 32.77 10.12 -46.19
C ILE C 313 33.49 8.87 -46.65
N THR C 314 32.84 7.70 -46.54
CA THR C 314 33.48 6.46 -46.93
C THR C 314 33.75 6.37 -48.42
N LYS C 315 33.15 7.25 -49.23
CA LYS C 315 33.35 7.26 -50.67
C LYS C 315 34.35 8.30 -51.12
N SER C 316 34.14 9.57 -50.75
CA SER C 316 35.01 10.63 -51.23
C SER C 316 36.44 10.48 -50.73
N GLN C 317 36.60 10.26 -49.43
CA GLN C 317 37.92 10.16 -48.81
C GLN C 317 37.94 8.94 -47.89
N PRO C 318 38.02 7.74 -48.46
CA PRO C 318 38.09 6.52 -47.62
C PRO C 318 39.29 6.50 -46.70
N ALA C 319 40.39 7.15 -47.08
CA ALA C 319 41.61 7.07 -46.29
C ALA C 319 41.38 7.58 -44.87
N ARG C 320 40.74 8.74 -44.74
CA ARG C 320 40.48 9.28 -43.40
C ARG C 320 39.46 8.43 -42.66
N ALA C 321 38.53 7.81 -43.38
CA ALA C 321 37.52 6.99 -42.73
C ALA C 321 38.16 5.83 -41.96
N ALA C 322 39.13 5.15 -42.58
CA ALA C 322 39.80 4.05 -41.90
C ALA C 322 40.59 4.56 -40.70
N LYS C 323 41.27 5.70 -40.85
CA LYS C 323 42.06 6.24 -39.75
C LYS C 323 41.19 6.56 -38.56
N ILE C 324 40.03 7.19 -38.80
CA ILE C 324 39.12 7.54 -37.71
C ILE C 324 38.63 6.28 -37.01
N ASP C 325 38.20 5.29 -37.80
CA ASP C 325 37.72 4.04 -37.21
C ASP C 325 38.83 3.34 -36.44
N LYS C 326 40.03 3.29 -37.02
CA LYS C 326 41.16 2.68 -36.34
C LYS C 326 41.53 3.46 -35.08
N MET C 327 41.57 4.78 -35.18
CA MET C 327 41.91 5.61 -34.02
C MET C 327 40.85 5.50 -32.94
N SER C 328 39.58 5.45 -33.33
CA SER C 328 38.50 5.39 -32.35
C SER C 328 38.59 4.13 -31.50
N ARG C 329 39.15 3.05 -32.04
CA ARG C 329 39.27 1.82 -31.26
C ARG C 329 40.12 2.03 -30.02
N ILE C 330 41.06 2.96 -30.06
CA ILE C 330 41.97 3.22 -28.95
C ILE C 330 41.49 4.39 -28.10
N VAL C 331 41.01 5.46 -28.75
CA VAL C 331 40.65 6.66 -28.00
C VAL C 331 39.49 6.40 -27.07
N PHE C 332 38.42 5.79 -27.58
CA PHE C 332 37.22 5.64 -26.77
C PHE C 332 37.45 4.82 -25.51
N PRO C 333 38.07 3.63 -25.56
CA PRO C 333 38.29 2.90 -24.31
C PRO C 333 39.14 3.67 -23.30
N ILE C 334 40.13 4.43 -23.78
CA ILE C 334 41.00 5.16 -22.88
C ILE C 334 40.23 6.26 -22.16
N LEU C 335 39.45 7.03 -22.92
CA LEU C 335 38.70 8.13 -22.31
C LEU C 335 37.69 7.60 -21.30
N PHE C 336 36.97 6.54 -21.64
CA PHE C 336 35.99 5.98 -20.71
C PHE C 336 36.68 5.43 -19.47
N GLY C 337 37.79 4.73 -19.65
CA GLY C 337 38.55 4.25 -18.50
C GLY C 337 39.10 5.41 -17.68
N THR C 338 39.61 6.44 -18.34
CA THR C 338 40.12 7.59 -17.63
C THR C 338 39.02 8.29 -16.85
N PHE C 339 37.83 8.40 -17.43
CA PHE C 339 36.73 9.07 -16.75
C PHE C 339 36.37 8.36 -15.45
N ASN C 340 36.36 7.03 -15.47
CA ASN C 340 35.99 6.29 -14.28
C ASN C 340 36.93 6.58 -13.12
N LEU C 341 38.24 6.62 -13.40
CA LEU C 341 39.20 6.89 -12.34
C LEU C 341 38.94 8.26 -11.72
N VAL C 342 38.69 9.27 -12.54
CA VAL C 342 38.36 10.60 -12.01
C VAL C 342 37.04 10.55 -11.26
N TYR C 343 36.04 9.89 -11.83
CA TYR C 343 34.72 9.84 -11.21
C TYR C 343 34.78 9.13 -9.87
N TRP C 344 35.32 7.92 -9.84
CA TRP C 344 35.37 7.16 -8.60
C TRP C 344 36.27 7.84 -7.57
N ALA C 345 37.43 8.31 -8.00
CA ALA C 345 38.34 8.97 -7.06
C ALA C 345 37.73 10.22 -6.47
N THR C 346 37.03 11.01 -7.29
CA THR C 346 36.46 12.26 -6.82
C THR C 346 35.42 12.02 -5.72
N TYR C 347 34.54 11.04 -5.92
CA TYR C 347 33.46 10.79 -4.98
C TYR C 347 33.82 9.80 -3.89
N LEU C 348 34.94 9.08 -4.03
CA LEU C 348 35.41 8.17 -2.99
C LEU C 348 36.55 8.75 -2.17
N ASN C 349 36.84 10.03 -2.34
CA ASN C 349 37.91 10.68 -1.59
C ASN C 349 37.41 11.93 -0.90
N ASN D 14 -28.42 -21.63 42.44
CA ASN D 14 -27.26 -22.52 42.37
C ASN D 14 -26.10 -21.86 41.63
N ILE D 15 -26.44 -20.87 40.80
CA ILE D 15 -25.42 -20.14 40.06
C ILE D 15 -24.86 -18.95 40.84
N THR D 16 -25.61 -18.44 41.82
CA THR D 16 -25.14 -17.30 42.59
C THR D 16 -23.88 -17.63 43.38
N ILE D 17 -23.62 -18.90 43.64
CA ILE D 17 -22.41 -19.27 44.38
C ILE D 17 -21.16 -18.84 43.62
N PHE D 18 -21.17 -19.01 42.29
CA PHE D 18 -20.02 -18.59 41.49
C PHE D 18 -19.81 -17.08 41.61
N THR D 19 -20.90 -16.31 41.62
CA THR D 19 -20.78 -14.87 41.75
C THR D 19 -20.11 -14.49 43.06
N ARG D 20 -20.48 -15.17 44.16
CA ARG D 20 -19.88 -14.87 45.45
C ARG D 20 -18.38 -15.14 45.44
N ILE D 21 -17.97 -16.24 44.81
CA ILE D 21 -16.55 -16.58 44.75
C ILE D 21 -15.77 -15.48 44.04
N LEU D 22 -16.23 -15.09 42.85
CA LEU D 22 -15.53 -14.07 42.08
C LEU D 22 -15.47 -12.76 42.83
N ASP D 23 -16.58 -12.35 43.45
CA ASP D 23 -16.59 -11.13 44.24
C ASP D 23 -15.62 -11.23 45.41
N GLY D 24 -15.57 -12.39 46.06
CA GLY D 24 -14.66 -12.55 47.18
C GLY D 24 -13.20 -12.44 46.79
N LEU D 25 -12.84 -13.05 45.65
CA LEU D 25 -11.45 -13.02 45.22
C LEU D 25 -11.00 -11.59 44.92
N LEU D 26 -11.84 -10.81 44.25
CA LEU D 26 -11.47 -9.44 43.92
C LEU D 26 -11.47 -8.52 45.13
N ASP D 27 -12.18 -8.90 46.19
CA ASP D 27 -12.20 -8.09 47.40
C ASP D 27 -10.81 -8.06 48.03
N GLY D 28 -10.32 -6.87 48.33
CA GLY D 28 -8.99 -6.74 48.86
C GLY D 28 -7.92 -7.27 47.95
N TYR D 29 -8.08 -7.09 46.65
CA TYR D 29 -7.13 -7.56 45.65
C TYR D 29 -6.53 -6.37 44.91
N ASP D 30 -5.22 -6.32 44.84
CA ASP D 30 -4.49 -5.26 44.15
C ASP D 30 -3.85 -5.85 42.91
N ASN D 31 -4.29 -5.41 41.73
CA ASN D 31 -3.74 -5.89 40.48
C ASN D 31 -2.42 -5.23 40.13
N ARG D 32 -2.01 -4.21 40.87
CA ARG D 32 -0.74 -3.54 40.63
C ARG D 32 0.44 -4.26 41.24
N LEU D 33 0.21 -5.33 42.00
CA LEU D 33 1.27 -6.05 42.70
C LEU D 33 1.32 -7.48 42.19
N ARG D 34 2.51 -7.95 41.88
CA ARG D 34 2.68 -9.31 41.42
C ARG D 34 2.47 -10.29 42.59
N PRO D 35 2.04 -11.52 42.30
CA PRO D 35 1.91 -12.51 43.37
C PRO D 35 3.26 -12.84 43.98
N GLY D 36 3.24 -13.13 45.28
CA GLY D 36 4.47 -13.43 45.99
C GLY D 36 5.46 -12.29 46.00
N LEU D 37 4.97 -11.05 46.06
CA LEU D 37 5.86 -9.90 46.09
C LEU D 37 6.59 -9.83 47.41
N GLY D 38 7.91 -9.64 47.35
CA GLY D 38 8.71 -9.56 48.55
C GLY D 38 8.78 -10.84 49.35
N GLU D 39 8.35 -11.96 48.79
CA GLU D 39 8.35 -13.23 49.51
C GLU D 39 9.03 -14.32 48.69
N ARG D 40 8.97 -14.22 47.38
CA ARG D 40 9.55 -15.23 46.49
C ARG D 40 9.62 -14.63 45.09
N ILE D 41 9.97 -15.45 44.11
CA ILE D 41 10.10 -15.03 42.72
C ILE D 41 8.94 -15.65 41.94
N THR D 42 8.24 -14.82 41.19
CA THR D 42 7.13 -15.29 40.38
C THR D 42 7.65 -16.10 39.20
N GLN D 43 7.09 -17.28 38.99
CA GLN D 43 7.50 -18.18 37.92
C GLN D 43 6.34 -18.33 36.94
N VAL D 44 6.63 -18.14 35.66
CA VAL D 44 5.64 -18.16 34.60
C VAL D 44 6.00 -19.26 33.62
N ARG D 45 5.03 -20.11 33.29
CA ARG D 45 5.19 -21.18 32.32
C ARG D 45 4.47 -20.78 31.03
N THR D 46 5.20 -20.83 29.92
CA THR D 46 4.72 -20.36 28.63
C THR D 46 4.65 -21.52 27.65
N ASP D 47 3.54 -21.62 26.94
CA ASP D 47 3.36 -22.55 25.84
C ASP D 47 2.74 -21.82 24.68
N MET D 48 3.20 -22.16 23.47
CA MET D 48 2.80 -21.45 22.26
C MET D 48 2.29 -22.44 21.23
N TYR D 49 1.21 -22.07 20.56
CA TYR D 49 0.69 -22.81 19.42
C TYR D 49 0.58 -21.87 18.24
N VAL D 50 1.22 -22.22 17.13
CA VAL D 50 1.27 -21.38 15.95
C VAL D 50 0.12 -21.80 15.03
N ASN D 51 -0.94 -20.99 14.99
CA ASN D 51 -2.07 -21.30 14.13
C ASN D 51 -1.67 -21.25 12.66
N SER D 52 -0.86 -20.26 12.28
CA SER D 52 -0.42 -20.13 10.90
C SER D 52 0.85 -19.28 10.88
N PHE D 53 1.88 -19.78 10.21
CA PHE D 53 3.13 -19.05 10.05
C PHE D 53 2.96 -18.11 8.87
N GLY D 54 2.77 -16.82 9.17
CA GLY D 54 2.45 -15.85 8.17
C GLY D 54 3.52 -15.71 7.11
N PRO D 55 3.26 -14.88 6.11
CA PRO D 55 4.24 -14.69 5.03
C PRO D 55 5.52 -14.06 5.54
N VAL D 56 6.62 -14.41 4.88
CA VAL D 56 7.94 -13.87 5.20
C VAL D 56 8.28 -12.83 4.14
N SER D 57 8.43 -11.58 4.58
CA SER D 57 8.74 -10.47 3.68
C SER D 57 10.26 -10.31 3.65
N ASP D 58 10.90 -10.85 2.62
CA ASP D 58 12.34 -10.74 2.49
C ASP D 58 12.77 -9.29 2.36
N THR D 59 12.00 -8.49 1.61
CA THR D 59 12.36 -7.10 1.41
C THR D 59 12.40 -6.33 2.73
N GLU D 60 11.41 -6.55 3.59
CA GLU D 60 11.32 -5.87 4.87
C GLU D 60 11.96 -6.65 6.00
N MET D 61 12.51 -7.84 5.73
CA MET D 61 13.16 -8.65 6.75
C MET D 61 12.24 -8.91 7.94
N GLU D 62 10.97 -9.17 7.64
CA GLU D 62 9.97 -9.43 8.68
C GLU D 62 9.15 -10.64 8.27
N TYR D 63 8.59 -11.31 9.28
CA TYR D 63 7.70 -12.44 9.07
C TYR D 63 6.51 -12.31 10.01
N THR D 64 5.31 -12.53 9.49
CA THR D 64 4.11 -12.50 10.30
C THR D 64 3.84 -13.90 10.85
N ILE D 65 3.19 -13.93 12.02
CA ILE D 65 2.88 -15.19 12.68
C ILE D 65 1.68 -14.97 13.59
N ASP D 66 0.76 -15.93 13.57
CA ASP D 66 -0.41 -15.92 14.43
C ASP D 66 -0.30 -17.07 15.42
N ILE D 67 -0.39 -16.76 16.72
CA ILE D 67 -0.17 -17.74 17.77
C ILE D 67 -1.26 -17.60 18.82
N PHE D 68 -1.40 -18.67 19.61
CA PHE D 68 -2.24 -18.68 20.80
C PHE D 68 -1.29 -18.73 21.99
N PHE D 69 -0.88 -17.57 22.46
CA PHE D 69 0.11 -17.46 23.51
C PHE D 69 -0.55 -17.72 24.86
N ALA D 70 -0.04 -18.69 25.60
CA ALA D 70 -0.58 -19.09 26.89
C ALA D 70 0.47 -18.93 27.97
N GLN D 71 0.07 -18.37 29.10
CA GLN D 71 0.94 -18.19 30.25
C GLN D 71 0.27 -18.79 31.47
N THR D 72 1.07 -19.43 32.32
CA THR D 72 0.59 -20.04 33.55
C THR D 72 1.45 -19.59 34.71
N TRP D 73 0.82 -19.28 35.84
CA TRP D 73 1.54 -18.87 37.04
C TRP D 73 0.67 -19.16 38.24
N LYS D 74 1.24 -18.93 39.42
CA LYS D 74 0.59 -19.24 40.69
C LYS D 74 0.31 -17.95 41.45
N ASP D 75 -0.94 -17.79 41.89
CA ASP D 75 -1.34 -16.62 42.67
C ASP D 75 -2.14 -17.12 43.86
N GLU D 76 -1.54 -17.09 45.04
CA GLU D 76 -2.19 -17.58 46.25
C GLU D 76 -3.42 -16.76 46.62
N ARG D 77 -3.49 -15.51 46.16
CA ARG D 77 -4.64 -14.66 46.47
C ARG D 77 -5.92 -15.12 45.79
N LEU D 78 -5.82 -16.01 44.81
CA LEU D 78 -6.98 -16.46 44.05
C LEU D 78 -7.48 -17.83 44.50
N ARG D 79 -6.99 -18.33 45.64
CA ARG D 79 -7.49 -19.60 46.15
C ARG D 79 -8.97 -19.49 46.48
N PHE D 80 -9.71 -20.56 46.24
CA PHE D 80 -11.14 -20.59 46.51
C PHE D 80 -11.58 -22.02 46.76
N LYS D 81 -12.74 -22.16 47.38
CA LYS D 81 -13.36 -23.45 47.64
C LYS D 81 -14.75 -23.45 47.06
N GLY D 82 -15.08 -24.50 46.31
CA GLY D 82 -16.38 -24.60 45.68
C GLY D 82 -16.60 -25.95 45.04
N PRO D 83 -17.82 -26.19 44.56
CA PRO D 83 -18.11 -27.49 43.93
C PRO D 83 -17.25 -27.77 42.71
N MET D 84 -16.87 -26.74 41.95
CA MET D 84 -16.07 -26.90 40.75
C MET D 84 -14.63 -26.55 41.03
N GLN D 85 -13.72 -27.39 40.55
CA GLN D 85 -12.29 -27.18 40.74
C GLN D 85 -11.71 -26.17 39.76
N ARG D 86 -12.49 -25.75 38.75
CA ARG D 86 -12.01 -24.83 37.73
C ARG D 86 -13.09 -23.80 37.45
N LEU D 87 -12.66 -22.62 37.02
CA LEU D 87 -13.56 -21.51 36.71
C LEU D 87 -13.22 -20.96 35.34
N PRO D 88 -13.74 -21.58 34.27
CA PRO D 88 -13.58 -20.99 32.94
C PRO D 88 -14.19 -19.60 32.88
N LEU D 89 -13.52 -18.70 32.19
CA LEU D 89 -13.92 -17.30 32.13
C LEU D 89 -13.49 -16.72 30.79
N ASN D 90 -13.52 -15.39 30.70
CA ASN D 90 -13.21 -14.68 29.47
C ASN D 90 -12.39 -13.45 29.83
N ASN D 91 -12.24 -12.53 28.86
CA ASN D 91 -11.43 -11.35 29.04
C ASN D 91 -11.99 -10.39 30.08
N LEU D 92 -13.24 -10.56 30.50
CA LEU D 92 -13.85 -9.61 31.42
C LEU D 92 -13.06 -9.52 32.72
N LEU D 93 -12.64 -10.66 33.26
CA LEU D 93 -11.92 -10.69 34.52
C LEU D 93 -10.41 -10.56 34.34
N ALA D 94 -9.91 -10.57 33.10
CA ALA D 94 -8.47 -10.50 32.88
C ALA D 94 -7.90 -9.19 33.40
N SER D 95 -8.59 -8.08 33.15
CA SER D 95 -8.11 -6.77 33.59
C SER D 95 -8.26 -6.54 35.08
N LYS D 96 -9.03 -7.38 35.77
CA LYS D 96 -9.27 -7.21 37.20
C LYS D 96 -8.20 -7.88 38.05
N ILE D 97 -7.26 -8.60 37.45
CA ILE D 97 -6.21 -9.29 38.19
C ILE D 97 -4.86 -8.93 37.58
N TRP D 98 -3.81 -9.40 38.22
CA TRP D 98 -2.45 -9.15 37.75
C TRP D 98 -2.07 -10.14 36.66
N THR D 99 -1.53 -9.63 35.57
CA THR D 99 -0.99 -10.45 34.50
C THR D 99 0.40 -9.96 34.12
N PRO D 100 1.28 -10.85 33.68
CA PRO D 100 2.64 -10.43 33.35
C PRO D 100 2.65 -9.46 32.17
N ASP D 101 3.61 -8.54 32.20
CA ASP D 101 3.78 -7.56 31.14
C ASP D 101 4.65 -8.10 30.01
N THR D 102 4.28 -9.27 29.51
CA THR D 102 5.05 -9.91 28.46
C THR D 102 4.98 -9.11 27.17
N PHE D 103 6.14 -8.99 26.51
CA PHE D 103 6.23 -8.26 25.26
C PHE D 103 7.31 -8.91 24.41
N PHE D 104 7.25 -8.65 23.10
CA PHE D 104 8.16 -9.24 22.15
C PHE D 104 9.22 -8.23 21.76
N HIS D 105 10.48 -8.55 22.07
CA HIS D 105 11.58 -7.62 21.82
C HIS D 105 11.74 -7.34 20.34
N ASN D 106 11.64 -8.38 19.51
CA ASN D 106 11.82 -8.26 18.08
C ASN D 106 10.52 -7.99 17.33
N GLY D 107 9.41 -7.82 18.04
CA GLY D 107 8.15 -7.53 17.40
C GLY D 107 8.04 -6.09 16.94
N LYS D 108 8.13 -5.87 15.63
CA LYS D 108 8.04 -4.51 15.10
C LYS D 108 6.63 -3.94 15.26
N LYS D 109 5.62 -4.79 15.13
CA LYS D 109 4.23 -4.34 15.28
C LYS D 109 3.37 -5.55 15.58
N SER D 110 2.76 -5.56 16.76
CA SER D 110 1.92 -6.66 17.20
C SER D 110 0.53 -6.12 17.53
N PHE D 111 -0.50 -6.80 17.04
CA PHE D 111 -1.88 -6.42 17.28
C PHE D 111 -2.68 -7.66 17.68
N ALA D 112 -3.74 -7.43 18.44
CA ALA D 112 -4.58 -8.50 18.94
C ALA D 112 -5.82 -8.64 18.05
N HIS D 113 -6.63 -9.63 18.38
CA HIS D 113 -7.89 -9.90 17.69
C HIS D 113 -9.04 -9.66 18.65
N TRP D 114 -9.99 -8.83 18.24
CA TRP D 114 -11.05 -8.36 19.12
C TRP D 114 -12.44 -8.79 18.69
N MET D 115 -12.57 -9.54 17.59
CA MET D 115 -13.87 -9.96 17.08
C MET D 115 -14.01 -11.48 17.19
N THR D 116 -15.21 -11.95 17.55
CA THR D 116 -16.39 -11.17 17.90
C THR D 116 -16.22 -10.57 19.30
N THR D 117 -15.44 -11.27 20.11
CA THR D 117 -15.11 -10.89 21.47
C THR D 117 -13.60 -10.96 21.63
N PRO D 118 -12.99 -10.11 22.46
CA PRO D 118 -11.54 -10.19 22.67
C PRO D 118 -11.09 -11.62 22.92
N ASN D 119 -10.22 -12.13 22.04
CA ASN D 119 -9.83 -13.54 22.05
C ASN D 119 -8.84 -13.75 23.20
N ARG D 120 -9.40 -13.90 24.40
CA ARG D 120 -8.63 -14.17 25.59
C ARG D 120 -9.39 -15.16 26.47
N MET D 121 -8.63 -15.95 27.22
CA MET D 121 -9.21 -16.94 28.11
C MET D 121 -8.53 -16.83 29.47
N LEU D 122 -9.30 -17.09 30.52
CA LEU D 122 -8.80 -17.03 31.89
C LEU D 122 -9.43 -18.17 32.67
N ARG D 123 -8.59 -19.01 33.25
CA ARG D 123 -9.03 -20.15 34.04
C ARG D 123 -8.28 -20.16 35.36
N ILE D 124 -8.99 -20.52 36.44
CA ILE D 124 -8.45 -20.48 37.78
C ILE D 124 -8.79 -21.78 38.49
N TRP D 125 -7.83 -22.34 39.20
CA TRP D 125 -8.00 -23.56 39.97
C TRP D 125 -8.05 -23.23 41.46
N ASN D 126 -8.39 -24.24 42.25
CA ASN D 126 -8.50 -24.04 43.70
C ASN D 126 -7.18 -23.61 44.30
N ASP D 127 -6.07 -24.23 43.88
CA ASP D 127 -4.77 -23.94 44.43
C ASP D 127 -4.30 -22.52 44.13
N GLY D 128 -4.96 -21.83 43.20
CA GLY D 128 -4.55 -20.51 42.79
C GLY D 128 -3.82 -20.45 41.47
N ARG D 129 -3.65 -21.59 40.79
CA ARG D 129 -3.01 -21.58 39.48
C ARG D 129 -3.89 -20.86 38.48
N VAL D 130 -3.25 -20.06 37.63
CA VAL D 130 -3.94 -19.22 36.66
C VAL D 130 -3.43 -19.55 35.26
N LEU D 131 -4.38 -19.69 34.33
CA LEU D 131 -4.07 -19.88 32.92
C LEU D 131 -4.60 -18.69 32.15
N TYR D 132 -3.72 -18.04 31.39
CA TYR D 132 -4.08 -16.86 30.60
C TYR D 132 -3.64 -17.10 29.17
N THR D 133 -4.61 -17.26 28.28
CA THR D 133 -4.37 -17.54 26.87
C THR D 133 -4.78 -16.32 26.05
N LEU D 134 -3.92 -15.95 25.10
CA LEU D 134 -4.14 -14.78 24.28
C LEU D 134 -3.75 -15.09 22.85
N ARG D 135 -4.53 -14.58 21.90
CA ARG D 135 -4.25 -14.72 20.49
C ARG D 135 -3.57 -13.46 19.97
N LEU D 136 -2.48 -13.64 19.22
CA LEU D 136 -1.66 -12.53 18.78
C LEU D 136 -1.26 -12.72 17.33
N THR D 137 -0.98 -11.60 16.67
CA THR D 137 -0.40 -11.59 15.33
C THR D 137 0.84 -10.71 15.39
N ILE D 138 2.01 -11.32 15.27
CA ILE D 138 3.28 -10.65 15.49
C ILE D 138 3.98 -10.47 14.16
N SER D 139 4.33 -9.22 13.84
CA SER D 139 5.13 -8.91 12.66
C SER D 139 6.57 -8.69 13.11
N ALA D 140 7.25 -9.80 13.39
CA ALA D 140 8.60 -9.76 13.90
C ALA D 140 9.60 -9.51 12.78
N GLU D 141 10.85 -9.28 13.17
CA GLU D 141 11.94 -9.00 12.25
C GLU D 141 12.87 -10.21 12.19
N CYS D 142 13.20 -10.62 10.97
CA CYS D 142 14.06 -11.79 10.73
C CYS D 142 15.22 -11.38 9.83
N PRO D 143 16.31 -10.89 10.40
CA PRO D 143 17.48 -10.57 9.57
C PRO D 143 17.98 -11.81 8.85
N MET D 144 18.42 -11.63 7.61
CA MET D 144 18.83 -12.73 6.75
C MET D 144 20.15 -12.40 6.08
N ASP D 145 20.94 -13.44 5.86
CA ASP D 145 22.21 -13.34 5.15
C ASP D 145 22.01 -14.02 3.79
N LEU D 146 21.70 -13.21 2.78
CA LEU D 146 21.40 -13.72 1.44
C LEU D 146 22.67 -13.89 0.62
N GLU D 147 23.65 -14.60 1.16
CA GLU D 147 24.88 -14.90 0.43
C GLU D 147 24.74 -16.15 -0.43
N ASP D 148 23.99 -17.14 0.04
CA ASP D 148 23.72 -18.36 -0.70
C ASP D 148 22.35 -18.35 -1.37
N PHE D 149 21.71 -17.19 -1.42
CA PHE D 149 20.39 -17.10 -2.03
C PHE D 149 20.45 -17.55 -3.48
N PRO D 150 19.47 -18.34 -3.96
CA PRO D 150 18.29 -18.85 -3.25
C PRO D 150 18.53 -20.15 -2.48
N MET D 151 19.74 -20.66 -2.45
CA MET D 151 20.05 -21.86 -1.66
C MET D 151 20.45 -21.48 -0.24
N ASP D 152 19.60 -20.72 0.43
CA ASP D 152 19.89 -20.18 1.75
C ASP D 152 18.92 -20.74 2.78
N GLU D 153 19.43 -20.92 4.01
CA GLU D 153 18.63 -21.35 5.15
C GLU D 153 18.57 -20.22 6.15
N GLN D 154 17.36 -19.92 6.62
CA GLN D 154 17.14 -18.81 7.54
C GLN D 154 16.62 -19.33 8.87
N ASN D 155 16.98 -18.62 9.94
CA ASN D 155 16.60 -18.98 11.31
C ASN D 155 15.92 -17.75 11.91
N CYS D 156 14.62 -17.66 11.71
CA CYS D 156 13.86 -16.50 12.18
C CYS D 156 13.52 -16.67 13.65
N PRO D 157 13.93 -15.77 14.53
CA PRO D 157 13.69 -15.94 15.96
C PRO D 157 12.38 -15.30 16.41
N LEU D 158 12.04 -15.55 17.67
CA LEU D 158 10.88 -14.93 18.30
C LEU D 158 11.20 -14.78 19.78
N LYS D 159 11.53 -13.55 20.18
CA LYS D 159 11.99 -13.26 21.53
C LYS D 159 10.89 -12.52 22.29
N PHE D 160 10.65 -12.94 23.53
CA PHE D 160 9.67 -12.29 24.37
C PHE D 160 10.10 -12.39 25.82
N GLY D 161 9.59 -11.48 26.64
CA GLY D 161 9.91 -11.45 28.05
C GLY D 161 9.19 -10.31 28.72
N SER D 162 9.47 -10.16 30.01
CA SER D 162 8.87 -9.11 30.80
C SER D 162 9.50 -7.76 30.46
N TYR D 163 8.66 -6.71 30.52
CA TYR D 163 9.14 -5.36 30.26
C TYR D 163 9.55 -4.63 31.53
N ALA D 164 8.85 -4.85 32.64
CA ALA D 164 9.08 -4.12 33.87
C ALA D 164 9.60 -4.97 35.02
N TYR D 165 9.41 -6.28 34.99
CA TYR D 165 9.81 -7.14 36.09
C TYR D 165 11.11 -7.85 35.76
N PRO D 166 12.21 -7.55 36.44
CA PRO D 166 13.48 -8.21 36.11
C PRO D 166 13.51 -9.68 36.47
N ASN D 167 14.66 -10.32 36.24
CA ASN D 167 14.80 -11.73 36.55
C ASN D 167 14.62 -12.01 38.03
N SER D 168 14.94 -11.03 38.88
CA SER D 168 14.81 -11.21 40.32
C SER D 168 13.37 -11.30 40.79
N GLU D 169 12.41 -10.95 39.94
CA GLU D 169 11.00 -10.96 40.32
C GLU D 169 10.17 -11.91 39.47
N VAL D 170 10.33 -11.86 38.15
CA VAL D 170 9.56 -12.70 37.23
C VAL D 170 10.53 -13.49 36.37
N VAL D 171 10.29 -14.79 36.27
CA VAL D 171 11.12 -15.68 35.45
C VAL D 171 10.20 -16.49 34.54
N TYR D 172 10.55 -16.56 33.27
CA TYR D 172 9.81 -17.34 32.28
C TYR D 172 10.54 -18.65 32.01
N VAL D 173 9.78 -19.74 31.96
CA VAL D 173 10.32 -21.06 31.65
C VAL D 173 9.33 -21.80 30.78
N TRP D 174 9.84 -22.52 29.79
CA TRP D 174 8.98 -23.35 28.96
C TRP D 174 8.41 -24.50 29.78
N THR D 175 7.21 -24.93 29.40
CA THR D 175 6.51 -26.00 30.09
C THR D 175 6.72 -27.32 29.38
N ASN D 176 6.97 -28.37 30.15
CA ASN D 176 7.20 -29.71 29.60
C ASN D 176 8.41 -29.64 28.66
N GLY D 177 8.46 -30.53 27.68
CA GLY D 177 9.56 -30.57 26.74
C GLY D 177 9.43 -29.51 25.66
N SER D 178 10.44 -29.49 24.79
CA SER D 178 10.45 -28.51 23.70
C SER D 178 9.28 -28.73 22.74
N THR D 179 8.96 -29.99 22.47
CA THR D 179 7.89 -30.28 21.50
C THR D 179 6.56 -29.70 21.98
N LYS D 180 6.23 -29.89 23.25
CA LYS D 180 4.98 -29.34 23.77
C LYS D 180 5.07 -27.83 23.96
N SER D 181 6.28 -27.30 24.17
CA SER D 181 6.42 -25.87 24.41
C SER D 181 5.96 -25.05 23.21
N VAL D 182 6.35 -25.47 22.01
CA VAL D 182 5.96 -24.79 20.78
C VAL D 182 5.37 -25.82 19.83
N VAL D 183 4.20 -25.52 19.27
CA VAL D 183 3.49 -26.40 18.36
C VAL D 183 3.05 -25.59 17.15
N VAL D 184 3.20 -26.18 15.97
CA VAL D 184 2.84 -25.53 14.71
C VAL D 184 1.77 -26.39 14.04
N ALA D 185 0.70 -25.75 13.61
CA ALA D 185 -0.38 -26.46 12.92
C ALA D 185 0.14 -27.07 11.63
N GLU D 186 -0.43 -28.22 11.28
CA GLU D 186 0.01 -28.92 10.08
C GLU D 186 -0.18 -28.05 8.84
N ASP D 187 -1.37 -27.43 8.71
CA ASP D 187 -1.63 -26.57 7.56
C ASP D 187 -1.09 -25.17 7.74
N GLY D 188 -0.75 -24.77 8.97
CA GLY D 188 -0.22 -23.45 9.19
C GLY D 188 1.16 -23.26 8.58
N SER D 189 2.00 -24.29 8.67
CA SER D 189 3.37 -24.22 8.15
C SER D 189 3.34 -24.46 6.65
N ARG D 190 2.77 -23.48 5.94
CA ARG D 190 2.68 -23.51 4.48
C ARG D 190 3.07 -22.15 3.95
N LEU D 191 4.15 -22.09 3.19
CA LEU D 191 4.64 -20.86 2.58
C LEU D 191 4.97 -21.12 1.12
N ASN D 192 4.90 -20.05 0.32
CA ASN D 192 5.14 -20.16 -1.11
C ASN D 192 6.61 -20.32 -1.44
N GLN D 193 7.52 -19.85 -0.59
CA GLN D 193 8.95 -19.86 -0.90
C GLN D 193 9.79 -20.28 0.30
N TYR D 194 9.24 -21.08 1.21
CA TYR D 194 9.99 -21.53 2.36
C TYR D 194 9.42 -22.85 2.88
N HIS D 195 10.30 -23.67 3.43
CA HIS D 195 9.92 -24.89 4.13
C HIS D 195 10.24 -24.73 5.60
N LEU D 196 9.26 -25.02 6.46
CA LEU D 196 9.44 -24.94 7.91
C LEU D 196 10.01 -26.26 8.39
N MET D 197 11.34 -26.33 8.45
CA MET D 197 12.00 -27.58 8.82
C MET D 197 11.69 -27.96 10.26
N GLY D 198 11.71 -26.99 11.17
CA GLY D 198 11.45 -27.30 12.56
C GLY D 198 11.57 -26.06 13.42
N GLN D 199 11.44 -26.27 14.72
CA GLN D 199 11.48 -25.19 15.70
C GLN D 199 12.41 -25.57 16.84
N THR D 200 13.01 -24.56 17.46
CA THR D 200 13.83 -24.74 18.64
C THR D 200 13.52 -23.64 19.64
N VAL D 201 13.74 -23.94 20.92
CA VAL D 201 13.45 -23.03 22.01
C VAL D 201 14.67 -22.91 22.89
N GLY D 202 14.91 -21.70 23.41
CA GLY D 202 16.05 -21.44 24.26
C GLY D 202 15.75 -20.32 25.22
N THR D 203 16.71 -20.07 26.11
CA THR D 203 16.59 -19.02 27.11
C THR D 203 17.94 -18.34 27.28
N GLU D 204 17.91 -17.13 27.81
CA GLU D 204 19.12 -16.37 28.05
C GLU D 204 18.77 -15.15 28.90
N ASN D 205 19.71 -14.76 29.75
CA ASN D 205 19.59 -13.58 30.59
C ASN D 205 20.29 -12.42 29.91
N ILE D 206 19.66 -11.25 29.93
CA ILE D 206 20.22 -10.04 29.35
C ILE D 206 20.36 -9.00 30.45
N SER D 207 21.49 -8.33 30.48
CA SER D 207 21.76 -7.27 31.45
C SER D 207 21.47 -5.92 30.80
N THR D 208 20.69 -5.10 31.51
CA THR D 208 20.28 -3.79 31.02
C THR D 208 20.49 -2.76 32.12
N SER D 209 20.32 -1.49 31.76
CA SER D 209 20.41 -0.42 32.75
C SER D 209 19.32 -0.54 33.81
N THR D 210 18.21 -1.18 33.49
CA THR D 210 17.11 -1.36 34.43
C THR D 210 17.17 -2.68 35.18
N GLY D 211 18.19 -3.49 34.93
CA GLY D 211 18.37 -4.75 35.62
C GLY D 211 18.47 -5.91 34.64
N GLU D 212 18.58 -7.11 35.21
CA GLU D 212 18.69 -8.33 34.43
C GLU D 212 17.31 -8.89 34.13
N TYR D 213 17.11 -9.31 32.89
CA TYR D 213 15.86 -9.88 32.44
C TYR D 213 16.12 -11.21 31.74
N THR D 214 15.24 -12.18 31.98
CA THR D 214 15.31 -13.46 31.30
C THR D 214 14.51 -13.39 30.01
N ILE D 215 15.09 -13.94 28.94
CA ILE D 215 14.52 -13.86 27.61
C ILE D 215 14.23 -15.27 27.11
N MET D 216 13.00 -15.48 26.65
CA MET D 216 12.59 -16.74 26.06
C MET D 216 12.65 -16.59 24.55
N THR D 217 13.42 -17.45 23.89
CA THR D 217 13.68 -17.35 22.46
C THR D 217 13.19 -18.60 21.75
N ALA D 218 12.51 -18.39 20.64
CA ALA D 218 12.05 -19.48 19.77
C ALA D 218 12.55 -19.22 18.36
N HIS D 219 13.21 -20.21 17.77
CA HIS D 219 13.76 -20.09 16.43
C HIS D 219 13.04 -21.04 15.49
N PHE D 220 12.70 -20.53 14.31
CA PHE D 220 12.06 -21.30 13.26
C PHE D 220 13.05 -21.50 12.12
N HIS D 221 13.31 -22.75 11.77
CA HIS D 221 14.25 -23.08 10.73
C HIS D 221 13.54 -23.07 9.38
N LEU D 222 13.99 -22.19 8.48
CA LEU D 222 13.39 -22.02 7.18
C LEU D 222 14.36 -22.48 6.10
N LYS D 223 13.91 -23.39 5.25
CA LYS D 223 14.67 -23.87 4.10
C LYS D 223 13.96 -23.40 2.85
N ARG D 224 14.54 -22.41 2.17
CA ARG D 224 13.91 -21.85 0.99
C ARG D 224 13.70 -22.93 -0.06
N LYS D 225 12.50 -22.98 -0.62
CA LYS D 225 12.16 -23.94 -1.65
C LYS D 225 12.42 -23.31 -3.01
N ILE D 226 13.22 -23.98 -3.82
CA ILE D 226 13.59 -23.46 -5.13
C ILE D 226 12.62 -24.02 -6.17
N GLY D 227 12.50 -23.31 -7.28
CA GLY D 227 11.60 -23.70 -8.34
C GLY D 227 10.90 -22.51 -8.96
N TYR D 228 10.63 -21.49 -8.15
CA TYR D 228 10.11 -20.24 -8.69
C TYR D 228 11.20 -19.46 -9.41
N PHE D 229 12.39 -19.41 -8.83
CA PHE D 229 13.49 -18.70 -9.47
C PHE D 229 14.03 -19.46 -10.66
N VAL D 230 13.91 -20.79 -10.64
CA VAL D 230 14.29 -21.58 -11.81
C VAL D 230 13.43 -21.21 -13.01
N ILE D 231 12.12 -21.09 -12.79
CA ILE D 231 11.21 -20.74 -13.87
C ILE D 231 11.28 -19.26 -14.20
N GLN D 232 11.75 -18.42 -13.28
CA GLN D 232 11.73 -16.97 -13.44
C GLN D 232 13.07 -16.40 -13.84
N THR D 233 14.17 -16.93 -13.31
CA THR D 233 15.49 -16.36 -13.53
C THR D 233 16.44 -17.31 -14.24
N TYR D 234 16.63 -18.52 -13.71
CA TYR D 234 17.66 -19.41 -14.24
C TYR D 234 17.35 -19.85 -15.66
N LEU D 235 16.13 -20.36 -15.90
CA LEU D 235 15.80 -20.88 -17.22
C LEU D 235 15.91 -19.80 -18.29
N PRO D 236 15.34 -18.62 -18.13
CA PRO D 236 15.55 -17.58 -19.16
C PRO D 236 17.01 -17.29 -19.40
N CYS D 237 17.83 -17.28 -18.34
CA CYS D 237 19.26 -17.10 -18.51
C CYS D 237 19.88 -18.27 -19.26
N ILE D 238 19.49 -19.49 -18.92
CA ILE D 238 20.07 -20.66 -19.57
C ILE D 238 19.70 -20.69 -21.04
N MET D 239 18.42 -20.50 -21.36
CA MET D 239 17.99 -20.53 -22.75
C MET D 239 18.56 -19.35 -23.53
N THR D 240 18.74 -18.20 -22.88
CA THR D 240 19.34 -17.06 -23.55
C THR D 240 20.77 -17.36 -23.98
N VAL D 241 21.53 -18.04 -23.13
CA VAL D 241 22.89 -18.43 -23.49
C VAL D 241 22.89 -19.37 -24.67
N ILE D 242 21.99 -20.35 -24.66
CA ILE D 242 21.89 -21.29 -25.78
C ILE D 242 21.53 -20.55 -27.06
N LEU D 243 20.67 -19.53 -26.94
CA LEU D 243 20.30 -18.75 -28.11
C LEU D 243 21.51 -18.07 -28.73
N SER D 244 22.40 -17.53 -27.89
CA SER D 244 23.59 -16.86 -28.40
C SER D 244 24.48 -17.85 -29.15
N GLN D 245 24.63 -19.07 -28.63
CA GLN D 245 25.50 -20.04 -29.26
C GLN D 245 25.02 -20.46 -30.63
N VAL D 246 23.75 -20.21 -30.95
CA VAL D 246 23.25 -20.51 -32.29
C VAL D 246 23.99 -19.69 -33.34
N SER D 247 24.46 -18.50 -32.97
CA SER D 247 25.18 -17.66 -33.92
C SER D 247 26.43 -18.35 -34.45
N PHE D 248 27.01 -19.26 -33.67
CA PHE D 248 28.21 -19.96 -34.12
C PHE D 248 27.94 -20.85 -35.33
N TRP D 249 26.68 -21.22 -35.56
CA TRP D 249 26.32 -22.09 -36.67
C TRP D 249 25.94 -21.33 -37.92
N LEU D 250 26.03 -20.01 -37.91
CA LEU D 250 25.75 -19.18 -39.07
C LEU D 250 27.05 -18.78 -39.76
N ASN D 251 26.95 -18.50 -41.05
CA ASN D 251 28.13 -18.13 -41.83
C ASN D 251 28.64 -16.77 -41.39
N ARG D 252 29.96 -16.58 -41.54
CA ARG D 252 30.59 -15.33 -41.11
C ARG D 252 30.07 -14.14 -41.91
N GLU D 253 29.88 -14.32 -43.22
CA GLU D 253 29.46 -13.21 -44.06
C GLU D 253 28.12 -12.63 -43.62
N SER D 254 27.29 -13.40 -42.91
CA SER D 254 26.02 -12.91 -42.38
C SER D 254 26.29 -12.06 -41.15
N VAL D 255 26.86 -10.88 -41.41
CA VAL D 255 27.27 -9.99 -40.32
C VAL D 255 26.06 -9.52 -39.54
N ALA D 256 25.02 -9.08 -40.23
CA ALA D 256 23.84 -8.55 -39.55
C ALA D 256 23.15 -9.64 -38.74
N ALA D 257 23.03 -10.84 -39.29
CA ALA D 257 22.33 -11.91 -38.60
C ALA D 257 22.99 -12.23 -37.26
N ARG D 258 24.31 -12.45 -37.27
CA ARG D 258 25.00 -12.79 -36.04
C ARG D 258 25.05 -11.61 -35.08
N THR D 259 25.00 -10.38 -35.61
CA THR D 259 24.97 -9.21 -34.74
C THR D 259 23.69 -9.18 -33.91
N VAL D 260 22.55 -9.56 -34.50
CA VAL D 260 21.30 -9.54 -33.78
C VAL D 260 21.34 -10.49 -32.60
N PHE D 261 21.88 -11.69 -32.81
CA PHE D 261 21.99 -12.66 -31.73
C PHE D 261 22.78 -12.08 -30.56
N GLY D 262 23.98 -11.56 -30.83
CA GLY D 262 24.82 -11.07 -29.76
C GLY D 262 24.22 -9.87 -29.04
N VAL D 263 23.73 -8.90 -29.81
CA VAL D 263 23.20 -7.68 -29.21
C VAL D 263 21.94 -7.98 -28.40
N THR D 264 21.00 -8.72 -29.01
CA THR D 264 19.74 -9.01 -28.33
C THR D 264 19.97 -9.82 -27.06
N THR D 265 20.84 -10.82 -27.13
CA THR D 265 21.10 -11.66 -25.95
C THR D 265 21.75 -10.86 -24.84
N VAL D 266 22.71 -9.99 -25.17
CA VAL D 266 23.39 -9.21 -24.14
C VAL D 266 22.39 -8.31 -23.42
N LEU D 267 21.54 -7.62 -24.17
CA LEU D 267 20.53 -6.78 -23.56
C LEU D 267 19.53 -7.62 -22.76
N THR D 268 19.17 -8.78 -23.29
CA THR D 268 18.23 -9.65 -22.60
C THR D 268 18.77 -10.04 -21.23
N MET D 269 20.05 -10.42 -21.16
CA MET D 269 20.64 -10.76 -19.88
C MET D 269 20.71 -9.55 -18.96
N THR D 270 20.96 -8.36 -19.52
CA THR D 270 21.03 -7.16 -18.71
C THR D 270 19.70 -6.89 -18.02
N THR D 271 18.59 -6.98 -18.76
CA THR D 271 17.29 -6.71 -18.15
C THR D 271 16.89 -7.80 -17.17
N LEU D 272 17.31 -9.04 -17.41
CA LEU D 272 17.00 -10.13 -16.48
C LEU D 272 17.63 -9.86 -15.12
N SER D 273 18.88 -9.38 -15.10
CA SER D 273 19.50 -9.05 -13.83
C SER D 273 18.74 -7.95 -13.10
N ILE D 274 18.30 -6.93 -13.83
CA ILE D 274 17.52 -5.86 -13.22
C ILE D 274 16.20 -6.41 -12.70
N SER D 275 15.52 -7.22 -13.53
CA SER D 275 14.23 -7.76 -13.13
C SER D 275 14.37 -8.69 -11.94
N ALA D 276 15.44 -9.49 -11.91
CA ALA D 276 15.59 -10.46 -10.83
C ALA D 276 15.69 -9.79 -9.47
N ARG D 277 16.44 -8.68 -9.40
CA ARG D 277 16.66 -8.01 -8.13
C ARG D 277 15.53 -7.08 -7.73
N ASN D 278 14.53 -6.88 -8.59
CA ASN D 278 13.40 -6.04 -8.23
C ASN D 278 12.67 -6.59 -7.02
N SER D 279 12.38 -7.91 -7.03
CA SER D 279 11.76 -8.54 -5.88
C SER D 279 12.75 -8.77 -4.75
N LEU D 280 14.00 -9.07 -5.08
CA LEU D 280 15.00 -9.34 -4.07
C LEU D 280 15.30 -8.07 -3.25
N PRO D 281 15.62 -8.22 -1.97
CA PRO D 281 15.99 -7.04 -1.18
C PRO D 281 17.23 -6.36 -1.74
N LYS D 282 17.29 -5.04 -1.55
CA LYS D 282 18.39 -4.24 -2.08
C LYS D 282 19.64 -4.37 -1.20
N VAL D 283 20.16 -5.60 -1.15
CA VAL D 283 21.35 -5.88 -0.37
C VAL D 283 22.58 -5.45 -1.15
N ALA D 284 23.57 -4.93 -0.44
CA ALA D 284 24.79 -4.42 -1.07
C ALA D 284 25.87 -5.49 -1.14
N TYR D 285 25.52 -6.66 -1.64
CA TYR D 285 26.49 -7.71 -1.87
C TYR D 285 25.93 -8.69 -2.89
N ALA D 286 26.82 -9.46 -3.49
CA ALA D 286 26.46 -10.38 -4.56
C ALA D 286 25.94 -11.69 -3.98
N THR D 287 24.89 -12.22 -4.61
CA THR D 287 24.31 -13.50 -4.23
C THR D 287 24.73 -14.57 -5.22
N ALA D 288 24.36 -15.82 -4.91
CA ALA D 288 24.68 -16.92 -5.80
C ALA D 288 23.98 -16.74 -7.14
N MET D 289 22.73 -16.28 -7.12
CA MET D 289 22.03 -16.03 -8.38
C MET D 289 22.73 -14.95 -9.19
N ASP D 290 23.25 -13.92 -8.52
CA ASP D 290 23.96 -12.85 -9.23
C ASP D 290 25.19 -13.41 -9.95
N TRP D 291 25.94 -14.29 -9.29
CA TRP D 291 27.10 -14.89 -9.95
C TRP D 291 26.67 -15.71 -11.15
N PHE D 292 25.57 -16.47 -11.03
CA PHE D 292 25.10 -17.26 -12.14
C PHE D 292 24.73 -16.37 -13.33
N ILE D 293 24.05 -15.26 -13.05
CA ILE D 293 23.72 -14.31 -14.12
C ILE D 293 24.99 -13.72 -14.71
N ALA D 294 25.94 -13.35 -13.86
CA ALA D 294 27.17 -12.75 -14.35
C ALA D 294 27.91 -13.70 -15.28
N VAL D 295 28.01 -14.97 -14.90
CA VAL D 295 28.66 -15.95 -15.76
C VAL D 295 27.90 -16.09 -17.08
N CYS D 296 26.57 -16.17 -17.00
CA CYS D 296 25.77 -16.24 -18.22
C CYS D 296 25.97 -15.00 -19.08
N TYR D 297 26.12 -13.84 -18.44
CA TYR D 297 26.39 -12.62 -19.19
C TYR D 297 27.73 -12.72 -19.91
N ALA D 298 28.72 -13.34 -19.27
CA ALA D 298 30.02 -13.48 -19.90
C ALA D 298 29.95 -14.34 -21.14
N PHE D 299 29.18 -15.43 -21.09
CA PHE D 299 29.08 -16.33 -22.24
C PHE D 299 28.48 -15.62 -23.44
N VAL D 300 27.36 -14.91 -23.24
CA VAL D 300 26.73 -14.21 -24.34
C VAL D 300 27.63 -13.10 -24.85
N PHE D 301 28.25 -12.34 -23.94
CA PHE D 301 29.17 -11.29 -24.35
C PHE D 301 30.38 -11.88 -25.05
N SER D 302 30.91 -12.98 -24.54
CA SER D 302 32.06 -13.62 -25.16
C SER D 302 31.74 -14.08 -26.57
N ALA D 303 30.54 -14.62 -26.77
CA ALA D 303 30.14 -15.06 -28.11
C ALA D 303 30.17 -13.90 -29.09
N LEU D 304 29.67 -12.74 -28.69
CA LEU D 304 29.73 -11.57 -29.55
C LEU D 304 31.16 -11.18 -29.85
N LEU D 305 32.03 -11.23 -28.84
CA LEU D 305 33.44 -10.92 -29.06
C LEU D 305 34.06 -11.89 -30.05
N GLU D 306 33.69 -13.16 -29.97
CA GLU D 306 34.19 -14.15 -30.92
C GLU D 306 33.79 -13.78 -32.34
N PHE D 307 32.53 -13.36 -32.53
CA PHE D 307 32.08 -12.95 -33.85
C PHE D 307 32.84 -11.72 -34.33
N ALA D 308 33.02 -10.74 -33.44
CA ALA D 308 33.75 -9.54 -33.82
C ALA D 308 35.19 -9.87 -34.18
N PHE D 309 35.84 -10.71 -33.37
CA PHE D 309 37.21 -11.12 -33.68
C PHE D 309 37.26 -11.91 -34.98
N VAL D 310 36.30 -12.81 -35.18
CA VAL D 310 36.26 -13.60 -36.41
C VAL D 310 36.05 -12.68 -37.61
N ASN D 311 35.10 -11.75 -37.51
CA ASN D 311 34.82 -10.84 -38.61
C ASN D 311 35.98 -9.89 -38.87
N TYR D 312 36.83 -9.66 -37.87
CA TYR D 312 37.97 -8.76 -38.05
C TYR D 312 39.09 -9.41 -38.84
N ILE D 313 39.23 -10.73 -38.76
CA ILE D 313 40.30 -11.46 -39.43
C ILE D 313 39.75 -12.36 -40.53
N THR D 314 38.49 -12.20 -40.91
CA THR D 314 37.90 -13.04 -41.93
C THR D 314 38.52 -12.84 -43.31
N LYS D 315 39.30 -11.77 -43.50
CA LYS D 315 39.95 -11.48 -44.76
C LYS D 315 41.41 -11.91 -44.78
N SER D 316 42.20 -11.43 -43.83
CA SER D 316 43.63 -11.70 -43.84
C SER D 316 43.92 -13.18 -43.67
N GLN D 317 43.31 -13.81 -42.67
CA GLN D 317 43.55 -15.22 -42.36
C GLN D 317 42.21 -15.92 -42.16
N PRO D 318 41.49 -16.20 -43.24
CA PRO D 318 40.21 -16.90 -43.10
C PRO D 318 40.35 -18.29 -42.48
N ALA D 319 41.50 -18.93 -42.64
CA ALA D 319 41.65 -20.31 -42.15
C ALA D 319 41.41 -20.38 -40.64
N ARG D 320 42.03 -19.48 -39.89
CA ARG D 320 41.84 -19.49 -38.44
C ARG D 320 40.43 -19.08 -38.07
N ALA D 321 39.80 -18.23 -38.87
CA ALA D 321 38.43 -17.79 -38.57
C ALA D 321 37.48 -18.98 -38.55
N ALA D 322 37.57 -19.86 -39.54
CA ALA D 322 36.71 -21.04 -39.57
C ALA D 322 37.00 -21.96 -38.39
N LYS D 323 38.27 -22.15 -38.06
CA LYS D 323 38.62 -23.03 -36.95
C LYS D 323 38.05 -22.51 -35.65
N ILE D 324 38.16 -21.20 -35.40
CA ILE D 324 37.64 -20.63 -34.17
C ILE D 324 36.12 -20.81 -34.11
N ASP D 325 35.43 -20.50 -35.21
CA ASP D 325 33.99 -20.65 -35.24
C ASP D 325 33.60 -22.12 -35.06
N LYS D 326 34.30 -23.02 -35.74
CA LYS D 326 34.01 -24.45 -35.59
C LYS D 326 34.32 -24.92 -34.18
N MET D 327 35.46 -24.50 -33.63
CA MET D 327 35.83 -24.90 -32.27
C MET D 327 34.86 -24.33 -31.25
N SER D 328 34.43 -23.09 -31.45
CA SER D 328 33.53 -22.45 -30.48
C SER D 328 32.21 -23.21 -30.36
N ARG D 329 31.79 -23.89 -31.42
CA ARG D 329 30.53 -24.63 -31.36
C ARG D 329 30.59 -25.72 -30.29
N ILE D 330 31.76 -26.24 -30.01
CA ILE D 330 31.94 -27.32 -29.04
C ILE D 330 32.35 -26.78 -27.68
N VAL D 331 33.26 -25.81 -27.66
CA VAL D 331 33.82 -25.34 -26.39
C VAL D 331 32.73 -24.67 -25.55
N PHE D 332 31.97 -23.76 -26.15
CA PHE D 332 31.01 -22.98 -25.36
C PHE D 332 29.96 -23.86 -24.69
N PRO D 333 29.28 -24.77 -25.39
CA PRO D 333 28.29 -25.60 -24.69
C PRO D 333 28.89 -26.43 -23.56
N ILE D 334 30.12 -26.92 -23.74
CA ILE D 334 30.74 -27.75 -22.72
C ILE D 334 31.02 -26.93 -21.47
N LEU D 335 31.62 -25.74 -21.64
CA LEU D 335 31.94 -24.90 -20.49
C LEU D 335 30.69 -24.50 -19.74
N PHE D 336 29.65 -24.08 -20.45
CA PHE D 336 28.42 -23.70 -19.78
C PHE D 336 27.78 -24.88 -19.07
N GLY D 337 27.75 -26.04 -19.71
CA GLY D 337 27.25 -27.22 -19.04
C GLY D 337 28.10 -27.61 -17.85
N THR D 338 29.42 -27.52 -17.99
CA THR D 338 30.31 -27.83 -16.88
C THR D 338 30.10 -26.87 -15.72
N PHE D 339 29.90 -25.58 -16.02
CA PHE D 339 29.71 -24.60 -14.97
C PHE D 339 28.47 -24.92 -14.14
N ASN D 340 27.39 -25.33 -14.79
CA ASN D 340 26.16 -25.61 -14.07
C ASN D 340 26.36 -26.73 -13.05
N LEU D 341 27.06 -27.79 -13.45
CA LEU D 341 27.29 -28.90 -12.52
C LEU D 341 28.04 -28.42 -11.29
N VAL D 342 29.08 -27.62 -11.47
CA VAL D 342 29.81 -27.06 -10.34
C VAL D 342 28.91 -26.13 -9.54
N TYR D 343 28.16 -25.27 -10.23
CA TYR D 343 27.32 -24.30 -9.53
C TYR D 343 26.25 -25.00 -8.72
N TRP D 344 25.48 -25.89 -9.35
CA TRP D 344 24.40 -26.57 -8.65
C TRP D 344 24.94 -27.47 -7.55
N ALA D 345 26.00 -28.23 -7.84
CA ALA D 345 26.56 -29.12 -6.84
C ALA D 345 27.08 -28.35 -5.64
N THR D 346 27.74 -27.22 -5.88
CA THR D 346 28.33 -26.45 -4.78
C THR D 346 27.26 -25.96 -3.82
N TYR D 347 26.16 -25.42 -4.35
CA TYR D 347 25.13 -24.83 -3.50
C TYR D 347 24.05 -25.82 -3.09
N LEU D 348 23.99 -27.00 -3.71
CA LEU D 348 23.06 -28.04 -3.31
C LEU D 348 23.70 -29.13 -2.46
N ASN D 349 24.95 -28.93 -2.04
CA ASN D 349 25.64 -29.91 -1.21
C ASN D 349 26.17 -29.27 0.06
N ASN E 14 -46.39 5.02 30.05
CA ASN E 14 -46.58 3.72 29.41
C ASN E 14 -45.25 3.14 28.93
N ILE E 15 -44.26 4.02 28.73
CA ILE E 15 -42.94 3.56 28.31
C ILE E 15 -42.04 3.22 29.48
N THR E 16 -42.33 3.74 30.68
CA THR E 16 -41.49 3.43 31.83
C THR E 16 -41.52 1.96 32.19
N ILE E 17 -42.55 1.23 31.77
CA ILE E 17 -42.63 -0.20 32.07
C ILE E 17 -41.44 -0.93 31.46
N PHE E 18 -41.07 -0.56 30.23
CA PHE E 18 -39.91 -1.20 29.59
C PHE E 18 -38.63 -0.94 30.38
N THR E 19 -38.48 0.28 30.92
CA THR E 19 -37.31 0.59 31.71
C THR E 19 -37.22 -0.30 32.94
N ARG E 20 -38.36 -0.54 33.61
CA ARG E 20 -38.36 -1.38 34.79
C ARG E 20 -37.93 -2.80 34.46
N ILE E 21 -38.41 -3.32 33.32
CA ILE E 21 -38.04 -4.68 32.93
C ILE E 21 -36.54 -4.80 32.73
N LEU E 22 -35.96 -3.89 31.96
CA LEU E 22 -34.53 -3.95 31.69
C LEU E 22 -33.72 -3.81 32.97
N ASP E 23 -34.12 -2.89 33.83
CA ASP E 23 -33.42 -2.74 35.12
C ASP E 23 -33.55 -4.00 35.95
N GLY E 24 -34.73 -4.63 35.95
CA GLY E 24 -34.90 -5.84 36.72
C GLY E 24 -34.03 -6.98 36.24
N LEU E 25 -33.93 -7.15 34.92
CA LEU E 25 -33.13 -8.24 34.38
C LEU E 25 -31.66 -8.10 34.75
N LEU E 26 -31.12 -6.88 34.65
CA LEU E 26 -29.72 -6.65 34.98
C LEU E 26 -29.45 -6.75 36.47
N ASP E 27 -30.48 -6.57 37.30
CA ASP E 27 -30.28 -6.67 38.74
C ASP E 27 -29.92 -8.10 39.11
N GLY E 28 -28.84 -8.24 39.89
CA GLY E 28 -28.37 -9.57 40.24
C GLY E 28 -28.00 -10.41 39.05
N TYR E 29 -27.40 -9.79 38.03
CA TYR E 29 -27.00 -10.48 36.81
C TYR E 29 -25.48 -10.39 36.67
N ASP E 30 -24.84 -11.53 36.46
CA ASP E 30 -23.40 -11.62 36.27
C ASP E 30 -23.13 -12.00 34.83
N ASN E 31 -22.50 -11.09 34.09
CA ASN E 31 -22.17 -11.33 32.70
C ASN E 31 -20.92 -12.20 32.54
N ARG E 32 -20.20 -12.47 33.62
CA ARG E 32 -19.01 -13.31 33.57
C ARG E 32 -19.33 -14.79 33.59
N LEU E 33 -20.60 -15.16 33.76
CA LEU E 33 -21.00 -16.56 33.88
C LEU E 33 -21.95 -16.90 32.74
N ARG E 34 -21.70 -18.03 32.10
CA ARG E 34 -22.57 -18.47 31.01
C ARG E 34 -23.90 -18.97 31.58
N PRO E 35 -24.97 -18.88 30.80
CA PRO E 35 -26.25 -19.42 31.26
C PRO E 35 -26.17 -20.93 31.45
N GLY E 36 -26.92 -21.42 32.44
CA GLY E 36 -26.92 -22.83 32.74
C GLY E 36 -25.57 -23.35 33.17
N LEU E 37 -24.80 -22.54 33.89
CA LEU E 37 -23.49 -22.96 34.35
C LEU E 37 -23.62 -24.01 35.44
N GLY E 38 -22.87 -25.11 35.31
CA GLY E 38 -22.94 -26.18 36.28
C GLY E 38 -24.26 -26.90 36.35
N GLU E 39 -25.14 -26.71 35.37
CA GLU E 39 -26.45 -27.33 35.38
C GLU E 39 -26.73 -28.04 34.06
N ARG E 40 -26.17 -27.54 32.97
CA ARG E 40 -26.39 -28.10 31.64
C ARG E 40 -25.33 -27.52 30.72
N ILE E 41 -25.47 -27.79 29.42
CA ILE E 41 -24.53 -27.34 28.40
C ILE E 41 -25.22 -26.26 27.57
N THR E 42 -24.55 -25.12 27.43
CA THR E 42 -25.11 -24.03 26.64
C THR E 42 -25.08 -24.39 25.16
N GLN E 43 -26.20 -24.20 24.48
CA GLN E 43 -26.35 -24.52 23.07
C GLN E 43 -26.59 -23.24 22.30
N VAL E 44 -25.80 -23.02 21.24
CA VAL E 44 -25.84 -21.80 20.45
C VAL E 44 -26.20 -22.17 19.03
N ARG E 45 -27.19 -21.47 18.46
CA ARG E 45 -27.60 -21.65 17.08
C ARG E 45 -27.08 -20.49 16.25
N THR E 46 -26.38 -20.80 15.17
CA THR E 46 -25.70 -19.81 14.34
C THR E 46 -26.30 -19.81 12.94
N ASP E 47 -26.59 -18.62 12.43
CA ASP E 47 -27.00 -18.43 11.05
C ASP E 47 -26.20 -17.27 10.47
N MET E 48 -25.82 -17.40 9.21
CA MET E 48 -24.94 -16.45 8.55
C MET E 48 -25.57 -15.98 7.25
N TYR E 49 -25.46 -14.68 6.98
CA TYR E 49 -25.86 -14.10 5.72
C TYR E 49 -24.67 -13.32 5.16
N VAL E 50 -24.26 -13.66 3.95
CA VAL E 50 -23.09 -13.06 3.32
C VAL E 50 -23.58 -11.89 2.47
N ASN E 51 -23.35 -10.67 2.97
CA ASN E 51 -23.76 -9.49 2.23
C ASN E 51 -22.98 -9.37 0.93
N SER E 52 -21.68 -9.64 0.96
CA SER E 52 -20.84 -9.56 -0.22
C SER E 52 -19.60 -10.42 0.00
N PHE E 53 -19.31 -11.29 -0.96
CA PHE E 53 -18.11 -12.12 -0.92
C PHE E 53 -16.95 -11.29 -1.45
N GLY E 54 -16.10 -10.80 -0.55
CA GLY E 54 -15.06 -9.88 -0.90
C GLY E 54 -14.07 -10.46 -1.89
N PRO E 55 -13.12 -9.65 -2.33
CA PRO E 55 -12.12 -10.12 -3.29
C PRO E 55 -11.26 -11.22 -2.71
N VAL E 56 -10.80 -12.11 -3.60
CA VAL E 56 -9.93 -13.21 -3.24
C VAL E 56 -8.52 -12.85 -3.70
N SER E 57 -7.61 -12.72 -2.74
CA SER E 57 -6.22 -12.37 -3.02
C SER E 57 -5.42 -13.66 -3.16
N ASP E 58 -5.19 -14.07 -4.41
CA ASP E 58 -4.43 -15.29 -4.65
C ASP E 58 -3.01 -15.16 -4.12
N THR E 59 -2.40 -13.99 -4.29
CA THR E 59 -1.03 -13.79 -3.83
C THR E 59 -0.91 -14.00 -2.33
N GLU E 60 -1.85 -13.45 -1.56
CA GLU E 60 -1.83 -13.56 -0.11
C GLU E 60 -2.63 -14.75 0.41
N MET E 61 -3.26 -15.52 -0.47
CA MET E 61 -4.02 -16.70 -0.06
C MET E 61 -5.09 -16.32 0.96
N GLU E 62 -5.74 -15.18 0.75
CA GLU E 62 -6.79 -14.70 1.65
C GLU E 62 -7.97 -14.22 0.83
N TYR E 63 -9.14 -14.26 1.45
CA TYR E 63 -10.37 -13.76 0.84
C TYR E 63 -11.13 -12.96 1.87
N THR E 64 -11.62 -11.79 1.47
CA THR E 64 -12.44 -10.96 2.34
C THR E 64 -13.91 -11.34 2.18
N ILE E 65 -14.66 -11.15 3.26
CA ILE E 65 -16.08 -11.49 3.27
C ILE E 65 -16.77 -10.64 4.33
N ASP E 66 -17.95 -10.11 3.97
CA ASP E 66 -18.77 -9.34 4.87
C ASP E 66 -20.05 -10.12 5.14
N ILE E 67 -20.34 -10.33 6.43
CA ILE E 67 -21.46 -11.18 6.84
C ILE E 67 -22.23 -10.50 7.96
N PHE E 68 -23.46 -10.96 8.15
CA PHE E 68 -24.29 -10.58 9.28
C PHE E 68 -24.39 -11.83 10.16
N PHE E 69 -23.43 -11.97 11.08
CA PHE E 69 -23.34 -13.15 11.92
C PHE E 69 -24.36 -13.06 13.04
N ALA E 70 -25.21 -14.07 13.15
CA ALA E 70 -26.27 -14.12 14.15
C ALA E 70 -26.11 -15.36 15.01
N GLN E 71 -26.27 -15.17 16.32
CA GLN E 71 -26.20 -16.24 17.29
C GLN E 71 -27.46 -16.23 18.14
N THR E 72 -27.95 -17.42 18.47
CA THR E 72 -29.14 -17.57 19.30
C THR E 72 -28.85 -18.57 20.41
N TRP E 73 -29.30 -18.26 21.61
CA TRP E 73 -29.12 -19.14 22.75
C TRP E 73 -30.21 -18.84 23.78
N LYS E 74 -30.23 -19.63 24.83
CA LYS E 74 -31.26 -19.56 25.87
C LYS E 74 -30.63 -19.14 27.18
N ASP E 75 -31.19 -18.12 27.81
CA ASP E 75 -30.73 -17.62 29.10
C ASP E 75 -31.94 -17.44 30.00
N GLU E 76 -32.12 -18.34 30.96
CA GLU E 76 -33.27 -18.30 31.85
C GLU E 76 -33.27 -17.05 32.73
N ARG E 77 -32.10 -16.44 32.94
CA ARG E 77 -32.02 -15.24 33.77
C ARG E 77 -32.68 -14.03 33.13
N LEU E 78 -32.99 -14.10 31.84
CA LEU E 78 -33.57 -12.97 31.11
C LEU E 78 -35.07 -13.10 30.91
N ARG E 79 -35.71 -14.05 31.58
CA ARG E 79 -37.15 -14.18 31.49
C ARG E 79 -37.83 -12.93 32.02
N PHE E 80 -38.93 -12.54 31.38
CA PHE E 80 -39.66 -11.36 31.80
C PHE E 80 -41.12 -11.51 31.37
N LYS E 81 -41.97 -10.70 32.00
CA LYS E 81 -43.39 -10.66 31.69
C LYS E 81 -43.78 -9.22 31.37
N GLY E 82 -44.47 -9.03 30.26
CA GLY E 82 -44.87 -7.71 29.83
C GLY E 82 -45.82 -7.75 28.66
N PRO E 83 -46.35 -6.58 28.29
CA PRO E 83 -47.28 -6.54 27.15
C PRO E 83 -46.66 -7.01 25.85
N MET E 84 -45.38 -6.78 25.64
CA MET E 84 -44.70 -7.16 24.41
C MET E 84 -43.90 -8.43 24.63
N GLN E 85 -44.01 -9.37 23.69
CA GLN E 85 -43.28 -10.63 23.77
C GLN E 85 -41.84 -10.52 23.32
N ARG E 86 -41.44 -9.37 22.76
CA ARG E 86 -40.09 -9.18 22.26
C ARG E 86 -39.61 -7.79 22.66
N LEU E 87 -38.29 -7.66 22.80
CA LEU E 87 -37.65 -6.41 23.19
C LEU E 87 -36.52 -6.10 22.21
N PRO E 88 -36.84 -5.50 21.07
CA PRO E 88 -35.78 -5.04 20.17
C PRO E 88 -34.88 -4.02 20.87
N LEU E 89 -33.58 -4.12 20.62
CA LEU E 89 -32.60 -3.28 21.30
C LEU E 89 -31.42 -3.06 20.36
N ASN E 90 -30.32 -2.57 20.93
CA ASN E 90 -29.13 -2.24 20.16
C ASN E 90 -27.91 -2.69 20.96
N ASN E 91 -26.73 -2.21 20.54
CA ASN E 91 -25.47 -2.62 21.17
C ASN E 91 -25.34 -2.14 22.60
N LEU E 92 -26.19 -1.21 23.05
CA LEU E 92 -26.03 -0.65 24.39
C LEU E 92 -26.12 -1.73 25.45
N LEU E 93 -27.08 -2.65 25.32
CA LEU E 93 -27.28 -3.70 26.30
C LEU E 93 -26.45 -4.95 26.01
N ALA E 94 -25.77 -5.00 24.86
CA ALA E 94 -25.01 -6.19 24.52
C ALA E 94 -23.89 -6.45 25.52
N SER E 95 -23.19 -5.39 25.94
CA SER E 95 -22.09 -5.55 26.88
C SER E 95 -22.55 -5.81 28.30
N LYS E 96 -23.83 -5.61 28.60
CA LYS E 96 -24.35 -5.79 29.94
C LYS E 96 -24.76 -7.24 30.22
N ILE E 97 -24.72 -8.12 29.23
CA ILE E 97 -25.12 -9.50 29.40
C ILE E 97 -24.00 -10.40 28.86
N TRP E 98 -24.18 -11.70 29.05
CA TRP E 98 -23.21 -12.68 28.59
C TRP E 98 -23.44 -12.99 27.12
N THR E 99 -22.35 -12.96 26.35
CA THR E 99 -22.38 -13.38 24.95
C THR E 99 -21.23 -14.34 24.69
N PRO E 100 -21.40 -15.27 23.76
CA PRO E 100 -20.34 -16.24 23.48
C PRO E 100 -19.09 -15.57 22.94
N ASP E 101 -17.95 -16.15 23.28
CA ASP E 101 -16.65 -15.65 22.81
C ASP E 101 -16.29 -16.24 21.46
N THR E 102 -17.21 -16.13 20.51
CA THR E 102 -17.00 -16.69 19.19
C THR E 102 -15.86 -15.97 18.47
N PHE E 103 -15.01 -16.75 17.81
CA PHE E 103 -13.89 -16.21 17.06
C PHE E 103 -13.63 -17.11 15.87
N PHE E 104 -12.93 -16.56 14.87
CA PHE E 104 -12.65 -17.26 13.64
C PHE E 104 -11.21 -17.77 13.65
N HIS E 105 -11.06 -19.09 13.60
CA HIS E 105 -9.73 -19.69 13.69
C HIS E 105 -8.86 -19.28 12.52
N ASN E 106 -9.43 -19.26 11.31
CA ASN E 106 -8.69 -18.94 10.11
C ASN E 106 -8.74 -17.46 9.76
N GLY E 107 -9.35 -16.63 10.61
CA GLY E 107 -9.41 -15.20 10.36
C GLY E 107 -8.11 -14.51 10.67
N LYS E 108 -7.38 -14.10 9.63
CA LYS E 108 -6.11 -13.42 9.83
C LYS E 108 -6.32 -12.04 10.43
N LYS E 109 -7.39 -11.36 10.05
CA LYS E 109 -7.67 -10.02 10.58
C LYS E 109 -9.15 -9.74 10.37
N SER E 110 -9.88 -9.56 11.46
CA SER E 110 -11.30 -9.30 11.42
C SER E 110 -11.60 -7.99 12.15
N PHE E 111 -12.40 -7.14 11.53
CA PHE E 111 -12.78 -5.87 12.11
C PHE E 111 -14.28 -5.67 11.96
N ALA E 112 -14.86 -4.90 12.88
CA ALA E 112 -16.28 -4.64 12.90
C ALA E 112 -16.59 -3.31 12.22
N HIS E 113 -17.88 -3.00 12.13
CA HIS E 113 -18.36 -1.74 11.57
C HIS E 113 -19.03 -0.94 12.67
N TRP E 114 -18.60 0.31 12.84
CA TRP E 114 -19.02 1.12 13.97
C TRP E 114 -19.81 2.37 13.57
N MET E 115 -20.05 2.59 12.29
CA MET E 115 -20.75 3.76 11.82
C MET E 115 -22.09 3.37 11.19
N THR E 116 -23.13 4.18 11.43
CA THR E 116 -23.13 5.37 12.27
C THR E 116 -23.13 4.97 13.74
N THR E 117 -23.67 3.80 14.00
CA THR E 117 -23.74 3.19 15.32
C THR E 117 -23.22 1.77 15.22
N PRO E 118 -22.59 1.25 16.28
CA PRO E 118 -22.12 -0.14 16.24
C PRO E 118 -23.17 -1.09 15.69
N ASN E 119 -22.87 -1.74 14.58
CA ASN E 119 -23.85 -2.56 13.85
C ASN E 119 -24.05 -3.86 14.61
N ARG E 120 -24.88 -3.79 15.65
CA ARG E 120 -25.23 -4.94 16.45
C ARG E 120 -26.69 -4.86 16.82
N MET E 121 -27.31 -6.03 17.00
CA MET E 121 -28.72 -6.12 17.37
C MET E 121 -28.86 -7.11 18.51
N LEU E 122 -29.81 -6.84 19.40
CA LEU E 122 -30.09 -7.69 20.54
C LEU E 122 -31.59 -7.74 20.75
N ARG E 123 -32.14 -8.95 20.73
CA ARG E 123 -33.56 -9.18 20.94
C ARG E 123 -33.76 -10.26 21.98
N ILE E 124 -34.76 -10.08 22.83
CA ILE E 124 -35.02 -10.98 23.94
C ILE E 124 -36.51 -11.30 23.96
N TRP E 125 -36.82 -12.58 24.19
CA TRP E 125 -38.20 -13.05 24.29
C TRP E 125 -38.53 -13.37 25.74
N ASN E 126 -39.80 -13.65 25.99
CA ASN E 126 -40.25 -13.94 27.35
C ASN E 126 -39.56 -15.18 27.90
N ASP E 127 -39.45 -16.22 27.09
CA ASP E 127 -38.85 -17.47 27.55
C ASP E 127 -37.37 -17.33 27.90
N GLY E 128 -36.73 -16.24 27.51
CA GLY E 128 -35.32 -16.05 27.75
C GLY E 128 -34.45 -16.26 26.53
N ARG E 129 -35.03 -16.56 25.38
CA ARG E 129 -34.25 -16.72 24.17
C ARG E 129 -33.64 -15.38 23.75
N VAL E 130 -32.39 -15.43 23.32
CA VAL E 130 -31.62 -14.24 22.99
C VAL E 130 -31.14 -14.36 21.54
N LEU E 131 -31.30 -13.27 20.80
CA LEU E 131 -30.77 -13.16 19.44
C LEU E 131 -29.73 -12.06 19.42
N TYR E 132 -28.53 -12.39 18.96
CA TYR E 132 -27.41 -11.45 18.90
C TYR E 132 -26.86 -11.47 17.47
N THR E 133 -27.07 -10.37 16.75
CA THR E 133 -26.64 -10.24 15.38
C THR E 133 -25.51 -9.22 15.30
N LEU E 134 -24.46 -9.57 14.55
CA LEU E 134 -23.28 -8.74 14.44
C LEU E 134 -22.80 -8.73 13.00
N ARG E 135 -22.36 -7.57 12.53
CA ARG E 135 -21.81 -7.43 11.19
C ARG E 135 -20.29 -7.46 11.26
N LEU E 136 -19.67 -8.26 10.39
CA LEU E 136 -18.25 -8.49 10.43
C LEU E 136 -17.67 -8.45 9.02
N THR E 137 -16.38 -8.13 8.96
CA THR E 137 -15.60 -8.23 7.73
C THR E 137 -14.37 -9.07 8.04
N ILE E 138 -14.32 -10.27 7.49
CA ILE E 138 -13.31 -11.26 7.84
C ILE E 138 -12.34 -11.41 6.68
N SER E 139 -11.05 -11.23 6.96
CA SER E 139 -9.99 -11.46 5.99
C SER E 139 -9.37 -12.83 6.29
N ALA E 140 -10.09 -13.87 5.91
CA ALA E 140 -9.68 -15.23 6.20
C ALA E 140 -8.61 -15.70 5.21
N GLU E 141 -8.03 -16.86 5.50
CA GLU E 141 -6.98 -17.45 4.69
C GLU E 141 -7.54 -18.64 3.92
N CYS E 142 -7.25 -18.69 2.63
CA CYS E 142 -7.74 -19.75 1.75
C CYS E 142 -6.56 -20.37 1.01
N PRO E 143 -5.92 -21.38 1.60
CA PRO E 143 -4.84 -22.05 0.88
C PRO E 143 -5.34 -22.68 -0.41
N MET E 144 -4.52 -22.61 -1.45
CA MET E 144 -4.91 -23.05 -2.78
C MET E 144 -3.81 -23.93 -3.37
N ASP E 145 -4.24 -24.90 -4.17
CA ASP E 145 -3.34 -25.78 -4.91
C ASP E 145 -3.44 -25.39 -6.39
N LEU E 146 -2.53 -24.54 -6.83
CA LEU E 146 -2.54 -24.01 -8.19
C LEU E 146 -1.81 -24.94 -9.16
N GLU E 147 -2.20 -26.21 -9.16
CA GLU E 147 -1.62 -27.17 -10.09
C GLU E 147 -2.36 -27.17 -11.43
N ASP E 148 -3.67 -26.97 -11.39
CA ASP E 148 -4.49 -26.89 -12.60
C ASP E 148 -4.82 -25.46 -12.98
N PHE E 149 -4.13 -24.49 -12.38
CA PHE E 149 -4.40 -23.10 -12.69
C PHE E 149 -4.17 -22.84 -14.18
N PRO E 150 -5.04 -22.07 -14.84
CA PRO E 150 -6.24 -21.39 -14.32
C PRO E 150 -7.50 -22.27 -14.31
N MET E 151 -7.40 -23.54 -14.70
CA MET E 151 -8.55 -24.44 -14.62
C MET E 151 -8.63 -25.13 -13.27
N ASP E 152 -8.64 -24.33 -12.21
CA ASP E 152 -8.59 -24.84 -10.85
C ASP E 152 -9.86 -24.48 -10.09
N GLU E 153 -10.26 -25.36 -9.19
CA GLU E 153 -11.39 -25.15 -8.31
C GLU E 153 -10.89 -25.05 -6.88
N GLN E 154 -11.34 -24.03 -6.16
CA GLN E 154 -10.90 -23.75 -4.81
C GLN E 154 -12.07 -23.88 -3.84
N ASN E 155 -11.75 -24.32 -2.62
CA ASN E 155 -12.73 -24.52 -1.55
C ASN E 155 -12.27 -23.72 -0.35
N CYS E 156 -12.67 -22.45 -0.31
CA CYS E 156 -12.24 -21.56 0.76
C CYS E 156 -13.10 -21.77 1.99
N PRO E 157 -12.53 -22.13 3.14
CA PRO E 157 -13.32 -22.40 4.32
C PRO E 157 -13.53 -21.17 5.19
N LEU E 158 -14.37 -21.35 6.21
CA LEU E 158 -14.62 -20.30 7.21
C LEU E 158 -14.93 -21.01 8.52
N LYS E 159 -13.95 -21.05 9.42
CA LYS E 159 -14.04 -21.79 10.67
C LYS E 159 -14.20 -20.81 11.82
N PHE E 160 -15.13 -21.12 12.72
CA PHE E 160 -15.35 -20.29 13.90
C PHE E 160 -15.81 -21.17 15.05
N GLY E 161 -15.61 -20.67 16.26
CA GLY E 161 -15.99 -21.40 17.45
C GLY E 161 -15.63 -20.60 18.68
N SER E 162 -15.88 -21.21 19.83
CA SER E 162 -15.60 -20.57 21.10
C SER E 162 -14.10 -20.59 21.37
N TYR E 163 -13.63 -19.55 22.05
CA TYR E 163 -12.22 -19.44 22.41
C TYR E 163 -11.94 -19.98 23.80
N ALA E 164 -12.86 -19.77 24.75
CA ALA E 164 -12.63 -20.14 26.14
C ALA E 164 -13.55 -21.23 26.66
N TYR E 165 -14.69 -21.48 26.02
CA TYR E 165 -15.64 -22.45 26.51
C TYR E 165 -15.54 -23.74 25.71
N PRO E 166 -15.07 -24.85 26.30
CA PRO E 166 -14.94 -26.08 25.53
C PRO E 166 -16.27 -26.70 25.13
N ASN E 167 -16.21 -27.85 24.47
CA ASN E 167 -17.41 -28.53 24.03
C ASN E 167 -18.30 -28.92 25.21
N SER E 168 -17.69 -29.17 26.38
CA SER E 168 -18.44 -29.58 27.55
C SER E 168 -19.32 -28.46 28.09
N GLU E 169 -19.13 -27.21 27.66
CA GLU E 169 -19.88 -26.09 28.17
C GLU E 169 -20.68 -25.38 27.08
N VAL E 170 -20.07 -25.09 25.94
CA VAL E 170 -20.73 -24.38 24.85
C VAL E 170 -20.62 -25.23 23.59
N VAL E 171 -21.74 -25.41 22.90
CA VAL E 171 -21.80 -26.16 21.66
C VAL E 171 -22.49 -25.32 20.61
N TYR E 172 -21.90 -25.26 19.41
CA TYR E 172 -22.48 -24.54 18.29
C TYR E 172 -23.12 -25.52 17.32
N VAL E 173 -24.32 -25.17 16.86
CA VAL E 173 -25.04 -25.99 15.89
C VAL E 173 -25.73 -25.06 14.90
N TRP E 174 -25.72 -25.44 13.63
CA TRP E 174 -26.43 -24.68 12.62
C TRP E 174 -27.94 -24.80 12.85
N THR E 175 -28.65 -23.75 12.47
CA THR E 175 -30.10 -23.68 12.65
C THR E 175 -30.80 -24.07 11.36
N ASN E 176 -31.85 -24.88 11.49
CA ASN E 176 -32.63 -25.34 10.34
C ASN E 176 -31.69 -26.10 9.40
N GLY E 177 -32.02 -26.12 8.11
CA GLY E 177 -31.20 -26.82 7.14
C GLY E 177 -29.97 -26.02 6.73
N SER E 178 -29.18 -26.64 5.85
CA SER E 178 -27.96 -26.00 5.38
C SER E 178 -28.28 -24.73 4.61
N THR E 179 -29.33 -24.75 3.79
CA THR E 179 -29.65 -23.59 2.97
C THR E 179 -29.93 -22.37 3.82
N LYS E 180 -30.72 -22.53 4.88
CA LYS E 180 -31.02 -21.41 5.77
C LYS E 180 -29.83 -21.05 6.65
N SER E 181 -28.95 -22.03 6.92
CA SER E 181 -27.82 -21.78 7.80
C SER E 181 -26.89 -20.72 7.22
N VAL E 182 -26.58 -20.83 5.92
CA VAL E 182 -25.73 -19.87 5.23
C VAL E 182 -26.47 -19.38 4.00
N VAL E 183 -26.49 -18.05 3.82
CA VAL E 183 -27.17 -17.42 2.70
C VAL E 183 -26.23 -16.38 2.10
N VAL E 184 -26.18 -16.34 0.77
CA VAL E 184 -25.32 -15.42 0.04
C VAL E 184 -26.21 -14.52 -0.82
N ALA E 185 -25.99 -13.21 -0.74
CA ALA E 185 -26.76 -12.28 -1.53
C ALA E 185 -26.53 -12.52 -3.01
N GLU E 186 -27.58 -12.28 -3.80
CA GLU E 186 -27.49 -12.51 -5.24
C GLU E 186 -26.39 -11.67 -5.87
N ASP E 187 -26.34 -10.38 -5.53
CA ASP E 187 -25.32 -9.50 -6.06
C ASP E 187 -24.01 -9.60 -5.30
N GLY E 188 -24.02 -10.15 -4.09
CA GLY E 188 -22.79 -10.27 -3.33
C GLY E 188 -21.81 -11.25 -3.95
N SER E 189 -22.32 -12.36 -4.48
CA SER E 189 -21.47 -13.39 -5.07
C SER E 189 -21.09 -12.97 -6.50
N ARG E 190 -20.27 -11.92 -6.56
CA ARG E 190 -19.76 -11.40 -7.82
C ARG E 190 -18.28 -11.14 -7.67
N LEU E 191 -17.47 -11.85 -8.46
CA LEU E 191 -16.03 -11.69 -8.45
C LEU E 191 -15.52 -11.60 -9.88
N ASN E 192 -14.38 -10.95 -10.05
CA ASN E 192 -13.81 -10.75 -11.37
C ASN E 192 -13.17 -12.02 -11.93
N GLN E 193 -12.73 -12.95 -11.08
CA GLN E 193 -12.01 -14.13 -11.55
C GLN E 193 -12.44 -15.39 -10.82
N TYR E 194 -13.69 -15.44 -10.34
CA TYR E 194 -14.18 -16.62 -9.66
C TYR E 194 -15.69 -16.69 -9.78
N HIS E 195 -16.21 -17.92 -9.81
CA HIS E 195 -17.64 -18.19 -9.74
C HIS E 195 -17.94 -18.89 -8.43
N LEU E 196 -18.94 -18.38 -7.70
CA LEU E 196 -19.34 -18.97 -6.44
C LEU E 196 -20.37 -20.05 -6.74
N MET E 197 -19.87 -21.29 -6.89
CA MET E 197 -20.75 -22.40 -7.26
C MET E 197 -21.77 -22.69 -6.15
N GLY E 198 -21.32 -22.69 -4.91
CA GLY E 198 -22.22 -22.99 -3.81
C GLY E 198 -21.49 -22.96 -2.48
N GLN E 199 -22.23 -23.33 -1.43
CA GLN E 199 -21.70 -23.33 -0.08
C GLN E 199 -22.06 -24.64 0.61
N THR E 200 -21.22 -25.04 1.55
CA THR E 200 -21.47 -26.21 2.38
C THR E 200 -21.09 -25.90 3.81
N VAL E 201 -21.74 -26.59 4.74
CA VAL E 201 -21.55 -26.38 6.17
C VAL E 201 -21.27 -27.71 6.83
N GLY E 202 -20.38 -27.69 7.83
CA GLY E 202 -20.02 -28.90 8.54
C GLY E 202 -19.60 -28.58 9.96
N THR E 203 -19.33 -29.63 10.72
CA THR E 203 -18.91 -29.50 12.11
C THR E 203 -17.84 -30.54 12.40
N GLU E 204 -17.08 -30.28 13.45
CA GLU E 204 -16.02 -31.20 13.87
C GLU E 204 -15.51 -30.77 15.24
N ASN E 205 -15.13 -31.76 16.03
CA ASN E 205 -14.54 -31.52 17.35
C ASN E 205 -13.03 -31.57 17.23
N ILE E 206 -12.36 -30.63 17.89
CA ILE E 206 -10.90 -30.55 17.90
C ILE E 206 -10.43 -30.69 19.34
N SER E 207 -9.40 -31.51 19.54
CA SER E 207 -8.80 -31.71 20.85
C SER E 207 -7.58 -30.81 20.99
N THR E 208 -7.53 -30.07 22.09
CA THR E 208 -6.44 -29.14 22.36
C THR E 208 -5.94 -29.34 23.78
N SER E 209 -4.84 -28.66 24.10
CA SER E 209 -4.31 -28.70 25.46
C SER E 209 -5.28 -28.12 26.47
N THR E 210 -6.16 -27.22 26.03
CA THR E 210 -7.15 -26.59 26.90
C THR E 210 -8.49 -27.31 26.91
N GLY E 211 -8.61 -28.41 26.17
CA GLY E 211 -9.83 -29.19 26.13
C GLY E 211 -10.35 -29.35 24.71
N GLU E 212 -11.51 -30.00 24.61
CA GLU E 212 -12.15 -30.25 23.33
C GLU E 212 -13.09 -29.10 22.98
N TYR E 213 -13.03 -28.67 21.73
CA TYR E 213 -13.87 -27.59 21.22
C TYR E 213 -14.56 -28.04 19.95
N THR E 214 -15.81 -27.63 19.80
CA THR E 214 -16.57 -27.89 18.59
C THR E 214 -16.35 -26.75 17.61
N ILE E 215 -16.14 -27.11 16.34
CA ILE E 215 -15.79 -26.16 15.29
C ILE E 215 -16.88 -26.18 14.23
N MET E 216 -17.40 -25.01 13.89
CA MET E 216 -18.38 -24.86 12.81
C MET E 216 -17.64 -24.39 11.57
N THR E 217 -17.75 -25.16 10.50
CA THR E 217 -17.00 -24.90 9.27
C THR E 217 -17.96 -24.65 8.12
N ALA E 218 -17.64 -23.62 7.33
CA ALA E 218 -18.39 -23.29 6.13
C ALA E 218 -17.42 -23.20 4.97
N HIS E 219 -17.71 -23.92 3.89
CA HIS E 219 -16.86 -23.96 2.72
C HIS E 219 -17.56 -23.31 1.54
N PHE E 220 -16.84 -22.49 0.81
CA PHE E 220 -17.34 -21.82 -0.39
C PHE E 220 -16.63 -22.41 -1.60
N HIS E 221 -17.40 -22.93 -2.54
CA HIS E 221 -16.85 -23.56 -3.74
C HIS E 221 -16.63 -22.49 -4.80
N LEU E 222 -15.38 -22.33 -5.20
CA LEU E 222 -14.99 -21.33 -6.19
C LEU E 222 -14.52 -22.00 -7.46
N LYS E 223 -15.13 -21.63 -8.58
CA LYS E 223 -14.75 -22.11 -9.90
C LYS E 223 -14.18 -20.92 -10.67
N ARG E 224 -12.86 -20.91 -10.86
CA ARG E 224 -12.22 -19.80 -11.53
C ARG E 224 -12.79 -19.62 -12.92
N LYS E 225 -13.12 -18.39 -13.28
CA LYS E 225 -13.65 -18.07 -14.59
C LYS E 225 -12.50 -17.67 -15.50
N ILE E 226 -12.38 -18.35 -16.62
CA ILE E 226 -11.29 -18.10 -17.56
C ILE E 226 -11.76 -17.09 -18.61
N GLY E 227 -10.79 -16.40 -19.20
CA GLY E 227 -11.09 -15.39 -20.20
C GLY E 227 -10.18 -14.18 -20.06
N TYR E 228 -9.79 -13.86 -18.83
CA TYR E 228 -8.78 -12.83 -18.62
C TYR E 228 -7.40 -13.32 -19.02
N PHE E 229 -7.07 -14.55 -18.65
CA PHE E 229 -5.76 -15.11 -19.00
C PHE E 229 -5.69 -15.45 -20.48
N VAL E 230 -6.83 -15.78 -21.09
CA VAL E 230 -6.86 -16.01 -22.53
C VAL E 230 -6.46 -14.75 -23.27
N ILE E 231 -7.02 -13.60 -22.85
CA ILE E 231 -6.70 -12.34 -23.50
C ILE E 231 -5.33 -11.81 -23.07
N GLN E 232 -4.82 -12.26 -21.94
CA GLN E 232 -3.58 -11.73 -21.37
C GLN E 232 -2.37 -12.62 -21.62
N THR E 233 -2.54 -13.94 -21.56
CA THR E 233 -1.42 -14.87 -21.65
C THR E 233 -1.51 -15.79 -22.85
N TYR E 234 -2.62 -16.52 -23.00
CA TYR E 234 -2.69 -17.55 -24.03
C TYR E 234 -2.64 -16.97 -25.42
N LEU E 235 -3.49 -15.98 -25.71
CA LEU E 235 -3.54 -15.43 -27.07
C LEU E 235 -2.20 -14.85 -27.49
N PRO E 236 -1.54 -13.99 -26.71
CA PRO E 236 -0.21 -13.53 -27.13
C PRO E 236 0.76 -14.67 -27.38
N CYS E 237 0.70 -15.72 -26.57
CA CYS E 237 1.54 -16.90 -26.82
C CYS E 237 1.14 -17.58 -28.11
N ILE E 238 -0.16 -17.73 -28.35
CA ILE E 238 -0.61 -18.43 -29.56
C ILE E 238 -0.22 -17.64 -30.80
N MET E 239 -0.49 -16.34 -30.81
CA MET E 239 -0.15 -15.53 -31.98
C MET E 239 1.35 -15.41 -32.16
N THR E 240 2.10 -15.41 -31.06
CA THR E 240 3.56 -15.36 -31.17
C THR E 240 4.09 -16.60 -31.88
N VAL E 241 3.53 -17.78 -31.57
CA VAL E 241 3.95 -19.01 -32.25
C VAL E 241 3.63 -18.92 -33.73
N ILE E 242 2.44 -18.44 -34.07
CA ILE E 242 2.08 -18.30 -35.48
C ILE E 242 3.03 -17.35 -36.18
N LEU E 243 3.43 -16.29 -35.48
CA LEU E 243 4.37 -15.33 -36.07
C LEU E 243 5.69 -16.00 -36.43
N SER E 244 6.17 -16.88 -35.56
CA SER E 244 7.43 -17.57 -35.84
C SER E 244 7.31 -18.44 -37.08
N GLN E 245 6.18 -19.13 -37.23
CA GLN E 245 6.00 -20.03 -38.36
C GLN E 245 5.99 -19.30 -39.69
N VAL E 246 5.77 -17.98 -39.68
CA VAL E 246 5.83 -17.21 -40.92
C VAL E 246 7.22 -17.28 -41.53
N SER E 247 8.25 -17.44 -40.70
CA SER E 247 9.61 -17.50 -41.21
C SER E 247 9.80 -18.67 -42.16
N PHE E 248 9.01 -19.73 -42.01
CA PHE E 248 9.12 -20.88 -42.89
C PHE E 248 8.75 -20.55 -44.33
N TRP E 249 8.00 -19.47 -44.54
CA TRP E 249 7.57 -19.09 -45.88
C TRP E 249 8.51 -18.10 -46.55
N LEU E 250 9.62 -17.76 -45.90
CA LEU E 250 10.62 -16.88 -46.48
C LEU E 250 11.78 -17.70 -47.05
N ASN E 251 12.47 -17.12 -48.02
CA ASN E 251 13.57 -17.79 -48.67
C ASN E 251 14.74 -17.96 -47.70
N ARG E 252 15.52 -19.02 -47.92
CA ARG E 252 16.63 -19.32 -47.03
C ARG E 252 17.69 -18.23 -47.08
N GLU E 253 17.97 -17.70 -48.27
CA GLU E 253 19.02 -16.69 -48.40
C GLU E 253 18.75 -15.46 -47.57
N SER E 254 17.49 -15.20 -47.21
CA SER E 254 17.13 -14.06 -46.36
C SER E 254 17.47 -14.42 -44.90
N VAL E 255 18.77 -14.47 -44.63
CA VAL E 255 19.25 -14.89 -43.32
C VAL E 255 18.81 -13.91 -42.25
N ALA E 256 18.99 -12.62 -42.51
CA ALA E 256 18.65 -11.61 -41.51
C ALA E 256 17.15 -11.59 -41.23
N ALA E 257 16.34 -11.71 -42.28
CA ALA E 257 14.89 -11.64 -42.11
C ALA E 257 14.39 -12.75 -41.20
N ARG E 258 14.78 -13.99 -41.49
CA ARG E 258 14.33 -15.11 -40.67
C ARG E 258 14.94 -15.08 -39.28
N THR E 259 16.11 -14.47 -39.13
CA THR E 259 16.72 -14.33 -37.82
C THR E 259 15.88 -13.45 -36.91
N VAL E 260 15.31 -12.38 -37.46
CA VAL E 260 14.50 -11.47 -36.65
C VAL E 260 13.29 -12.20 -36.11
N PHE E 261 12.63 -12.99 -36.94
CA PHE E 261 11.46 -13.74 -36.47
C PHE E 261 11.82 -14.63 -35.29
N GLY E 262 12.86 -15.45 -35.44
CA GLY E 262 13.20 -16.37 -34.37
C GLY E 262 13.64 -15.68 -33.10
N VAL E 263 14.52 -14.68 -33.23
CA VAL E 263 15.06 -14.01 -32.04
C VAL E 263 13.95 -13.24 -31.34
N THR E 264 13.19 -12.45 -32.09
CA THR E 264 12.15 -11.63 -31.47
C THR E 264 11.10 -12.50 -30.80
N THR E 265 10.68 -13.58 -31.46
CA THR E 265 9.66 -14.44 -30.88
C THR E 265 10.14 -15.11 -29.60
N VAL E 266 11.39 -15.59 -29.61
CA VAL E 266 11.93 -16.27 -28.43
C VAL E 266 11.94 -15.32 -27.24
N LEU E 267 12.44 -14.10 -27.45
CA LEU E 267 12.45 -13.11 -26.37
C LEU E 267 11.04 -12.75 -25.96
N THR E 268 10.12 -12.64 -26.93
CA THR E 268 8.74 -12.29 -26.62
C THR E 268 8.12 -13.33 -25.70
N MET E 269 8.35 -14.62 -25.99
CA MET E 269 7.83 -15.66 -25.12
C MET E 269 8.48 -15.61 -23.75
N THR E 270 9.77 -15.28 -23.71
CA THR E 270 10.47 -15.21 -22.42
C THR E 270 9.84 -14.16 -21.51
N THR E 271 9.58 -12.97 -22.06
CA THR E 271 9.01 -11.91 -21.24
C THR E 271 7.57 -12.21 -20.86
N LEU E 272 6.83 -12.91 -21.73
CA LEU E 272 5.46 -13.28 -21.40
C LEU E 272 5.41 -14.18 -20.17
N SER E 273 6.33 -15.14 -20.09
CA SER E 273 6.38 -16.00 -18.91
C SER E 273 6.66 -15.19 -17.66
N ILE E 274 7.60 -14.24 -17.73
CA ILE E 274 7.88 -13.39 -16.58
C ILE E 274 6.67 -12.55 -16.23
N SER E 275 6.04 -11.95 -17.24
CA SER E 275 4.88 -11.09 -16.99
C SER E 275 3.71 -11.90 -16.42
N ALA E 276 3.51 -13.11 -16.92
CA ALA E 276 2.37 -13.91 -16.48
C ALA E 276 2.44 -14.21 -14.99
N ARG E 277 3.63 -14.54 -14.49
CA ARG E 277 3.78 -14.92 -13.09
C ARG E 277 3.89 -13.74 -12.16
N ASN E 278 3.97 -12.51 -12.68
CA ASN E 278 4.02 -11.34 -11.81
C ASN E 278 2.78 -11.25 -10.93
N SER E 279 1.61 -11.41 -11.54
CA SER E 279 0.37 -11.43 -10.77
C SER E 279 0.17 -12.75 -10.02
N LEU E 280 0.59 -13.84 -10.62
CA LEU E 280 0.41 -15.15 -10.01
C LEU E 280 1.24 -15.26 -8.73
N PRO E 281 0.77 -15.99 -7.73
CA PRO E 281 1.59 -16.19 -6.53
C PRO E 281 2.88 -16.91 -6.85
N LYS E 282 3.91 -16.60 -6.06
CA LYS E 282 5.25 -17.16 -6.27
C LYS E 282 5.33 -18.59 -5.74
N VAL E 283 4.54 -19.46 -6.35
CA VAL E 283 4.51 -20.86 -5.97
C VAL E 283 5.70 -21.58 -6.60
N ALA E 284 6.28 -22.52 -5.86
CA ALA E 284 7.46 -23.25 -6.32
C ALA E 284 7.09 -24.54 -7.05
N TYR E 285 6.17 -24.44 -7.99
CA TYR E 285 5.83 -25.58 -8.83
C TYR E 285 5.18 -25.06 -10.11
N ALA E 286 5.17 -25.92 -11.12
CA ALA E 286 4.68 -25.55 -12.44
C ALA E 286 3.16 -25.69 -12.50
N THR E 287 2.53 -24.74 -13.17
CA THR E 287 1.09 -24.75 -13.38
C THR E 287 0.77 -25.15 -14.82
N ALA E 288 -0.51 -25.33 -15.09
CA ALA E 288 -0.93 -25.68 -16.44
C ALA E 288 -0.57 -24.58 -17.42
N MET E 289 -0.73 -23.32 -17.02
CA MET E 289 -0.34 -22.22 -17.89
C MET E 289 1.16 -22.24 -18.17
N ASP E 290 1.95 -22.58 -17.16
CA ASP E 290 3.40 -22.66 -17.35
C ASP E 290 3.76 -23.70 -18.41
N TRP E 291 3.11 -24.86 -18.36
CA TRP E 291 3.38 -25.88 -19.37
C TRP E 291 2.98 -25.38 -20.75
N PHE E 292 1.85 -24.69 -20.87
CA PHE E 292 1.44 -24.16 -22.15
C PHE E 292 2.46 -23.18 -22.70
N ILE E 293 2.98 -22.29 -21.83
CA ILE E 293 4.01 -21.36 -22.26
C ILE E 293 5.27 -22.12 -22.65
N ALA E 294 5.66 -23.12 -21.86
CA ALA E 294 6.87 -23.88 -22.15
C ALA E 294 6.77 -24.55 -23.52
N VAL E 295 5.63 -25.17 -23.82
CA VAL E 295 5.45 -25.79 -25.12
C VAL E 295 5.51 -24.74 -26.23
N CYS E 296 4.85 -23.60 -26.02
CA CYS E 296 4.91 -22.53 -27.01
C CYS E 296 6.34 -22.04 -27.18
N TYR E 297 7.11 -21.99 -26.09
CA TYR E 297 8.51 -21.61 -26.18
C TYR E 297 9.29 -22.61 -27.02
N ALA E 298 8.96 -23.90 -26.91
CA ALA E 298 9.66 -24.91 -27.69
C ALA E 298 9.39 -24.72 -29.18
N PHE E 299 8.16 -24.41 -29.56
CA PHE E 299 7.83 -24.25 -30.97
C PHE E 299 8.62 -23.09 -31.59
N VAL E 300 8.63 -21.93 -30.92
CA VAL E 300 9.36 -20.79 -31.45
C VAL E 300 10.86 -21.09 -31.48
N PHE E 301 11.38 -21.68 -30.41
CA PHE E 301 12.81 -22.02 -30.37
C PHE E 301 13.12 -23.09 -31.43
N SER E 302 12.23 -24.07 -31.58
CA SER E 302 12.47 -25.11 -32.57
C SER E 302 12.49 -24.54 -33.98
N ALA E 303 11.62 -23.56 -34.26
CA ALA E 303 11.61 -22.94 -35.57
C ALA E 303 12.95 -22.27 -35.87
N LEU E 304 13.52 -21.59 -34.90
CA LEU E 304 14.83 -20.98 -35.08
C LEU E 304 15.89 -22.05 -35.35
N LEU E 305 15.83 -23.16 -34.60
CA LEU E 305 16.78 -24.24 -34.84
C LEU E 305 16.63 -24.79 -36.25
N GLU E 306 15.40 -24.91 -36.74
CA GLU E 306 15.19 -25.37 -38.10
C GLU E 306 15.87 -24.44 -39.11
N PHE E 307 15.73 -23.13 -38.90
CA PHE E 307 16.39 -22.18 -39.79
C PHE E 307 17.91 -22.31 -39.70
N ALA E 308 18.44 -22.43 -38.49
CA ALA E 308 19.88 -22.58 -38.34
C ALA E 308 20.37 -23.87 -39.00
N PHE E 309 19.66 -24.97 -38.78
CA PHE E 309 20.03 -26.22 -39.42
C PHE E 309 19.91 -26.11 -40.94
N VAL E 310 18.84 -25.49 -41.43
CA VAL E 310 18.66 -25.31 -42.86
C VAL E 310 19.78 -24.45 -43.44
N ASN E 311 20.09 -23.33 -42.77
CA ASN E 311 21.14 -22.45 -43.25
C ASN E 311 22.51 -23.09 -43.17
N TYR E 312 22.68 -24.09 -42.30
CA TYR E 312 23.97 -24.76 -42.17
C TYR E 312 24.23 -25.72 -43.32
N ILE E 313 23.19 -26.30 -43.90
CA ILE E 313 23.31 -27.28 -44.97
C ILE E 313 22.77 -26.74 -46.30
N THR E 314 22.52 -25.43 -46.38
CA THR E 314 21.96 -24.86 -47.59
C THR E 314 22.93 -24.92 -48.77
N LYS E 315 24.21 -25.20 -48.52
CA LYS E 315 25.22 -25.29 -49.56
C LYS E 315 25.51 -26.73 -49.98
N SER E 316 25.87 -27.58 -49.02
CA SER E 316 26.27 -28.94 -49.36
C SER E 316 25.12 -29.73 -49.96
N GLN E 317 23.96 -29.70 -49.32
CA GLN E 317 22.78 -30.47 -49.75
C GLN E 317 21.56 -29.56 -49.75
N PRO E 318 21.45 -28.66 -50.72
CA PRO E 318 20.26 -27.79 -50.77
C PRO E 318 18.96 -28.55 -50.92
N ALA E 319 18.99 -29.75 -51.52
CA ALA E 319 17.75 -30.47 -51.78
C ALA E 319 17.00 -30.76 -50.48
N ARG E 320 17.71 -31.26 -49.47
CA ARG E 320 17.06 -31.55 -48.20
C ARG E 320 16.63 -30.27 -47.50
N ALA E 321 17.37 -29.18 -47.70
CA ALA E 321 17.02 -27.92 -47.05
C ALA E 321 15.64 -27.45 -47.47
N ALA E 322 15.34 -27.52 -48.77
CA ALA E 322 14.02 -27.11 -49.25
C ALA E 322 12.93 -28.03 -48.71
N LYS E 323 13.20 -29.34 -48.68
CA LYS E 323 12.20 -30.28 -48.20
C LYS E 323 11.87 -30.02 -46.74
N ILE E 324 12.89 -29.77 -45.91
CA ILE E 324 12.65 -29.51 -44.50
C ILE E 324 11.83 -28.23 -44.33
N ASP E 325 12.21 -27.17 -45.05
CA ASP E 325 11.47 -25.91 -44.96
C ASP E 325 10.05 -26.10 -45.46
N LYS E 326 9.88 -26.80 -46.57
CA LYS E 326 8.54 -27.05 -47.09
C LYS E 326 7.73 -27.93 -46.13
N MET E 327 8.35 -28.98 -45.61
CA MET E 327 7.65 -29.86 -44.69
C MET E 327 7.30 -29.14 -43.39
N SER E 328 8.21 -28.29 -42.91
CA SER E 328 7.97 -27.59 -41.65
C SER E 328 6.74 -26.69 -41.73
N ARG E 329 6.41 -26.19 -42.92
CA ARG E 329 5.24 -25.33 -43.06
C ARG E 329 3.97 -26.07 -42.67
N ILE E 330 3.94 -27.38 -42.84
CA ILE E 330 2.76 -28.18 -42.54
C ILE E 330 2.85 -28.81 -41.15
N VAL E 331 4.02 -29.32 -40.79
CA VAL E 331 4.15 -30.05 -39.54
C VAL E 331 3.90 -29.14 -38.34
N PHE E 332 4.55 -27.98 -38.31
CA PHE E 332 4.46 -27.12 -37.13
C PHE E 332 3.04 -26.67 -36.84
N PRO E 333 2.27 -26.13 -37.79
CA PRO E 333 0.89 -25.75 -37.46
C PRO E 333 0.05 -26.90 -36.96
N ILE E 334 0.24 -28.09 -37.51
CA ILE E 334 -0.56 -29.24 -37.11
C ILE E 334 -0.26 -29.63 -35.67
N LEU E 335 1.03 -29.72 -35.33
CA LEU E 335 1.41 -30.11 -33.98
C LEU E 335 0.91 -29.10 -32.95
N PHE E 336 1.07 -27.80 -33.24
CA PHE E 336 0.60 -26.78 -32.31
C PHE E 336 -0.91 -26.83 -32.17
N GLY E 337 -1.63 -26.98 -33.29
CA GLY E 337 -3.07 -27.12 -33.21
C GLY E 337 -3.49 -28.38 -32.48
N THR E 338 -2.78 -29.48 -32.74
CA THR E 338 -3.08 -30.73 -32.05
C THR E 338 -2.85 -30.59 -30.55
N PHE E 339 -1.77 -29.92 -30.16
CA PHE E 339 -1.46 -29.75 -28.74
C PHE E 339 -2.57 -29.01 -28.01
N ASN E 340 -3.12 -27.97 -28.64
CA ASN E 340 -4.16 -27.19 -27.99
C ASN E 340 -5.38 -28.05 -27.68
N LEU E 341 -5.79 -28.89 -28.62
CA LEU E 341 -6.95 -29.75 -28.39
C LEU E 341 -6.72 -30.65 -27.18
N VAL E 342 -5.55 -31.26 -27.09
CA VAL E 342 -5.21 -32.09 -25.94
C VAL E 342 -5.15 -31.24 -24.67
N TYR E 343 -4.51 -30.08 -24.76
CA TYR E 343 -4.36 -29.24 -23.58
C TYR E 343 -5.71 -28.75 -23.07
N TRP E 344 -6.51 -28.16 -23.96
CA TRP E 344 -7.80 -27.63 -23.53
C TRP E 344 -8.74 -28.75 -23.08
N ALA E 345 -8.78 -29.85 -23.84
CA ALA E 345 -9.66 -30.96 -23.48
C ALA E 345 -9.27 -31.55 -22.13
N THR E 346 -7.97 -31.71 -21.89
CA THR E 346 -7.52 -32.33 -20.65
C THR E 346 -7.95 -31.52 -19.42
N TYR E 347 -7.78 -30.20 -19.48
CA TYR E 347 -8.07 -29.35 -18.33
C TYR E 347 -9.50 -28.83 -18.30
N LEU E 348 -10.25 -28.97 -19.40
CA LEU E 348 -11.65 -28.59 -19.44
C LEU E 348 -12.59 -29.79 -19.32
N ASN E 349 -12.06 -30.97 -19.02
CA ASN E 349 -12.88 -32.15 -18.87
C ASN E 349 -12.63 -32.83 -17.52
#